data_3HYF
# 
_entry.id   3HYF 
# 
_audit_conform.dict_name       mmcif_pdbx.dic 
_audit_conform.dict_version    5.387 
_audit_conform.dict_location   http://mmcif.pdb.org/dictionaries/ascii/mmcif_pdbx.dic 
# 
loop_
_database_2.database_id 
_database_2.database_code 
_database_2.pdbx_database_accession 
_database_2.pdbx_DOI 
PDB   3HYF         pdb_00003hyf 10.2210/pdb3hyf/pdb 
RCSB  RCSB053735   ?            ?                   
WWPDB D_1000053735 ?            ?                   
# 
loop_
_pdbx_audit_revision_history.ordinal 
_pdbx_audit_revision_history.data_content_type 
_pdbx_audit_revision_history.major_revision 
_pdbx_audit_revision_history.minor_revision 
_pdbx_audit_revision_history.revision_date 
1 'Structure model' 1 0 2009-10-20 
2 'Structure model' 1 1 2011-07-13 
3 'Structure model' 1 2 2011-11-16 
4 'Structure model' 1 3 2017-08-16 
5 'Structure model' 1 4 2023-09-06 
6 'Structure model' 1 5 2024-03-13 
# 
_pdbx_audit_revision_details.ordinal             1 
_pdbx_audit_revision_details.revision_ordinal    1 
_pdbx_audit_revision_details.data_content_type   'Structure model' 
_pdbx_audit_revision_details.provider            repository 
_pdbx_audit_revision_details.type                'Initial release' 
_pdbx_audit_revision_details.description         ? 
_pdbx_audit_revision_details.details             ? 
# 
loop_
_pdbx_audit_revision_group.ordinal 
_pdbx_audit_revision_group.revision_ordinal 
_pdbx_audit_revision_group.data_content_type 
_pdbx_audit_revision_group.group 
1  2 'Structure model' 'Non-polymer description'   
2  2 'Structure model' 'Version format compliance' 
3  3 'Structure model' 'Atomic model'              
4  4 'Structure model' 'Refinement description'    
5  4 'Structure model' 'Source and taxonomy'       
6  5 'Structure model' 'Data collection'           
7  5 'Structure model' 'Database references'       
8  5 'Structure model' 'Derived calculations'      
9  5 'Structure model' 'Refinement description'    
10 6 'Structure model' 'Source and taxonomy'       
# 
loop_
_pdbx_audit_revision_category.ordinal 
_pdbx_audit_revision_category.revision_ordinal 
_pdbx_audit_revision_category.data_content_type 
_pdbx_audit_revision_category.category 
1  4 'Structure model' entity_src_gen                
2  4 'Structure model' software                      
3  5 'Structure model' chem_comp_atom                
4  5 'Structure model' chem_comp_bond                
5  5 'Structure model' database_2                    
6  5 'Structure model' pdbx_initial_refinement_model 
7  5 'Structure model' pdbx_struct_conn_angle        
8  5 'Structure model' struct_conn                   
9  5 'Structure model' struct_ref_seq_dif            
10 5 'Structure model' struct_site                   
11 6 'Structure model' entity_src_gen                
# 
loop_
_pdbx_audit_revision_item.ordinal 
_pdbx_audit_revision_item.revision_ordinal 
_pdbx_audit_revision_item.data_content_type 
_pdbx_audit_revision_item.item 
1  5 'Structure model' '_database_2.pdbx_DOI'                        
2  5 'Structure model' '_database_2.pdbx_database_accession'         
3  5 'Structure model' '_pdbx_struct_conn_angle.ptnr1_auth_comp_id'  
4  5 'Structure model' '_pdbx_struct_conn_angle.ptnr1_auth_seq_id'   
5  5 'Structure model' '_pdbx_struct_conn_angle.ptnr1_label_asym_id' 
6  5 'Structure model' '_pdbx_struct_conn_angle.ptnr1_label_atom_id' 
7  5 'Structure model' '_pdbx_struct_conn_angle.ptnr1_label_comp_id' 
8  5 'Structure model' '_pdbx_struct_conn_angle.ptnr3_auth_comp_id'  
9  5 'Structure model' '_pdbx_struct_conn_angle.ptnr3_auth_seq_id'   
10 5 'Structure model' '_pdbx_struct_conn_angle.ptnr3_label_asym_id' 
11 5 'Structure model' '_pdbx_struct_conn_angle.ptnr3_label_atom_id' 
12 5 'Structure model' '_pdbx_struct_conn_angle.ptnr3_label_comp_id' 
13 5 'Structure model' '_pdbx_struct_conn_angle.value'               
14 5 'Structure model' '_struct_conn.pdbx_dist_value'                
15 5 'Structure model' '_struct_conn.ptnr2_auth_comp_id'             
16 5 'Structure model' '_struct_conn.ptnr2_auth_seq_id'              
17 5 'Structure model' '_struct_conn.ptnr2_label_asym_id'            
18 5 'Structure model' '_struct_conn.ptnr2_label_atom_id'            
19 5 'Structure model' '_struct_conn.ptnr2_label_comp_id'            
20 5 'Structure model' '_struct_ref_seq_dif.details'                 
21 5 'Structure model' '_struct_site.pdbx_auth_asym_id'              
22 5 'Structure model' '_struct_site.pdbx_auth_comp_id'              
23 5 'Structure model' '_struct_site.pdbx_auth_seq_id'               
# 
_pdbx_database_status.status_code                     REL 
_pdbx_database_status.entry_id                        3HYF 
_pdbx_database_status.recvd_initial_deposition_date   2009-06-22 
_pdbx_database_status.deposit_site                    RCSB 
_pdbx_database_status.process_site                    RCSB 
_pdbx_database_status.status_code_sf                  REL 
_pdbx_database_status.status_code_mr                  ? 
_pdbx_database_status.SG_entry                        ? 
_pdbx_database_status.pdb_format_compatible           Y 
_pdbx_database_status.status_code_cs                  ? 
_pdbx_database_status.methods_development_category    ? 
_pdbx_database_status.status_code_nmr_data            ? 
# 
loop_
_audit_author.name 
_audit_author.pdbx_ordinal 
'Lansdon, E.B.'    1 
'Kirschberg, T.A.' 2 
# 
_citation.id                        primary 
_citation.title                     
;RNase H active site inhibitors of human immunodeficiency virus type 1 reverse transcriptase: design, biochemical activity, and structural information.
;
_citation.journal_abbrev            J.Med.Chem. 
_citation.journal_volume            52 
_citation.page_first                5781 
_citation.page_last                 5784 
_citation.year                      2009 
_citation.journal_id_ASTM           JMCMAR 
_citation.country                   US 
_citation.journal_id_ISSN           0022-2623 
_citation.journal_id_CSD            0151 
_citation.book_publisher            ? 
_citation.pdbx_database_id_PubMed   19791799 
_citation.pdbx_database_id_DOI      10.1021/jm900597q 
# 
loop_
_citation_author.citation_id 
_citation_author.name 
_citation_author.ordinal 
_citation_author.identifier_ORCID 
primary 'Kirschberg, T.A.' 1  ? 
primary 'Balakrishnan, M.' 2  ? 
primary 'Squires, N.H.'    3  ? 
primary 'Barnes, T.'       4  ? 
primary 'Brendza, K.M.'    5  ? 
primary 'Chen, X.'         6  ? 
primary 'Eisenberg, E.J.'  7  ? 
primary 'Jin, W.'          8  ? 
primary 'Kutty, N.'        9  ? 
primary 'Leavitt, S.'      10 ? 
primary 'Liclican, A.'     11 ? 
primary 'Liu, Q.'          12 ? 
primary 'Liu, X.'          13 ? 
primary 'Mak, J.'          14 ? 
primary 'Perry, J.K.'      15 ? 
primary 'Wang, M.'         16 ? 
primary 'Watkins, W.J.'    17 ? 
primary 'Lansdon, E.B.'    18 ? 
# 
loop_
_entity.id 
_entity.type 
_entity.src_method 
_entity.pdbx_description 
_entity.formula_weight 
_entity.pdbx_number_of_molecules 
_entity.pdbx_ec 
_entity.pdbx_mutation 
_entity.pdbx_fragment 
_entity.details 
1 polymer     man 'Reverse transcriptase/RNaseH'                                     16921.463 1   3.1.26.4 ? ? ? 
2 non-polymer syn 'MANGANESE (II) ION'                                               54.938    2   ?        ? ? ? 
3 non-polymer syn 'ACETATE ION'                                                      59.044    1   ?        ? ? ? 
4 non-polymer syn GLYCEROL                                                           92.094    2   ?        ? ? ? 
5 non-polymer syn '2-(3,4-dichlorobenzyl)-5,6-dihydroxypyrimidine-4-carboxylic acid' 315.109   1   ?        ? ? ? 
6 water       nat water                                                              18.015    189 ?        ? ? ? 
# 
_entity_name_com.entity_id   2 
_entity_name_com.name        'RNase HI, Ribonuclease H, RNase H' 
# 
_entity_poly.entity_id                      1 
_entity_poly.type                           'polypeptide(L)' 
_entity_poly.nstd_linkage                   no 
_entity_poly.nstd_monomer                   no 
_entity_poly.pdbx_seq_one_letter_code       
;MYQLEKEPIVGAETFYVDGAANRETKLGKAGYVTNRGRQKVVTLTDTTNQKTELQAIYLALQDSGLEVNIVTDSQYALGI
ITQWIHNWKKRGWKTADKKPVKNVDLVNQIIEQLIKKEKVYLAWVPAHKGIGGNEQVDKLVSAGIRKVLF
;
_entity_poly.pdbx_seq_one_letter_code_can   
;MYQLEKEPIVGAETFYVDGAANRETKLGKAGYVTNRGRQKVVTLTDTTNQKTELQAIYLALQDSGLEVNIVTDSQYALGI
ITQWIHNWKKRGWKTADKKPVKNVDLVNQIIEQLIKKEKVYLAWVPAHKGIGGNEQVDKLVSAGIRKVLF
;
_entity_poly.pdbx_strand_id                 A 
_entity_poly.pdbx_target_identifier         ? 
# 
loop_
_pdbx_entity_nonpoly.entity_id 
_pdbx_entity_nonpoly.name 
_pdbx_entity_nonpoly.comp_id 
2 'MANGANESE (II) ION'                                               MN  
3 'ACETATE ION'                                                      ACT 
4 GLYCEROL                                                           GOL 
5 '2-(3,4-dichlorobenzyl)-5,6-dihydroxypyrimidine-4-carboxylic acid' ON1 
6 water                                                              HOH 
# 
loop_
_entity_poly_seq.entity_id 
_entity_poly_seq.num 
_entity_poly_seq.mon_id 
_entity_poly_seq.hetero 
1 1   MET n 
1 2   TYR n 
1 3   GLN n 
1 4   LEU n 
1 5   GLU n 
1 6   LYS n 
1 7   GLU n 
1 8   PRO n 
1 9   ILE n 
1 10  VAL n 
1 11  GLY n 
1 12  ALA n 
1 13  GLU n 
1 14  THR n 
1 15  PHE n 
1 16  TYR n 
1 17  VAL n 
1 18  ASP n 
1 19  GLY n 
1 20  ALA n 
1 21  ALA n 
1 22  ASN n 
1 23  ARG n 
1 24  GLU n 
1 25  THR n 
1 26  LYS n 
1 27  LEU n 
1 28  GLY n 
1 29  LYS n 
1 30  ALA n 
1 31  GLY n 
1 32  TYR n 
1 33  VAL n 
1 34  THR n 
1 35  ASN n 
1 36  ARG n 
1 37  GLY n 
1 38  ARG n 
1 39  GLN n 
1 40  LYS n 
1 41  VAL n 
1 42  VAL n 
1 43  THR n 
1 44  LEU n 
1 45  THR n 
1 46  ASP n 
1 47  THR n 
1 48  THR n 
1 49  ASN n 
1 50  GLN n 
1 51  LYS n 
1 52  THR n 
1 53  GLU n 
1 54  LEU n 
1 55  GLN n 
1 56  ALA n 
1 57  ILE n 
1 58  TYR n 
1 59  LEU n 
1 60  ALA n 
1 61  LEU n 
1 62  GLN n 
1 63  ASP n 
1 64  SER n 
1 65  GLY n 
1 66  LEU n 
1 67  GLU n 
1 68  VAL n 
1 69  ASN n 
1 70  ILE n 
1 71  VAL n 
1 72  THR n 
1 73  ASP n 
1 74  SER n 
1 75  GLN n 
1 76  TYR n 
1 77  ALA n 
1 78  LEU n 
1 79  GLY n 
1 80  ILE n 
1 81  ILE n 
1 82  THR n 
1 83  GLN n 
1 84  TRP n 
1 85  ILE n 
1 86  HIS n 
1 87  ASN n 
1 88  TRP n 
1 89  LYS n 
1 90  LYS n 
1 91  ARG n 
1 92  GLY n 
1 93  TRP n 
1 94  LYS n 
1 95  THR n 
1 96  ALA n 
1 97  ASP n 
1 98  LYS n 
1 99  LYS n 
1 100 PRO n 
1 101 VAL n 
1 102 LYS n 
1 103 ASN n 
1 104 VAL n 
1 105 ASP n 
1 106 LEU n 
1 107 VAL n 
1 108 ASN n 
1 109 GLN n 
1 110 ILE n 
1 111 ILE n 
1 112 GLU n 
1 113 GLN n 
1 114 LEU n 
1 115 ILE n 
1 116 LYS n 
1 117 LYS n 
1 118 GLU n 
1 119 LYS n 
1 120 VAL n 
1 121 TYR n 
1 122 LEU n 
1 123 ALA n 
1 124 TRP n 
1 125 VAL n 
1 126 PRO n 
1 127 ALA n 
1 128 HIS n 
1 129 LYS n 
1 130 GLY n 
1 131 ILE n 
1 132 GLY n 
1 133 GLY n 
1 134 ASN n 
1 135 GLU n 
1 136 GLN n 
1 137 VAL n 
1 138 ASP n 
1 139 LYS n 
1 140 LEU n 
1 141 VAL n 
1 142 SER n 
1 143 ALA n 
1 144 GLY n 
1 145 ILE n 
1 146 ARG n 
1 147 LYS n 
1 148 VAL n 
1 149 LEU n 
1 150 PHE n 
# 
loop_
_entity_src_gen.entity_id 
_entity_src_gen.pdbx_src_id 
_entity_src_gen.pdbx_alt_source_flag 
_entity_src_gen.pdbx_seq_type 
_entity_src_gen.pdbx_beg_seq_num 
_entity_src_gen.pdbx_end_seq_num 
_entity_src_gen.gene_src_common_name 
_entity_src_gen.gene_src_genus 
_entity_src_gen.pdbx_gene_src_gene 
_entity_src_gen.gene_src_species 
_entity_src_gen.gene_src_strain 
_entity_src_gen.gene_src_tissue 
_entity_src_gen.gene_src_tissue_fraction 
_entity_src_gen.gene_src_details 
_entity_src_gen.pdbx_gene_src_fragment 
_entity_src_gen.pdbx_gene_src_scientific_name 
_entity_src_gen.pdbx_gene_src_ncbi_taxonomy_id 
_entity_src_gen.pdbx_gene_src_variant 
_entity_src_gen.pdbx_gene_src_cell_line 
_entity_src_gen.pdbx_gene_src_atcc 
_entity_src_gen.pdbx_gene_src_organ 
_entity_src_gen.pdbx_gene_src_organelle 
_entity_src_gen.pdbx_gene_src_cell 
_entity_src_gen.pdbx_gene_src_cellular_location 
_entity_src_gen.host_org_common_name 
_entity_src_gen.pdbx_host_org_scientific_name 
_entity_src_gen.pdbx_host_org_ncbi_taxonomy_id 
_entity_src_gen.host_org_genus 
_entity_src_gen.pdbx_host_org_gene 
_entity_src_gen.pdbx_host_org_organ 
_entity_src_gen.host_org_species 
_entity_src_gen.pdbx_host_org_tissue 
_entity_src_gen.pdbx_host_org_tissue_fraction 
_entity_src_gen.pdbx_host_org_strain 
_entity_src_gen.pdbx_host_org_variant 
_entity_src_gen.pdbx_host_org_cell_line 
_entity_src_gen.pdbx_host_org_atcc 
_entity_src_gen.pdbx_host_org_culture_collection 
_entity_src_gen.pdbx_host_org_cell 
_entity_src_gen.pdbx_host_org_organelle 
_entity_src_gen.pdbx_host_org_cellular_location 
_entity_src_gen.pdbx_host_org_vector_type 
_entity_src_gen.pdbx_host_org_vector 
_entity_src_gen.host_org_details 
_entity_src_gen.expression_system_id 
_entity_src_gen.plasmid_name 
_entity_src_gen.plasmid_details 
_entity_src_gen.pdbx_description 
1 1 sample ? 2   81  ? ? 'pol, Reverse Transcriptase (amino acids 427-560)' ? ? ? ? ? ? 'Human immunodeficiency virus 1' 11676 ? ? 
? ? ? ? ? ? 'Escherichia coli' 562 ? ? ? ? ? ? 'BL21 DE3' ? ? ? ? ? ? ? plasmid ? ? ? pET30b ? ? 
1 3 sample ? 106 150 ? ? 'pol, Reverse Transcriptase (amino acids 427-560)' ? ? ? ? ? ? 'Human immunodeficiency virus 1' 11676 ? ? 
? ? ? ? ? ? 'Escherichia coli' 562 ? ? ? ? ? ? 'BL21 DE3' ? ? ? ? ? ? ? plasmid ? ? ? pET30b ? ? 
1 2 sample ? 82  105 ? ? 'pol, Reverse Transcriptase (amino acids 427-560)' ? ? ? ? ? ? 'Escherichia coli'               83333 ? ? 
? ? ? ? ? ? 'Escherichia coli' 562 ? ? ? ? ? ? 'BL21 DE3' ? ? ? ? ? ? ? plasmid ? ? ? pET30b ? ? 
# 
loop_
_chem_comp.id 
_chem_comp.type 
_chem_comp.mon_nstd_flag 
_chem_comp.name 
_chem_comp.pdbx_synonyms 
_chem_comp.formula 
_chem_comp.formula_weight 
ACT non-polymer         . 'ACETATE ION'                                                      ?                               
'C2 H3 O2 -1'      59.044  
ALA 'L-peptide linking' y ALANINE                                                            ?                               
'C3 H7 N O2'       89.093  
ARG 'L-peptide linking' y ARGININE                                                           ?                               
'C6 H15 N4 O2 1'   175.209 
ASN 'L-peptide linking' y ASPARAGINE                                                         ?                               
'C4 H8 N2 O3'      132.118 
ASP 'L-peptide linking' y 'ASPARTIC ACID'                                                    ?                               
'C4 H7 N O4'       133.103 
GLN 'L-peptide linking' y GLUTAMINE                                                          ?                               
'C5 H10 N2 O3'     146.144 
GLU 'L-peptide linking' y 'GLUTAMIC ACID'                                                    ?                               
'C5 H9 N O4'       147.129 
GLY 'peptide linking'   y GLYCINE                                                            ?                               
'C2 H5 N O2'       75.067  
GOL non-polymer         . GLYCEROL                                                           'GLYCERIN; PROPANE-1,2,3-TRIOL' 
'C3 H8 O3'         92.094  
HIS 'L-peptide linking' y HISTIDINE                                                          ?                               
'C6 H10 N3 O2 1'   156.162 
HOH non-polymer         . WATER                                                              ?                               
'H2 O'             18.015  
ILE 'L-peptide linking' y ISOLEUCINE                                                         ?                               
'C6 H13 N O2'      131.173 
LEU 'L-peptide linking' y LEUCINE                                                            ?                               
'C6 H13 N O2'      131.173 
LYS 'L-peptide linking' y LYSINE                                                             ?                               
'C6 H15 N2 O2 1'   147.195 
MET 'L-peptide linking' y METHIONINE                                                         ?                               
'C5 H11 N O2 S'    149.211 
MN  non-polymer         . 'MANGANESE (II) ION'                                               ?                               
'Mn 2'             54.938  
ON1 non-polymer         . '2-(3,4-dichlorobenzyl)-5,6-dihydroxypyrimidine-4-carboxylic acid' ?                               
'C12 H8 Cl2 N2 O4' 315.109 
PHE 'L-peptide linking' y PHENYLALANINE                                                      ?                               
'C9 H11 N O2'      165.189 
PRO 'L-peptide linking' y PROLINE                                                            ?                               
'C5 H9 N O2'       115.130 
SER 'L-peptide linking' y SERINE                                                             ?                               
'C3 H7 N O3'       105.093 
THR 'L-peptide linking' y THREONINE                                                          ?                               
'C4 H9 N O3'       119.119 
TRP 'L-peptide linking' y TRYPTOPHAN                                                         ?                               
'C11 H12 N2 O2'    204.225 
TYR 'L-peptide linking' y TYROSINE                                                           ?                               
'C9 H11 N O3'      181.189 
VAL 'L-peptide linking' y VALINE                                                             ?                               
'C5 H11 N O2'      117.146 
# 
loop_
_pdbx_poly_seq_scheme.asym_id 
_pdbx_poly_seq_scheme.entity_id 
_pdbx_poly_seq_scheme.seq_id 
_pdbx_poly_seq_scheme.mon_id 
_pdbx_poly_seq_scheme.ndb_seq_num 
_pdbx_poly_seq_scheme.pdb_seq_num 
_pdbx_poly_seq_scheme.auth_seq_num 
_pdbx_poly_seq_scheme.pdb_mon_id 
_pdbx_poly_seq_scheme.auth_mon_id 
_pdbx_poly_seq_scheme.pdb_strand_id 
_pdbx_poly_seq_scheme.pdb_ins_code 
_pdbx_poly_seq_scheme.hetero 
A 1 1   MET 1   426 426 MET MET A . n 
A 1 2   TYR 2   427 427 TYR TYR A . n 
A 1 3   GLN 3   428 428 GLN GLN A . n 
A 1 4   LEU 4   429 429 LEU LEU A . n 
A 1 5   GLU 5   430 430 GLU GLU A . n 
A 1 6   LYS 6   431 431 LYS LYS A . n 
A 1 7   GLU 7   432 432 GLU GLU A . n 
A 1 8   PRO 8   433 433 PRO PRO A . n 
A 1 9   ILE 9   434 434 ILE ILE A . n 
A 1 10  VAL 10  435 435 VAL VAL A . n 
A 1 11  GLY 11  436 436 GLY GLY A . n 
A 1 12  ALA 12  437 437 ALA ALA A . n 
A 1 13  GLU 13  438 438 GLU GLU A . n 
A 1 14  THR 14  439 439 THR THR A . n 
A 1 15  PHE 15  440 440 PHE PHE A . n 
A 1 16  TYR 16  441 441 TYR TYR A . n 
A 1 17  VAL 17  442 442 VAL VAL A . n 
A 1 18  ASP 18  443 443 ASP ASP A . n 
A 1 19  GLY 19  444 444 GLY GLY A . n 
A 1 20  ALA 20  445 445 ALA ALA A . n 
A 1 21  ALA 21  446 446 ALA ALA A . n 
A 1 22  ASN 22  447 447 ASN ASN A . n 
A 1 23  ARG 23  448 448 ARG ARG A . n 
A 1 24  GLU 24  449 449 GLU GLU A . n 
A 1 25  THR 25  450 450 THR THR A . n 
A 1 26  LYS 26  451 451 LYS LYS A . n 
A 1 27  LEU 27  452 452 LEU LEU A . n 
A 1 28  GLY 28  453 453 GLY GLY A . n 
A 1 29  LYS 29  454 454 LYS LYS A . n 
A 1 30  ALA 30  455 455 ALA ALA A . n 
A 1 31  GLY 31  456 456 GLY GLY A . n 
A 1 32  TYR 32  457 457 TYR TYR A . n 
A 1 33  VAL 33  458 458 VAL VAL A . n 
A 1 34  THR 34  459 459 THR THR A . n 
A 1 35  ASN 35  460 460 ASN ASN A . n 
A 1 36  ARG 36  461 461 ARG ARG A . n 
A 1 37  GLY 37  462 462 GLY GLY A . n 
A 1 38  ARG 38  463 463 ARG ARG A . n 
A 1 39  GLN 39  464 464 GLN GLN A . n 
A 1 40  LYS 40  465 465 LYS LYS A . n 
A 1 41  VAL 41  466 466 VAL VAL A . n 
A 1 42  VAL 42  467 467 VAL VAL A . n 
A 1 43  THR 43  468 468 THR THR A . n 
A 1 44  LEU 44  469 469 LEU LEU A . n 
A 1 45  THR 45  470 470 THR THR A . n 
A 1 46  ASP 46  471 471 ASP ASP A . n 
A 1 47  THR 47  472 472 THR THR A . n 
A 1 48  THR 48  473 473 THR THR A . n 
A 1 49  ASN 49  474 474 ASN ASN A . n 
A 1 50  GLN 50  475 475 GLN GLN A . n 
A 1 51  LYS 51  476 476 LYS LYS A . n 
A 1 52  THR 52  477 477 THR THR A . n 
A 1 53  GLU 53  478 478 GLU GLU A . n 
A 1 54  LEU 54  479 479 LEU LEU A . n 
A 1 55  GLN 55  480 480 GLN GLN A . n 
A 1 56  ALA 56  481 481 ALA ALA A . n 
A 1 57  ILE 57  482 482 ILE ILE A . n 
A 1 58  TYR 58  483 483 TYR TYR A . n 
A 1 59  LEU 59  484 484 LEU LEU A . n 
A 1 60  ALA 60  485 485 ALA ALA A . n 
A 1 61  LEU 61  486 486 LEU LEU A . n 
A 1 62  GLN 62  487 487 GLN GLN A . n 
A 1 63  ASP 63  488 488 ASP ASP A . n 
A 1 64  SER 64  489 489 SER SER A . n 
A 1 65  GLY 65  490 490 GLY GLY A . n 
A 1 66  LEU 66  491 491 LEU LEU A . n 
A 1 67  GLU 67  492 492 GLU GLU A . n 
A 1 68  VAL 68  493 493 VAL VAL A . n 
A 1 69  ASN 69  494 494 ASN ASN A . n 
A 1 70  ILE 70  495 495 ILE ILE A . n 
A 1 71  VAL 71  496 496 VAL VAL A . n 
A 1 72  THR 72  497 497 THR THR A . n 
A 1 73  ASP 73  498 498 ASP ASP A . n 
A 1 74  SER 74  499 499 SER SER A . n 
A 1 75  GLN 75  500 500 GLN GLN A . n 
A 1 76  TYR 76  501 501 TYR TYR A . n 
A 1 77  ALA 77  502 502 ALA ALA A . n 
A 1 78  LEU 78  503 503 LEU LEU A . n 
A 1 79  GLY 79  504 504 GLY GLY A . n 
A 1 80  ILE 80  505 505 ILE ILE A . n 
A 1 81  ILE 81  506 506 ILE ILE A . n 
A 1 82  THR 82  79  79  THR THR A . n 
A 1 83  GLN 83  80  80  GLN GLN A . n 
A 1 84  TRP 84  81  81  TRP TRP A . n 
A 1 85  ILE 85  82  82  ILE ILE A . n 
A 1 86  HIS 86  83  83  HIS HIS A . n 
A 1 87  ASN 87  84  84  ASN ASN A . n 
A 1 88  TRP 88  85  85  TRP TRP A . n 
A 1 89  LYS 89  86  86  LYS LYS A . n 
A 1 90  LYS 90  87  87  LYS LYS A . n 
A 1 91  ARG 91  88  88  ARG ARG A . n 
A 1 92  GLY 92  89  89  GLY GLY A . n 
A 1 93  TRP 93  90  90  TRP TRP A . n 
A 1 94  LYS 94  91  ?   ?   ?   A . n 
A 1 95  THR 95  92  ?   ?   ?   A . n 
A 1 96  ALA 96  93  ?   ?   ?   A . n 
A 1 97  ASP 97  94  ?   ?   ?   A . n 
A 1 98  LYS 98  95  ?   ?   ?   A . n 
A 1 99  LYS 99  96  ?   ?   ?   A . n 
A 1 100 PRO 100 97  97  PRO PRO A . n 
A 1 101 VAL 101 98  98  VAL VAL A . n 
A 1 102 LYS 102 99  99  LYS LYS A . n 
A 1 103 ASN 103 100 100 ASN ASN A . n 
A 1 104 VAL 104 101 101 VAL VAL A . n 
A 1 105 ASP 105 102 102 ASP ASP A . n 
A 1 106 LEU 106 517 517 LEU LEU A . n 
A 1 107 VAL 107 518 518 VAL VAL A . n 
A 1 108 ASN 108 519 519 ASN ASN A . n 
A 1 109 GLN 109 520 520 GLN GLN A . n 
A 1 110 ILE 110 521 521 ILE ILE A . n 
A 1 111 ILE 111 522 522 ILE ILE A . n 
A 1 112 GLU 112 523 523 GLU GLU A . n 
A 1 113 GLN 113 524 524 GLN GLN A . n 
A 1 114 LEU 114 525 525 LEU LEU A . n 
A 1 115 ILE 115 526 526 ILE ILE A . n 
A 1 116 LYS 116 527 527 LYS LYS A . n 
A 1 117 LYS 117 528 528 LYS LYS A . n 
A 1 118 GLU 118 529 529 GLU GLU A . n 
A 1 119 LYS 119 530 530 LYS LYS A . n 
A 1 120 VAL 120 531 531 VAL VAL A . n 
A 1 121 TYR 121 532 532 TYR TYR A . n 
A 1 122 LEU 122 533 533 LEU LEU A . n 
A 1 123 ALA 123 534 534 ALA ALA A . n 
A 1 124 TRP 124 535 535 TRP TRP A . n 
A 1 125 VAL 125 536 536 VAL VAL A . n 
A 1 126 PRO 126 537 537 PRO PRO A . n 
A 1 127 ALA 127 538 538 ALA ALA A . n 
A 1 128 HIS 128 539 539 HIS HIS A . n 
A 1 129 LYS 129 540 540 LYS LYS A . n 
A 1 130 GLY 130 541 541 GLY GLY A . n 
A 1 131 ILE 131 542 542 ILE ILE A . n 
A 1 132 GLY 132 543 543 GLY GLY A . n 
A 1 133 GLY 133 544 544 GLY GLY A . n 
A 1 134 ASN 134 545 545 ASN ASN A . n 
A 1 135 GLU 135 546 546 GLU GLU A . n 
A 1 136 GLN 136 547 547 GLN GLN A . n 
A 1 137 VAL 137 548 548 VAL VAL A . n 
A 1 138 ASP 138 549 549 ASP ASP A . n 
A 1 139 LYS 139 550 550 LYS LYS A . n 
A 1 140 LEU 140 551 551 LEU LEU A . n 
A 1 141 VAL 141 552 552 VAL VAL A . n 
A 1 142 SER 142 553 553 SER SER A . n 
A 1 143 ALA 143 554 554 ALA ALA A . n 
A 1 144 GLY 144 555 555 GLY GLY A . n 
A 1 145 ILE 145 556 556 ILE ILE A . n 
A 1 146 ARG 146 557 557 ARG ARG A . n 
A 1 147 LYS 147 558 558 LYS LYS A . n 
A 1 148 VAL 148 559 559 VAL VAL A . n 
A 1 149 LEU 149 560 560 LEU LEU A . n 
A 1 150 PHE 150 561 ?   ?   ?   A . n 
# 
loop_
_pdbx_nonpoly_scheme.asym_id 
_pdbx_nonpoly_scheme.entity_id 
_pdbx_nonpoly_scheme.mon_id 
_pdbx_nonpoly_scheme.ndb_seq_num 
_pdbx_nonpoly_scheme.pdb_seq_num 
_pdbx_nonpoly_scheme.auth_seq_num 
_pdbx_nonpoly_scheme.pdb_mon_id 
_pdbx_nonpoly_scheme.auth_mon_id 
_pdbx_nonpoly_scheme.pdb_strand_id 
_pdbx_nonpoly_scheme.pdb_ins_code 
B 2 MN  1   601 601 MN  MN  A . 
C 2 MN  1   602 602 MN  MN  A . 
D 3 ACT 1   650 650 ACT ACT A . 
E 4 GOL 1   698 698 GOL GOL A . 
F 4 GOL 1   699 699 GOL GOL A . 
G 5 ON1 1   701 701 ON1 ON1 A . 
H 6 HOH 1   1   1   HOH HOH A . 
H 6 HOH 2   2   2   HOH HOH A . 
H 6 HOH 3   3   3   HOH HOH A . 
H 6 HOH 4   4   4   HOH HOH A . 
H 6 HOH 5   5   5   HOH HOH A . 
H 6 HOH 6   6   6   HOH HOH A . 
H 6 HOH 7   7   7   HOH HOH A . 
H 6 HOH 8   8   8   HOH HOH A . 
H 6 HOH 9   9   9   HOH HOH A . 
H 6 HOH 10  10  10  HOH HOH A . 
H 6 HOH 11  11  11  HOH HOH A . 
H 6 HOH 12  12  12  HOH HOH A . 
H 6 HOH 13  13  13  HOH HOH A . 
H 6 HOH 14  14  14  HOH HOH A . 
H 6 HOH 15  15  15  HOH HOH A . 
H 6 HOH 16  16  16  HOH HOH A . 
H 6 HOH 17  17  17  HOH HOH A . 
H 6 HOH 18  18  18  HOH HOH A . 
H 6 HOH 19  19  19  HOH HOH A . 
H 6 HOH 20  20  20  HOH HOH A . 
H 6 HOH 21  21  21  HOH HOH A . 
H 6 HOH 22  22  22  HOH HOH A . 
H 6 HOH 23  23  23  HOH HOH A . 
H 6 HOH 24  24  24  HOH HOH A . 
H 6 HOH 25  25  25  HOH HOH A . 
H 6 HOH 26  26  26  HOH HOH A . 
H 6 HOH 27  27  27  HOH HOH A . 
H 6 HOH 28  28  28  HOH HOH A . 
H 6 HOH 29  29  29  HOH HOH A . 
H 6 HOH 30  30  30  HOH HOH A . 
H 6 HOH 31  31  31  HOH HOH A . 
H 6 HOH 32  32  32  HOH HOH A . 
H 6 HOH 33  33  33  HOH HOH A . 
H 6 HOH 34  34  34  HOH HOH A . 
H 6 HOH 35  35  35  HOH HOH A . 
H 6 HOH 36  36  36  HOH HOH A . 
H 6 HOH 37  37  37  HOH HOH A . 
H 6 HOH 38  38  38  HOH HOH A . 
H 6 HOH 39  39  39  HOH HOH A . 
H 6 HOH 40  40  40  HOH HOH A . 
H 6 HOH 41  41  41  HOH HOH A . 
H 6 HOH 42  42  42  HOH HOH A . 
H 6 HOH 43  43  43  HOH HOH A . 
H 6 HOH 44  44  44  HOH HOH A . 
H 6 HOH 45  45  45  HOH HOH A . 
H 6 HOH 46  46  46  HOH HOH A . 
H 6 HOH 47  47  47  HOH HOH A . 
H 6 HOH 48  48  48  HOH HOH A . 
H 6 HOH 49  49  49  HOH HOH A . 
H 6 HOH 50  50  50  HOH HOH A . 
H 6 HOH 51  51  51  HOH HOH A . 
H 6 HOH 52  52  52  HOH HOH A . 
H 6 HOH 53  53  53  HOH HOH A . 
H 6 HOH 54  54  54  HOH HOH A . 
H 6 HOH 55  55  55  HOH HOH A . 
H 6 HOH 56  56  56  HOH HOH A . 
H 6 HOH 57  57  57  HOH HOH A . 
H 6 HOH 58  58  58  HOH HOH A . 
H 6 HOH 59  59  59  HOH HOH A . 
H 6 HOH 60  60  60  HOH HOH A . 
H 6 HOH 61  61  61  HOH HOH A . 
H 6 HOH 62  62  62  HOH HOH A . 
H 6 HOH 63  63  63  HOH HOH A . 
H 6 HOH 64  64  64  HOH HOH A . 
H 6 HOH 65  65  65  HOH HOH A . 
H 6 HOH 66  66  66  HOH HOH A . 
H 6 HOH 67  67  67  HOH HOH A . 
H 6 HOH 68  68  68  HOH HOH A . 
H 6 HOH 69  69  69  HOH HOH A . 
H 6 HOH 70  70  70  HOH HOH A . 
H 6 HOH 71  71  71  HOH HOH A . 
H 6 HOH 72  72  72  HOH HOH A . 
H 6 HOH 73  73  73  HOH HOH A . 
H 6 HOH 74  74  74  HOH HOH A . 
H 6 HOH 75  75  75  HOH HOH A . 
H 6 HOH 76  76  76  HOH HOH A . 
H 6 HOH 77  77  77  HOH HOH A . 
H 6 HOH 78  78  78  HOH HOH A . 
H 6 HOH 79  103 103 HOH HOH A . 
H 6 HOH 80  104 104 HOH HOH A . 
H 6 HOH 81  105 105 HOH HOH A . 
H 6 HOH 82  106 106 HOH HOH A . 
H 6 HOH 83  107 107 HOH HOH A . 
H 6 HOH 84  108 108 HOH HOH A . 
H 6 HOH 85  109 109 HOH HOH A . 
H 6 HOH 86  110 110 HOH HOH A . 
H 6 HOH 87  111 111 HOH HOH A . 
H 6 HOH 88  112 112 HOH HOH A . 
H 6 HOH 89  113 113 HOH HOH A . 
H 6 HOH 90  114 114 HOH HOH A . 
H 6 HOH 91  115 115 HOH HOH A . 
H 6 HOH 92  116 116 HOH HOH A . 
H 6 HOH 93  117 117 HOH HOH A . 
H 6 HOH 94  118 118 HOH HOH A . 
H 6 HOH 95  119 119 HOH HOH A . 
H 6 HOH 96  120 120 HOH HOH A . 
H 6 HOH 97  121 121 HOH HOH A . 
H 6 HOH 98  122 122 HOH HOH A . 
H 6 HOH 99  123 123 HOH HOH A . 
H 6 HOH 100 124 124 HOH HOH A . 
H 6 HOH 101 125 125 HOH HOH A . 
H 6 HOH 102 126 126 HOH HOH A . 
H 6 HOH 103 127 127 HOH HOH A . 
H 6 HOH 104 128 128 HOH HOH A . 
H 6 HOH 105 129 129 HOH HOH A . 
H 6 HOH 106 130 130 HOH HOH A . 
H 6 HOH 107 131 131 HOH HOH A . 
H 6 HOH 108 132 132 HOH HOH A . 
H 6 HOH 109 133 133 HOH HOH A . 
H 6 HOH 110 134 134 HOH HOH A . 
H 6 HOH 111 135 135 HOH HOH A . 
H 6 HOH 112 136 136 HOH HOH A . 
H 6 HOH 113 137 137 HOH HOH A . 
H 6 HOH 114 138 138 HOH HOH A . 
H 6 HOH 115 139 139 HOH HOH A . 
H 6 HOH 116 140 140 HOH HOH A . 
H 6 HOH 117 141 141 HOH HOH A . 
H 6 HOH 118 142 142 HOH HOH A . 
H 6 HOH 119 143 143 HOH HOH A . 
H 6 HOH 120 144 144 HOH HOH A . 
H 6 HOH 121 145 145 HOH HOH A . 
H 6 HOH 122 146 146 HOH HOH A . 
H 6 HOH 123 147 147 HOH HOH A . 
H 6 HOH 124 148 148 HOH HOH A . 
H 6 HOH 125 149 149 HOH HOH A . 
H 6 HOH 126 150 150 HOH HOH A . 
H 6 HOH 127 151 151 HOH HOH A . 
H 6 HOH 128 152 152 HOH HOH A . 
H 6 HOH 129 153 153 HOH HOH A . 
H 6 HOH 130 154 154 HOH HOH A . 
H 6 HOH 131 155 155 HOH HOH A . 
H 6 HOH 132 156 156 HOH HOH A . 
H 6 HOH 133 157 157 HOH HOH A . 
H 6 HOH 134 158 158 HOH HOH A . 
H 6 HOH 135 159 159 HOH HOH A . 
H 6 HOH 136 160 160 HOH HOH A . 
H 6 HOH 137 161 161 HOH HOH A . 
H 6 HOH 138 162 162 HOH HOH A . 
H 6 HOH 139 163 163 HOH HOH A . 
H 6 HOH 140 164 164 HOH HOH A . 
H 6 HOH 141 165 165 HOH HOH A . 
H 6 HOH 142 166 166 HOH HOH A . 
H 6 HOH 143 167 167 HOH HOH A . 
H 6 HOH 144 168 168 HOH HOH A . 
H 6 HOH 145 169 169 HOH HOH A . 
H 6 HOH 146 170 170 HOH HOH A . 
H 6 HOH 147 171 171 HOH HOH A . 
H 6 HOH 148 172 172 HOH HOH A . 
H 6 HOH 149 173 173 HOH HOH A . 
H 6 HOH 150 174 174 HOH HOH A . 
H 6 HOH 151 175 175 HOH HOH A . 
H 6 HOH 152 176 176 HOH HOH A . 
H 6 HOH 153 177 177 HOH HOH A . 
H 6 HOH 154 178 178 HOH HOH A . 
H 6 HOH 155 179 179 HOH HOH A . 
H 6 HOH 156 180 180 HOH HOH A . 
H 6 HOH 157 181 181 HOH HOH A . 
H 6 HOH 158 182 182 HOH HOH A . 
H 6 HOH 159 183 183 HOH HOH A . 
H 6 HOH 160 184 184 HOH HOH A . 
H 6 HOH 161 185 185 HOH HOH A . 
H 6 HOH 162 186 186 HOH HOH A . 
H 6 HOH 163 187 187 HOH HOH A . 
H 6 HOH 164 603 603 HOH HOH A . 
H 6 HOH 165 604 604 HOH HOH A . 
H 6 HOH 166 605 79  HOH HOH A . 
H 6 HOH 167 606 80  HOH HOH A . 
H 6 HOH 168 607 81  HOH HOH A . 
H 6 HOH 169 608 82  HOH HOH A . 
H 6 HOH 170 609 83  HOH HOH A . 
H 6 HOH 171 610 84  HOH HOH A . 
H 6 HOH 172 611 85  HOH HOH A . 
H 6 HOH 173 612 86  HOH HOH A . 
H 6 HOH 174 613 87  HOH HOH A . 
H 6 HOH 175 614 88  HOH HOH A . 
H 6 HOH 176 615 89  HOH HOH A . 
H 6 HOH 177 616 90  HOH HOH A . 
H 6 HOH 178 617 91  HOH HOH A . 
H 6 HOH 179 618 92  HOH HOH A . 
H 6 HOH 180 619 93  HOH HOH A . 
H 6 HOH 181 620 94  HOH HOH A . 
H 6 HOH 182 621 95  HOH HOH A . 
H 6 HOH 183 622 96  HOH HOH A . 
H 6 HOH 184 623 97  HOH HOH A . 
H 6 HOH 185 624 98  HOH HOH A . 
H 6 HOH 186 625 99  HOH HOH A . 
H 6 HOH 187 626 100 HOH HOH A . 
H 6 HOH 188 627 101 HOH HOH A . 
H 6 HOH 189 628 102 HOH HOH A . 
# 
loop_
_software.name 
_software.classification 
_software.version 
_software.citation_id 
_software.pdbx_ordinal 
BOS      'data collection' .    ? 1 
AMoRE    phasing           .    ? 2 
CNX      refinement        2005 ? 3 
HKL-2000 'data reduction'  .    ? 4 
HKL-2000 'data scaling'    .    ? 5 
# 
_cell.entry_id           3HYF 
_cell.length_a           39.717 
_cell.length_b           90.326 
_cell.length_c           113.334 
_cell.angle_alpha        90.00 
_cell.angle_beta         90.00 
_cell.angle_gamma        90.00 
_cell.Z_PDB              8 
_cell.pdbx_unique_axis   ? 
_cell.length_a_esd       ? 
_cell.length_b_esd       ? 
_cell.length_c_esd       ? 
_cell.angle_alpha_esd    ? 
_cell.angle_beta_esd     ? 
_cell.angle_gamma_esd    ? 
# 
_symmetry.entry_id                         3HYF 
_symmetry.space_group_name_H-M             'I 21 21 21' 
_symmetry.pdbx_full_space_group_name_H-M   ? 
_symmetry.cell_setting                     ? 
_symmetry.Int_Tables_number                24 
_symmetry.space_group_name_Hall            ? 
# 
_exptl.entry_id          3HYF 
_exptl.method            'X-RAY DIFFRACTION' 
_exptl.crystals_number   1 
# 
_exptl_crystal.id                    1 
_exptl_crystal.density_meas          ? 
_exptl_crystal.density_Matthews      3.00 
_exptl_crystal.density_percent_sol   59.05 
_exptl_crystal.description           ? 
_exptl_crystal.F_000                 ? 
_exptl_crystal.preparation           ? 
# 
_exptl_crystal_grow.crystal_id      1 
_exptl_crystal_grow.method          'VAPOR DIFFUSION, HANGING DROP' 
_exptl_crystal_grow.temp            293 
_exptl_crystal_grow.temp_details    ? 
_exptl_crystal_grow.pH              4.6 
_exptl_crystal_grow.pdbx_details    
;1.0M MgSO4, 100mM sodium acetate pH 4.6, 5mM manganese chloride, 5mM TCEP, 1.5mM inhibitor, VAPOR DIFFUSION, HANGING DROP, temperature 293K
;
_exptl_crystal_grow.pdbx_pH_range   ? 
# 
_diffrn.id                     1 
_diffrn.ambient_temp           100 
_diffrn.ambient_temp_details   ? 
_diffrn.crystal_id             1 
# 
_diffrn_detector.diffrn_id              1 
_diffrn_detector.detector               CCD 
_diffrn_detector.type                   'ADSC QUANTUM 210' 
_diffrn_detector.pdbx_collection_date   2008-12-02 
_diffrn_detector.details                ? 
# 
_diffrn_radiation.diffrn_id                        1 
_diffrn_radiation.wavelength_id                    1 
_diffrn_radiation.pdbx_monochromatic_or_laue_m_l   M 
_diffrn_radiation.monochromator                    'Single crystal, cylindrically bent, Si(220)' 
_diffrn_radiation.pdbx_diffrn_protocol             'SINGLE WAVELENGTH' 
_diffrn_radiation.pdbx_scattering_type             x-ray 
# 
_diffrn_radiation_wavelength.id           1 
_diffrn_radiation_wavelength.wavelength   1.0 
_diffrn_radiation_wavelength.wt           1.0 
# 
_diffrn_source.diffrn_id                   1 
_diffrn_source.source                      SYNCHROTRON 
_diffrn_source.type                        'ALS BEAMLINE 5.0.1' 
_diffrn_source.pdbx_synchrotron_site       ALS 
_diffrn_source.pdbx_synchrotron_beamline   5.0.1 
_diffrn_source.pdbx_wavelength             ? 
_diffrn_source.pdbx_wavelength_list        1.0 
# 
_reflns.entry_id                     3HYF 
_reflns.observed_criterion_sigma_I   0 
_reflns.observed_criterion_sigma_F   0 
_reflns.d_resolution_low             29.10 
_reflns.d_resolution_high            1.6 
_reflns.number_obs                   26856 
_reflns.number_all                   26856 
_reflns.percent_possible_obs         97.7 
_reflns.pdbx_Rmerge_I_obs            0.048 
_reflns.pdbx_Rsym_value              ? 
_reflns.pdbx_netI_over_sigmaI        37.5 
_reflns.B_iso_Wilson_estimate        17.8 
_reflns.pdbx_redundancy              5.3 
_reflns.R_free_details               ? 
_reflns.limit_h_max                  ? 
_reflns.limit_h_min                  ? 
_reflns.limit_k_max                  ? 
_reflns.limit_k_min                  ? 
_reflns.limit_l_max                  ? 
_reflns.limit_l_min                  ? 
_reflns.observed_criterion_F_max     ? 
_reflns.observed_criterion_F_min     ? 
_reflns.pdbx_chi_squared             ? 
_reflns.pdbx_scaling_rejects         ? 
_reflns.pdbx_ordinal                 1 
_reflns.pdbx_diffrn_id               1 
# 
_reflns_shell.d_res_high             1.6 
_reflns_shell.d_res_low              1.63 
_reflns_shell.percent_possible_all   76.4 
_reflns_shell.Rmerge_I_obs           0.347 
_reflns_shell.pdbx_Rsym_value        ? 
_reflns_shell.meanI_over_sigI_obs    2.9 
_reflns_shell.pdbx_redundancy        3.8 
_reflns_shell.percent_possible_obs   ? 
_reflns_shell.number_unique_all      1019 
_reflns_shell.number_measured_all    ? 
_reflns_shell.number_measured_obs    ? 
_reflns_shell.number_unique_obs      ? 
_reflns_shell.pdbx_chi_squared       ? 
_reflns_shell.pdbx_ordinal           1 
_reflns_shell.pdbx_diffrn_id         1 
# 
_refine.entry_id                                 3HYF 
_refine.ls_number_reflns_obs                     22030 
_refine.ls_number_reflns_all                     22881 
_refine.pdbx_ls_sigma_I                          ? 
_refine.pdbx_ls_sigma_F                          0.0 
_refine.pdbx_data_cutoff_high_absF               78272.72 
_refine.pdbx_data_cutoff_low_absF                0.000000 
_refine.pdbx_data_cutoff_high_rms_absF           ? 
_refine.ls_d_res_low                             29.10 
_refine.ls_d_res_high                            1.70 
_refine.ls_percent_reflns_obs                    96.1 
_refine.ls_R_factor_obs                          0.198 
_refine.ls_R_factor_all                          ? 
_refine.ls_R_factor_R_work                       0.196 
_refine.ls_R_factor_R_free                       0.232 
_refine.ls_R_factor_R_free_error                 0.007 
_refine.ls_R_factor_R_free_error_details         ? 
_refine.ls_percent_reflns_R_free                 4.8 
_refine.ls_number_reflns_R_free                  1050 
_refine.ls_number_parameters                     ? 
_refine.ls_number_restraints                     ? 
_refine.occupancy_min                            ? 
_refine.occupancy_max                            ? 
_refine.correlation_coeff_Fo_to_Fc               ? 
_refine.correlation_coeff_Fo_to_Fc_free          ? 
_refine.B_iso_mean                               30.3 
_refine.aniso_B[1][1]                            8.19 
_refine.aniso_B[2][2]                            -6.18 
_refine.aniso_B[3][3]                            -2.01 
_refine.aniso_B[1][2]                            0.00 
_refine.aniso_B[1][3]                            0.00 
_refine.aniso_B[2][3]                            0.00 
_refine.solvent_model_details                    'FLAT MODEL' 
_refine.solvent_model_param_ksol                 0.396692 
_refine.solvent_model_param_bsol                 70.5694 
_refine.pdbx_solvent_vdw_probe_radii             ? 
_refine.pdbx_solvent_ion_probe_radii             ? 
_refine.pdbx_solvent_shrinkage_radii             ? 
_refine.pdbx_ls_cross_valid_method               THROUGHOUT 
_refine.details                                  ? 
_refine.pdbx_starting_model                      'PDB code 1HRH' 
_refine.pdbx_method_to_determine_struct          'MOLECULAR REPLACEMENT' 
_refine.pdbx_isotropic_thermal_model             RESTRAINED 
_refine.pdbx_stereochemistry_target_values       'Engh & Huber' 
_refine.pdbx_stereochem_target_val_spec_case     ? 
_refine.pdbx_R_Free_selection_details            RANDOM 
_refine.pdbx_overall_ESU_R                       ? 
_refine.pdbx_overall_ESU_R_Free                  ? 
_refine.overall_SU_ML                            ? 
_refine.overall_SU_B                             ? 
_refine.ls_redundancy_reflns_obs                 ? 
_refine.B_iso_min                                ? 
_refine.B_iso_max                                ? 
_refine.overall_SU_R_Cruickshank_DPI             ? 
_refine.overall_SU_R_free                        ? 
_refine.ls_wR_factor_R_free                      ? 
_refine.ls_wR_factor_R_work                      ? 
_refine.overall_FOM_free_R_set                   ? 
_refine.overall_FOM_work_R_set                   ? 
_refine.pdbx_overall_phase_error                 ? 
_refine.pdbx_refine_id                           'X-RAY DIFFRACTION' 
_refine.pdbx_diffrn_id                           1 
_refine.pdbx_TLS_residual_ADP_flag               ? 
_refine.pdbx_overall_SU_R_free_Cruickshank_DPI   ? 
_refine.pdbx_overall_SU_R_Blow_DPI               ? 
_refine.pdbx_overall_SU_R_free_Blow_DPI          ? 
# 
_refine_analyze.entry_id                        3HYF 
_refine_analyze.Luzzati_coordinate_error_obs    0.19 
_refine_analyze.Luzzati_sigma_a_obs             0.13 
_refine_analyze.Luzzati_d_res_low_obs           5.00 
_refine_analyze.Luzzati_coordinate_error_free   0.22 
_refine_analyze.Luzzati_sigma_a_free            0.10 
_refine_analyze.Luzzati_d_res_low_free          ? 
_refine_analyze.number_disordered_residues      ? 
_refine_analyze.occupancy_sum_hydrogen          ? 
_refine_analyze.occupancy_sum_non_hydrogen      ? 
_refine_analyze.pdbx_Luzzati_d_res_high_obs     ? 
_refine_analyze.pdbx_refine_id                  'X-RAY DIFFRACTION' 
# 
_refine_hist.pdbx_refine_id                   'X-RAY DIFFRACTION' 
_refine_hist.cycle_id                         LAST 
_refine_hist.pdbx_number_atoms_protein        1135 
_refine_hist.pdbx_number_atoms_nucleic_acid   0 
_refine_hist.pdbx_number_atoms_ligand         38 
_refine_hist.number_atoms_solvent             189 
_refine_hist.number_atoms_total               1362 
_refine_hist.d_res_high                       1.70 
_refine_hist.d_res_low                        29.10 
# 
loop_
_refine_ls_restr.type 
_refine_ls_restr.dev_ideal 
_refine_ls_restr.dev_ideal_target 
_refine_ls_restr.weight 
_refine_ls_restr.number 
_refine_ls_restr.pdbx_refine_id 
_refine_ls_restr.pdbx_restraint_function 
c_bond_d           0.012 ?    ? ? 'X-RAY DIFFRACTION' ? 
c_angle_deg        0.9   ?    ? ? 'X-RAY DIFFRACTION' ? 
c_dihedral_angle_d 19.4  ?    ? ? 'X-RAY DIFFRACTION' ? 
c_improper_angle_d 0.62  ?    ? ? 'X-RAY DIFFRACTION' ? 
c_mcbond_it        5.54  1.50 ? ? 'X-RAY DIFFRACTION' ? 
c_mcangle_it       7.15  2.00 ? ? 'X-RAY DIFFRACTION' ? 
c_scbond_it        9.93  2.00 ? ? 'X-RAY DIFFRACTION' ? 
c_scangle_it       11.21 2.50 ? ? 'X-RAY DIFFRACTION' ? 
# 
_refine_ls_shell.pdbx_total_number_of_bins_used   6 
_refine_ls_shell.d_res_high                       1.70 
_refine_ls_shell.d_res_low                        1.81 
_refine_ls_shell.number_reflns_R_work             3192 
_refine_ls_shell.R_factor_R_work                  0.247 
_refine_ls_shell.percent_reflns_obs               89.0 
_refine_ls_shell.R_factor_R_free                  0.218 
_refine_ls_shell.R_factor_R_free_error            0.017 
_refine_ls_shell.percent_reflns_R_free            5.0 
_refine_ls_shell.number_reflns_R_free             168 
_refine_ls_shell.number_reflns_all                ? 
_refine_ls_shell.R_factor_all                     ? 
_refine_ls_shell.number_reflns_obs                ? 
_refine_ls_shell.redundancy_reflns_obs            ? 
_refine_ls_shell.pdbx_refine_id                   'X-RAY DIFFRACTION' 
# 
_pdbx_refine.entry_id                                    3HYF 
_pdbx_refine.R_factor_all_no_cutoff                      0.235 
_pdbx_refine.R_factor_obs_no_cutoff                      0.233 
_pdbx_refine.free_R_factor_no_cutoff                     0.266 
_pdbx_refine.free_R_error_no_cutoff                      0.008 
_pdbx_refine.free_R_val_test_set_size_perc_no_cutoff     4.8 
_pdbx_refine.free_R_val_test_set_ct_no_cutoff            1096 
_pdbx_refine.R_factor_all_4sig_cutoff                    ? 
_pdbx_refine.R_factor_obs_4sig_cutoff                    ? 
_pdbx_refine.free_R_factor_4sig_cutoff                   ? 
_pdbx_refine.free_R_val_test_set_size_perc_4sig_cutoff   ? 
_pdbx_refine.free_R_val_test_set_ct_4sig_cutoff          ? 
_pdbx_refine.number_reflns_obs_4sig_cutoff               ? 
_pdbx_refine.pdbx_refine_id                              'X-RAY DIFFRACTION' 
# 
loop_
_pdbx_xplor_file.serial_no 
_pdbx_xplor_file.param_file 
_pdbx_xplor_file.topol_file 
_pdbx_xplor_file.pdbx_refine_id 
1 protein_rep.p protein.top 'X-RAY DIFFRACTION' 
2 on1.par       on1.top     'X-RAY DIFFRACTION' 
3 water_rep.par water.top   'X-RAY DIFFRACTION' 
4 ion.param     ion.top     'X-RAY DIFFRACTION' 
# 
_struct.entry_id                  3HYF 
_struct.title                     'Crystal structure of HIV-1 RNase H p15 with engineered E. coli loop and active site inhibitor' 
_struct.pdbx_model_details        ? 
_struct.pdbx_CASP_flag            ? 
_struct.pdbx_model_type_details   ? 
# 
_struct_keywords.entry_id        3HYF 
_struct_keywords.pdbx_keywords   HYDROLASE 
_struct_keywords.text            
;RNase H, HIV-1, hydrolase, di-valent metal nucleic acid cleavage mechanism, di-valent metal coordination, Aspartyl protease, DNA integration, DNA recombination, Endonuclease, Multifunctional enzyme, Nuclease, Nucleotidyltransferase, Protease, RNA-directed DNA polymerase, Transferase, Magnesium, Metal-binding
;
# 
loop_
_struct_asym.id 
_struct_asym.pdbx_blank_PDB_chainid_flag 
_struct_asym.pdbx_modified 
_struct_asym.entity_id 
_struct_asym.details 
A N N 1 ? 
B N N 2 ? 
C N N 2 ? 
D N N 3 ? 
E N N 4 ? 
F N N 4 ? 
G N N 5 ? 
H N N 6 ? 
# 
loop_
_struct_ref.id 
_struct_ref.db_name 
_struct_ref.db_code 
_struct_ref.pdbx_db_accession 
_struct_ref.entity_id 
_struct_ref.pdbx_seq_one_letter_code 
_struct_ref.pdbx_align_begin 
_struct_ref.pdbx_db_isoform 
1 UNP Q72547_9HIV1 Q72547 1 
;YQLEKEPIVGAETFYVDGAANRETKLGKAGYVTNRGRQKVVTLTDTTNQKTELQAIYLALQDSGLEVNIVTDSQYALGII

;
427 ? 
2 UNP RNH_ECOLI    P0A7Y4 1 TQWIHNWKKRGWKTADKKPVKNVD                                                            79  ? 
3 UNP Q72547_9HIV1 Q72547 1 LVNQIIEQLIKKEKVYLAWVPAHKGIGGNEQVDKLVSAGIRKVLF                                       517 ? 
# 
loop_
_struct_ref_seq.align_id 
_struct_ref_seq.ref_id 
_struct_ref_seq.pdbx_PDB_id_code 
_struct_ref_seq.pdbx_strand_id 
_struct_ref_seq.seq_align_beg 
_struct_ref_seq.pdbx_seq_align_beg_ins_code 
_struct_ref_seq.seq_align_end 
_struct_ref_seq.pdbx_seq_align_end_ins_code 
_struct_ref_seq.pdbx_db_accession 
_struct_ref_seq.db_align_beg 
_struct_ref_seq.pdbx_db_align_beg_ins_code 
_struct_ref_seq.db_align_end 
_struct_ref_seq.pdbx_db_align_end_ins_code 
_struct_ref_seq.pdbx_auth_seq_align_beg 
_struct_ref_seq.pdbx_auth_seq_align_end 
1 1 3HYF A 2   ? 81  ? Q72547 427 ? 506 ? 427 506 
2 2 3HYF A 82  ? 105 ? P0A7Y4 79  ? 102 ? 79  102 
3 3 3HYF A 106 ? 150 ? Q72547 517 ? 561 ? 517 561 
# 
_struct_ref_seq_dif.align_id                     1 
_struct_ref_seq_dif.pdbx_pdb_id_code             3HYF 
_struct_ref_seq_dif.mon_id                       MET 
_struct_ref_seq_dif.pdbx_pdb_strand_id           A 
_struct_ref_seq_dif.seq_num                      1 
_struct_ref_seq_dif.pdbx_pdb_ins_code            ? 
_struct_ref_seq_dif.pdbx_seq_db_name             UNP 
_struct_ref_seq_dif.pdbx_seq_db_accession_code   Q72547 
_struct_ref_seq_dif.db_mon_id                    ? 
_struct_ref_seq_dif.pdbx_seq_db_seq_num          ? 
_struct_ref_seq_dif.details                      'initiating methionine' 
_struct_ref_seq_dif.pdbx_auth_seq_num            426 
_struct_ref_seq_dif.pdbx_ordinal                 1 
# 
_pdbx_struct_assembly.id                   1 
_pdbx_struct_assembly.details              author_and_software_defined_assembly 
_pdbx_struct_assembly.method_details       PISA 
_pdbx_struct_assembly.oligomeric_details   monomeric 
_pdbx_struct_assembly.oligomeric_count     1 
# 
_pdbx_struct_assembly_gen.assembly_id       1 
_pdbx_struct_assembly_gen.oper_expression   1 
_pdbx_struct_assembly_gen.asym_id_list      A,B,C,D,E,F,G,H 
# 
_pdbx_struct_oper_list.id                   1 
_pdbx_struct_oper_list.type                 'identity operation' 
_pdbx_struct_oper_list.name                 1_555 
_pdbx_struct_oper_list.symmetry_operation   x,y,z 
_pdbx_struct_oper_list.matrix[1][1]         1.0000000000 
_pdbx_struct_oper_list.matrix[1][2]         0.0000000000 
_pdbx_struct_oper_list.matrix[1][3]         0.0000000000 
_pdbx_struct_oper_list.vector[1]            0.0000000000 
_pdbx_struct_oper_list.matrix[2][1]         0.0000000000 
_pdbx_struct_oper_list.matrix[2][2]         1.0000000000 
_pdbx_struct_oper_list.matrix[2][3]         0.0000000000 
_pdbx_struct_oper_list.vector[2]            0.0000000000 
_pdbx_struct_oper_list.matrix[3][1]         0.0000000000 
_pdbx_struct_oper_list.matrix[3][2]         0.0000000000 
_pdbx_struct_oper_list.matrix[3][3]         1.0000000000 
_pdbx_struct_oper_list.vector[3]            0.0000000000 
# 
_struct_biol.id        1 
_struct_biol.details   ? 
# 
loop_
_struct_conf.conf_type_id 
_struct_conf.id 
_struct_conf.pdbx_PDB_helix_id 
_struct_conf.beg_label_comp_id 
_struct_conf.beg_label_asym_id 
_struct_conf.beg_label_seq_id 
_struct_conf.pdbx_beg_PDB_ins_code 
_struct_conf.end_label_comp_id 
_struct_conf.end_label_asym_id 
_struct_conf.end_label_seq_id 
_struct_conf.pdbx_end_PDB_ins_code 
_struct_conf.beg_auth_comp_id 
_struct_conf.beg_auth_asym_id 
_struct_conf.beg_auth_seq_id 
_struct_conf.end_auth_comp_id 
_struct_conf.end_auth_asym_id 
_struct_conf.end_auth_seq_id 
_struct_conf.pdbx_PDB_helix_class 
_struct_conf.details 
_struct_conf.pdbx_PDB_helix_length 
HELX_P HELX_P1 1 THR A 48  ? SER A 64  ? THR A 473 SER A 489 1 ? 17 
HELX_P HELX_P2 2 SER A 74  ? ARG A 91  ? SER A 499 ARG A 88  1 ? 18 
HELX_P HELX_P3 3 ASN A 103 ? ILE A 115 ? ASN A 100 ILE A 526 1 ? 13 
HELX_P HELX_P4 4 ILE A 131 ? ALA A 143 ? ILE A 542 ALA A 554 1 ? 13 
# 
_struct_conf_type.id          HELX_P 
_struct_conf_type.criteria    ? 
_struct_conf_type.reference   ? 
# 
loop_
_struct_conn.id 
_struct_conn.conn_type_id 
_struct_conn.pdbx_leaving_atom_flag 
_struct_conn.pdbx_PDB_id 
_struct_conn.ptnr1_label_asym_id 
_struct_conn.ptnr1_label_comp_id 
_struct_conn.ptnr1_label_seq_id 
_struct_conn.ptnr1_label_atom_id 
_struct_conn.pdbx_ptnr1_label_alt_id 
_struct_conn.pdbx_ptnr1_PDB_ins_code 
_struct_conn.pdbx_ptnr1_standard_comp_id 
_struct_conn.ptnr1_symmetry 
_struct_conn.ptnr2_label_asym_id 
_struct_conn.ptnr2_label_comp_id 
_struct_conn.ptnr2_label_seq_id 
_struct_conn.ptnr2_label_atom_id 
_struct_conn.pdbx_ptnr2_label_alt_id 
_struct_conn.pdbx_ptnr2_PDB_ins_code 
_struct_conn.ptnr1_auth_asym_id 
_struct_conn.ptnr1_auth_comp_id 
_struct_conn.ptnr1_auth_seq_id 
_struct_conn.ptnr2_auth_asym_id 
_struct_conn.ptnr2_auth_comp_id 
_struct_conn.ptnr2_auth_seq_id 
_struct_conn.ptnr2_symmetry 
_struct_conn.pdbx_ptnr3_label_atom_id 
_struct_conn.pdbx_ptnr3_label_seq_id 
_struct_conn.pdbx_ptnr3_label_comp_id 
_struct_conn.pdbx_ptnr3_label_asym_id 
_struct_conn.pdbx_ptnr3_label_alt_id 
_struct_conn.pdbx_ptnr3_PDB_ins_code 
_struct_conn.details 
_struct_conn.pdbx_dist_value 
_struct_conn.pdbx_value_order 
_struct_conn.pdbx_role 
metalc1  metalc ? ? A ASP 18  OD1 ? ? ? 1_555 B MN  . MN ? ? A ASP 443 A MN  601 1_555 ? ? ? ? ? ? ? 2.086 ? ? 
metalc2  metalc ? ? A ASP 18  OD2 ? ? ? 1_555 C MN  . MN ? ? A ASP 443 A MN  602 1_555 ? ? ? ? ? ? ? 2.079 ? ? 
metalc3  metalc ? ? A GLU 53  OE1 ? ? ? 1_555 B MN  . MN ? ? A GLU 478 A MN  601 1_555 ? ? ? ? ? ? ? 2.107 ? ? 
metalc4  metalc ? ? A ASP 73  OD2 ? ? ? 1_555 B MN  . MN ? ? A ASP 498 A MN  601 1_555 ? ? ? ? ? ? ? 2.058 ? ? 
metalc5  metalc ? ? A ASP 138 OD2 ? ? ? 1_555 C MN  . MN ? ? A ASP 549 A MN  602 1_555 ? ? ? ? ? ? ? 2.142 ? ? 
metalc6  metalc ? ? B MN  .   MN  ? ? ? 1_555 G ON1 . O4 ? ? A MN  601 A ON1 701 1_555 ? ? ? ? ? ? ? 2.224 ? ? 
metalc7  metalc ? ? B MN  .   MN  ? ? ? 1_555 G ON1 . O1 ? ? A MN  601 A ON1 701 1_555 ? ? ? ? ? ? ? 2.061 ? ? 
metalc8  metalc ? ? C MN  .   MN  ? ? ? 1_555 H HOH . O  ? ? A MN  602 A HOH 603 1_555 ? ? ? ? ? ? ? 2.156 ? ? 
metalc9  metalc ? ? C MN  .   MN  ? ? ? 1_555 H HOH . O  ? ? A MN  602 A HOH 604 1_555 ? ? ? ? ? ? ? 2.178 ? ? 
metalc10 metalc ? ? C MN  .   MN  ? ? ? 1_555 G ON1 . O1 ? ? A MN  602 A ON1 701 1_555 ? ? ? ? ? ? ? 2.185 ? ? 
metalc11 metalc ? ? C MN  .   MN  ? ? ? 1_555 G ON1 . O2 ? ? A MN  602 A ON1 701 1_555 ? ? ? ? ? ? ? 2.171 ? ? 
# 
_struct_conn_type.id          metalc 
_struct_conn_type.criteria    ? 
_struct_conn_type.reference   ? 
# 
loop_
_pdbx_struct_conn_angle.id 
_pdbx_struct_conn_angle.ptnr1_label_atom_id 
_pdbx_struct_conn_angle.ptnr1_label_alt_id 
_pdbx_struct_conn_angle.ptnr1_label_asym_id 
_pdbx_struct_conn_angle.ptnr1_label_comp_id 
_pdbx_struct_conn_angle.ptnr1_label_seq_id 
_pdbx_struct_conn_angle.ptnr1_auth_atom_id 
_pdbx_struct_conn_angle.ptnr1_auth_asym_id 
_pdbx_struct_conn_angle.ptnr1_auth_comp_id 
_pdbx_struct_conn_angle.ptnr1_auth_seq_id 
_pdbx_struct_conn_angle.ptnr1_PDB_ins_code 
_pdbx_struct_conn_angle.ptnr1_symmetry 
_pdbx_struct_conn_angle.ptnr2_label_atom_id 
_pdbx_struct_conn_angle.ptnr2_label_alt_id 
_pdbx_struct_conn_angle.ptnr2_label_asym_id 
_pdbx_struct_conn_angle.ptnr2_label_comp_id 
_pdbx_struct_conn_angle.ptnr2_label_seq_id 
_pdbx_struct_conn_angle.ptnr2_auth_atom_id 
_pdbx_struct_conn_angle.ptnr2_auth_asym_id 
_pdbx_struct_conn_angle.ptnr2_auth_comp_id 
_pdbx_struct_conn_angle.ptnr2_auth_seq_id 
_pdbx_struct_conn_angle.ptnr2_PDB_ins_code 
_pdbx_struct_conn_angle.ptnr2_symmetry 
_pdbx_struct_conn_angle.ptnr3_label_atom_id 
_pdbx_struct_conn_angle.ptnr3_label_alt_id 
_pdbx_struct_conn_angle.ptnr3_label_asym_id 
_pdbx_struct_conn_angle.ptnr3_label_comp_id 
_pdbx_struct_conn_angle.ptnr3_label_seq_id 
_pdbx_struct_conn_angle.ptnr3_auth_atom_id 
_pdbx_struct_conn_angle.ptnr3_auth_asym_id 
_pdbx_struct_conn_angle.ptnr3_auth_comp_id 
_pdbx_struct_conn_angle.ptnr3_auth_seq_id 
_pdbx_struct_conn_angle.ptnr3_PDB_ins_code 
_pdbx_struct_conn_angle.ptnr3_symmetry 
_pdbx_struct_conn_angle.value 
_pdbx_struct_conn_angle.value_esd 
1  OD1 ? A ASP 18  ? A ASP 443 ? 1_555 MN ? B MN . ? A MN 601 ? 1_555 OE1 ? A GLU 53  ? A GLU 478 ? 1_555 88.6  ? 
2  OD1 ? A ASP 18  ? A ASP 443 ? 1_555 MN ? B MN . ? A MN 601 ? 1_555 OD2 ? A ASP 73  ? A ASP 498 ? 1_555 100.7 ? 
3  OE1 ? A GLU 53  ? A GLU 478 ? 1_555 MN ? B MN . ? A MN 601 ? 1_555 OD2 ? A ASP 73  ? A ASP 498 ? 1_555 124.4 ? 
4  OD1 ? A ASP 18  ? A ASP 443 ? 1_555 MN ? B MN . ? A MN 601 ? 1_555 O4  ? G ON1 .   ? A ON1 701 ? 1_555 170.8 ? 
5  OE1 ? A GLU 53  ? A GLU 478 ? 1_555 MN ? B MN . ? A MN 601 ? 1_555 O4  ? G ON1 .   ? A ON1 701 ? 1_555 83.3  ? 
6  OD2 ? A ASP 73  ? A ASP 498 ? 1_555 MN ? B MN . ? A MN 601 ? 1_555 O4  ? G ON1 .   ? A ON1 701 ? 1_555 87.5  ? 
7  OD1 ? A ASP 18  ? A ASP 443 ? 1_555 MN ? B MN . ? A MN 601 ? 1_555 O1  ? G ON1 .   ? A ON1 701 ? 1_555 93.3  ? 
8  OE1 ? A GLU 53  ? A GLU 478 ? 1_555 MN ? B MN . ? A MN 601 ? 1_555 O1  ? G ON1 .   ? A ON1 701 ? 1_555 119.3 ? 
9  OD2 ? A ASP 73  ? A ASP 498 ? 1_555 MN ? B MN . ? A MN 601 ? 1_555 O1  ? G ON1 .   ? A ON1 701 ? 1_555 114.8 ? 
10 O4  ? G ON1 .   ? A ON1 701 ? 1_555 MN ? B MN . ? A MN 601 ? 1_555 O1  ? G ON1 .   ? A ON1 701 ? 1_555 87.0  ? 
11 OD2 ? A ASP 18  ? A ASP 443 ? 1_555 MN ? C MN . ? A MN 602 ? 1_555 OD2 ? A ASP 138 ? A ASP 549 ? 1_555 98.9  ? 
12 OD2 ? A ASP 18  ? A ASP 443 ? 1_555 MN ? C MN . ? A MN 602 ? 1_555 O   ? H HOH .   ? A HOH 603 ? 1_555 92.3  ? 
13 OD2 ? A ASP 138 ? A ASP 549 ? 1_555 MN ? C MN . ? A MN 602 ? 1_555 O   ? H HOH .   ? A HOH 603 ? 1_555 93.1  ? 
14 OD2 ? A ASP 18  ? A ASP 443 ? 1_555 MN ? C MN . ? A MN 602 ? 1_555 O   ? H HOH .   ? A HOH 604 ? 1_555 91.8  ? 
15 OD2 ? A ASP 138 ? A ASP 549 ? 1_555 MN ? C MN . ? A MN 602 ? 1_555 O   ? H HOH .   ? A HOH 604 ? 1_555 89.5  ? 
16 O   ? H HOH .   ? A HOH 603 ? 1_555 MN ? C MN . ? A MN 602 ? 1_555 O   ? H HOH .   ? A HOH 604 ? 1_555 174.8 ? 
17 OD2 ? A ASP 18  ? A ASP 443 ? 1_555 MN ? C MN . ? A MN 602 ? 1_555 O1  ? G ON1 .   ? A ON1 701 ? 1_555 101.2 ? 
18 OD2 ? A ASP 138 ? A ASP 549 ? 1_555 MN ? C MN . ? A MN 602 ? 1_555 O1  ? G ON1 .   ? A ON1 701 ? 1_555 159.3 ? 
19 O   ? H HOH .   ? A HOH 603 ? 1_555 MN ? C MN . ? A MN 602 ? 1_555 O1  ? G ON1 .   ? A ON1 701 ? 1_555 91.3  ? 
20 O   ? H HOH .   ? A HOH 604 ? 1_555 MN ? C MN . ? A MN 602 ? 1_555 O1  ? G ON1 .   ? A ON1 701 ? 1_555 84.8  ? 
21 OD2 ? A ASP 18  ? A ASP 443 ? 1_555 MN ? C MN . ? A MN 602 ? 1_555 O2  ? G ON1 .   ? A ON1 701 ? 1_555 178.5 ? 
22 OD2 ? A ASP 138 ? A ASP 549 ? 1_555 MN ? C MN . ? A MN 602 ? 1_555 O2  ? G ON1 .   ? A ON1 701 ? 1_555 82.0  ? 
23 O   ? H HOH .   ? A HOH 603 ? 1_555 MN ? C MN . ? A MN 602 ? 1_555 O2  ? G ON1 .   ? A ON1 701 ? 1_555 88.8  ? 
24 O   ? H HOH .   ? A HOH 604 ? 1_555 MN ? C MN . ? A MN 602 ? 1_555 O2  ? G ON1 .   ? A ON1 701 ? 1_555 87.0  ? 
25 O1  ? G ON1 .   ? A ON1 701 ? 1_555 MN ? C MN . ? A MN 602 ? 1_555 O2  ? G ON1 .   ? A ON1 701 ? 1_555 77.8  ? 
# 
_struct_sheet.id               A 
_struct_sheet.type             ? 
_struct_sheet.number_strands   5 
_struct_sheet.details          ? 
# 
loop_
_struct_sheet_order.sheet_id 
_struct_sheet_order.range_id_1 
_struct_sheet_order.range_id_2 
_struct_sheet_order.offset 
_struct_sheet_order.sense 
A 1 2 ? anti-parallel 
A 2 3 ? anti-parallel 
A 3 4 ? parallel      
A 4 5 ? parallel      
# 
loop_
_struct_sheet_range.sheet_id 
_struct_sheet_range.id 
_struct_sheet_range.beg_label_comp_id 
_struct_sheet_range.beg_label_asym_id 
_struct_sheet_range.beg_label_seq_id 
_struct_sheet_range.pdbx_beg_PDB_ins_code 
_struct_sheet_range.end_label_comp_id 
_struct_sheet_range.end_label_asym_id 
_struct_sheet_range.end_label_seq_id 
_struct_sheet_range.pdbx_end_PDB_ins_code 
_struct_sheet_range.beg_auth_comp_id 
_struct_sheet_range.beg_auth_asym_id 
_struct_sheet_range.beg_auth_seq_id 
_struct_sheet_range.end_auth_comp_id 
_struct_sheet_range.end_auth_asym_id 
_struct_sheet_range.end_auth_seq_id 
A 1 GLN A 39  ? LEU A 44  ? GLN A 464 LEU A 469 
A 2 GLY A 28  ? THR A 34  ? GLY A 453 THR A 459 
A 3 GLU A 13  ? ALA A 21  ? GLU A 438 ALA A 446 
A 4 GLU A 67  ? THR A 72  ? GLU A 492 THR A 497 
A 5 LYS A 119 ? TRP A 124 ? LYS A 530 TRP A 535 
# 
loop_
_pdbx_struct_sheet_hbond.sheet_id 
_pdbx_struct_sheet_hbond.range_id_1 
_pdbx_struct_sheet_hbond.range_id_2 
_pdbx_struct_sheet_hbond.range_1_label_atom_id 
_pdbx_struct_sheet_hbond.range_1_label_comp_id 
_pdbx_struct_sheet_hbond.range_1_label_asym_id 
_pdbx_struct_sheet_hbond.range_1_label_seq_id 
_pdbx_struct_sheet_hbond.range_1_PDB_ins_code 
_pdbx_struct_sheet_hbond.range_1_auth_atom_id 
_pdbx_struct_sheet_hbond.range_1_auth_comp_id 
_pdbx_struct_sheet_hbond.range_1_auth_asym_id 
_pdbx_struct_sheet_hbond.range_1_auth_seq_id 
_pdbx_struct_sheet_hbond.range_2_label_atom_id 
_pdbx_struct_sheet_hbond.range_2_label_comp_id 
_pdbx_struct_sheet_hbond.range_2_label_asym_id 
_pdbx_struct_sheet_hbond.range_2_label_seq_id 
_pdbx_struct_sheet_hbond.range_2_PDB_ins_code 
_pdbx_struct_sheet_hbond.range_2_auth_atom_id 
_pdbx_struct_sheet_hbond.range_2_auth_comp_id 
_pdbx_struct_sheet_hbond.range_2_auth_asym_id 
_pdbx_struct_sheet_hbond.range_2_auth_seq_id 
A 1 2 O LEU A 44 ? O LEU A 469 N GLY A 28  ? N GLY A 453 
A 2 3 O VAL A 33 ? O VAL A 458 N TYR A 16  ? N TYR A 441 
A 3 4 N PHE A 15 ? N PHE A 440 O VAL A 71  ? O VAL A 496 
A 4 5 N ILE A 70 ? N ILE A 495 O TYR A 121 ? O TYR A 532 
# 
loop_
_struct_site.id 
_struct_site.pdbx_evidence_code 
_struct_site.pdbx_auth_asym_id 
_struct_site.pdbx_auth_comp_id 
_struct_site.pdbx_auth_seq_id 
_struct_site.pdbx_auth_ins_code 
_struct_site.pdbx_num_residues 
_struct_site.details 
AC1 Software A MN  601 ? 5  'BINDING SITE FOR RESIDUE MN A 601'  
AC2 Software A MN  602 ? 6  'BINDING SITE FOR RESIDUE MN A 602'  
AC3 Software A ACT 650 ? 4  'BINDING SITE FOR RESIDUE ACT A 650' 
AC4 Software A GOL 698 ? 6  'BINDING SITE FOR RESIDUE GOL A 698' 
AC5 Software A GOL 699 ? 5  'BINDING SITE FOR RESIDUE GOL A 699' 
AC6 Software A ON1 701 ? 16 'BINDING SITE FOR RESIDUE ON1 A 701' 
# 
loop_
_struct_site_gen.id 
_struct_site_gen.site_id 
_struct_site_gen.pdbx_num_res 
_struct_site_gen.label_comp_id 
_struct_site_gen.label_asym_id 
_struct_site_gen.label_seq_id 
_struct_site_gen.pdbx_auth_ins_code 
_struct_site_gen.auth_comp_id 
_struct_site_gen.auth_asym_id 
_struct_site_gen.auth_seq_id 
_struct_site_gen.label_atom_id 
_struct_site_gen.label_alt_id 
_struct_site_gen.symmetry 
_struct_site_gen.details 
1  AC1 5  ASP A 18  ? ASP A 443 . ? 1_555 ? 
2  AC1 5  GLU A 53  ? GLU A 478 . ? 1_555 ? 
3  AC1 5  ASP A 73  ? ASP A 498 . ? 1_555 ? 
4  AC1 5  MN  C .   ? MN  A 602 . ? 1_555 ? 
5  AC1 5  ON1 G .   ? ON1 A 701 . ? 1_555 ? 
6  AC2 6  ASP A 18  ? ASP A 443 . ? 1_555 ? 
7  AC2 6  ASP A 138 ? ASP A 549 . ? 1_555 ? 
8  AC2 6  MN  B .   ? MN  A 601 . ? 1_555 ? 
9  AC2 6  HOH H .   ? HOH A 603 . ? 1_555 ? 
10 AC2 6  HOH H .   ? HOH A 604 . ? 1_555 ? 
11 AC2 6  ON1 G .   ? ON1 A 701 . ? 1_555 ? 
12 AC3 4  HOH H .   ? HOH A 166 . ? 1_555 ? 
13 AC3 4  TYR A 16  ? TYR A 441 . ? 1_555 ? 
14 AC3 4  GLY A 133 ? GLY A 544 . ? 1_555 ? 
15 AC3 4  GLN A 136 ? GLN A 547 . ? 1_555 ? 
16 AC4 6  HOH H .   ? HOH A 10  . ? 1_555 ? 
17 AC4 6  HOH H .   ? HOH A 33  . ? 1_555 ? 
18 AC4 6  HOH H .   ? HOH A 180 . ? 1_555 ? 
19 AC4 6  HOH H .   ? HOH A 184 . ? 1_555 ? 
20 AC4 6  ARG A 36  ? ARG A 461 . ? 1_555 ? 
21 AC4 6  GLY A 65  ? GLY A 490 . ? 1_555 ? 
22 AC5 5  HOH H .   ? HOH A 182 . ? 1_555 ? 
23 AC5 5  ARG A 23  ? ARG A 448 . ? 8_565 ? 
24 AC5 5  THR A 48  ? THR A 473 . ? 1_555 ? 
25 AC5 5  ASN A 49  ? ASN A 474 . ? 1_555 ? 
26 AC5 5  GLN A 50  ? GLN A 475 . ? 1_555 ? 
27 AC6 16 HOH H .   ? HOH A 4   . ? 1_555 ? 
28 AC6 16 HOH H .   ? HOH A 7   . ? 1_555 ? 
29 AC6 16 HOH H .   ? HOH A 15  . ? 1_555 ? 
30 AC6 16 HOH H .   ? HOH A 41  . ? 1_555 ? 
31 AC6 16 ASP A 18  ? ASP A 443 . ? 1_555 ? 
32 AC6 16 GLU A 53  ? GLU A 478 . ? 1_555 ? 
33 AC6 16 ASP A 73  ? ASP A 498 . ? 1_555 ? 
34 AC6 16 GLN A 75  ? GLN A 500 . ? 8_565 ? 
35 AC6 16 ALA A 127 ? ALA A 538 . ? 1_555 ? 
36 AC6 16 HIS A 128 ? HIS A 539 . ? 1_555 ? 
37 AC6 16 ASP A 138 ? ASP A 549 . ? 1_555 ? 
38 AC6 16 ARG A 146 ? ARG A 557 . ? 1_555 ? 
39 AC6 16 MN  B .   ? MN  A 601 . ? 1_555 ? 
40 AC6 16 MN  C .   ? MN  A 602 . ? 1_555 ? 
41 AC6 16 HOH H .   ? HOH A 603 . ? 1_555 ? 
42 AC6 16 HOH H .   ? HOH A 604 . ? 1_555 ? 
# 
loop_
_pdbx_validate_symm_contact.id 
_pdbx_validate_symm_contact.PDB_model_num 
_pdbx_validate_symm_contact.auth_atom_id_1 
_pdbx_validate_symm_contact.auth_asym_id_1 
_pdbx_validate_symm_contact.auth_comp_id_1 
_pdbx_validate_symm_contact.auth_seq_id_1 
_pdbx_validate_symm_contact.PDB_ins_code_1 
_pdbx_validate_symm_contact.label_alt_id_1 
_pdbx_validate_symm_contact.site_symmetry_1 
_pdbx_validate_symm_contact.auth_atom_id_2 
_pdbx_validate_symm_contact.auth_asym_id_2 
_pdbx_validate_symm_contact.auth_comp_id_2 
_pdbx_validate_symm_contact.auth_seq_id_2 
_pdbx_validate_symm_contact.PDB_ins_code_2 
_pdbx_validate_symm_contact.label_alt_id_2 
_pdbx_validate_symm_contact.site_symmetry_2 
_pdbx_validate_symm_contact.dist 
1 1 NE1 A TRP 85  ? ? 1_555 NE1 A TRP 85  ? ? 7_555 1.94 
2 1 O   A HOH 176 ? ? 1_555 O   A HOH 176 ? ? 6_565 2.09 
# 
_pdbx_validate_torsion.id              1 
_pdbx_validate_torsion.PDB_model_num   1 
_pdbx_validate_torsion.auth_comp_id    LYS 
_pdbx_validate_torsion.auth_asym_id    A 
_pdbx_validate_torsion.auth_seq_id     558 
_pdbx_validate_torsion.PDB_ins_code    ? 
_pdbx_validate_torsion.label_alt_id    ? 
_pdbx_validate_torsion.phi             -47.06 
_pdbx_validate_torsion.psi             -79.29 
# 
loop_
_pdbx_struct_special_symmetry.id 
_pdbx_struct_special_symmetry.PDB_model_num 
_pdbx_struct_special_symmetry.auth_asym_id 
_pdbx_struct_special_symmetry.auth_comp_id 
_pdbx_struct_special_symmetry.auth_seq_id 
_pdbx_struct_special_symmetry.PDB_ins_code 
_pdbx_struct_special_symmetry.label_asym_id 
_pdbx_struct_special_symmetry.label_comp_id 
_pdbx_struct_special_symmetry.label_seq_id 
1 1 A HOH 116 ? H HOH . 
2 1 A HOH 606 ? H HOH . 
3 1 A HOH 608 ? H HOH . 
4 1 A HOH 609 ? H HOH . 
# 
loop_
_pdbx_unobs_or_zero_occ_residues.id 
_pdbx_unobs_or_zero_occ_residues.PDB_model_num 
_pdbx_unobs_or_zero_occ_residues.polymer_flag 
_pdbx_unobs_or_zero_occ_residues.occupancy_flag 
_pdbx_unobs_or_zero_occ_residues.auth_asym_id 
_pdbx_unobs_or_zero_occ_residues.auth_comp_id 
_pdbx_unobs_or_zero_occ_residues.auth_seq_id 
_pdbx_unobs_or_zero_occ_residues.PDB_ins_code 
_pdbx_unobs_or_zero_occ_residues.label_asym_id 
_pdbx_unobs_or_zero_occ_residues.label_comp_id 
_pdbx_unobs_or_zero_occ_residues.label_seq_id 
1 1 Y 1 A LYS 91  ? A LYS 94  
2 1 Y 1 A THR 92  ? A THR 95  
3 1 Y 1 A ALA 93  ? A ALA 96  
4 1 Y 1 A ASP 94  ? A ASP 97  
5 1 Y 1 A LYS 95  ? A LYS 98  
6 1 Y 1 A LYS 96  ? A LYS 99  
7 1 Y 1 A PHE 561 ? A PHE 150 
# 
loop_
_chem_comp_atom.comp_id 
_chem_comp_atom.atom_id 
_chem_comp_atom.type_symbol 
_chem_comp_atom.pdbx_aromatic_flag 
_chem_comp_atom.pdbx_stereo_config 
_chem_comp_atom.pdbx_ordinal 
ACT C    C  N N 1   
ACT O    O  N N 2   
ACT OXT  O  N N 3   
ACT CH3  C  N N 4   
ACT H1   H  N N 5   
ACT H2   H  N N 6   
ACT H3   H  N N 7   
ALA N    N  N N 8   
ALA CA   C  N S 9   
ALA C    C  N N 10  
ALA O    O  N N 11  
ALA CB   C  N N 12  
ALA OXT  O  N N 13  
ALA H    H  N N 14  
ALA H2   H  N N 15  
ALA HA   H  N N 16  
ALA HB1  H  N N 17  
ALA HB2  H  N N 18  
ALA HB3  H  N N 19  
ALA HXT  H  N N 20  
ARG N    N  N N 21  
ARG CA   C  N S 22  
ARG C    C  N N 23  
ARG O    O  N N 24  
ARG CB   C  N N 25  
ARG CG   C  N N 26  
ARG CD   C  N N 27  
ARG NE   N  N N 28  
ARG CZ   C  N N 29  
ARG NH1  N  N N 30  
ARG NH2  N  N N 31  
ARG OXT  O  N N 32  
ARG H    H  N N 33  
ARG H2   H  N N 34  
ARG HA   H  N N 35  
ARG HB2  H  N N 36  
ARG HB3  H  N N 37  
ARG HG2  H  N N 38  
ARG HG3  H  N N 39  
ARG HD2  H  N N 40  
ARG HD3  H  N N 41  
ARG HE   H  N N 42  
ARG HH11 H  N N 43  
ARG HH12 H  N N 44  
ARG HH21 H  N N 45  
ARG HH22 H  N N 46  
ARG HXT  H  N N 47  
ASN N    N  N N 48  
ASN CA   C  N S 49  
ASN C    C  N N 50  
ASN O    O  N N 51  
ASN CB   C  N N 52  
ASN CG   C  N N 53  
ASN OD1  O  N N 54  
ASN ND2  N  N N 55  
ASN OXT  O  N N 56  
ASN H    H  N N 57  
ASN H2   H  N N 58  
ASN HA   H  N N 59  
ASN HB2  H  N N 60  
ASN HB3  H  N N 61  
ASN HD21 H  N N 62  
ASN HD22 H  N N 63  
ASN HXT  H  N N 64  
ASP N    N  N N 65  
ASP CA   C  N S 66  
ASP C    C  N N 67  
ASP O    O  N N 68  
ASP CB   C  N N 69  
ASP CG   C  N N 70  
ASP OD1  O  N N 71  
ASP OD2  O  N N 72  
ASP OXT  O  N N 73  
ASP H    H  N N 74  
ASP H2   H  N N 75  
ASP HA   H  N N 76  
ASP HB2  H  N N 77  
ASP HB3  H  N N 78  
ASP HD2  H  N N 79  
ASP HXT  H  N N 80  
GLN N    N  N N 81  
GLN CA   C  N S 82  
GLN C    C  N N 83  
GLN O    O  N N 84  
GLN CB   C  N N 85  
GLN CG   C  N N 86  
GLN CD   C  N N 87  
GLN OE1  O  N N 88  
GLN NE2  N  N N 89  
GLN OXT  O  N N 90  
GLN H    H  N N 91  
GLN H2   H  N N 92  
GLN HA   H  N N 93  
GLN HB2  H  N N 94  
GLN HB3  H  N N 95  
GLN HG2  H  N N 96  
GLN HG3  H  N N 97  
GLN HE21 H  N N 98  
GLN HE22 H  N N 99  
GLN HXT  H  N N 100 
GLU N    N  N N 101 
GLU CA   C  N S 102 
GLU C    C  N N 103 
GLU O    O  N N 104 
GLU CB   C  N N 105 
GLU CG   C  N N 106 
GLU CD   C  N N 107 
GLU OE1  O  N N 108 
GLU OE2  O  N N 109 
GLU OXT  O  N N 110 
GLU H    H  N N 111 
GLU H2   H  N N 112 
GLU HA   H  N N 113 
GLU HB2  H  N N 114 
GLU HB3  H  N N 115 
GLU HG2  H  N N 116 
GLU HG3  H  N N 117 
GLU HE2  H  N N 118 
GLU HXT  H  N N 119 
GLY N    N  N N 120 
GLY CA   C  N N 121 
GLY C    C  N N 122 
GLY O    O  N N 123 
GLY OXT  O  N N 124 
GLY H    H  N N 125 
GLY H2   H  N N 126 
GLY HA2  H  N N 127 
GLY HA3  H  N N 128 
GLY HXT  H  N N 129 
GOL C1   C  N N 130 
GOL O1   O  N N 131 
GOL C2   C  N N 132 
GOL O2   O  N N 133 
GOL C3   C  N N 134 
GOL O3   O  N N 135 
GOL H11  H  N N 136 
GOL H12  H  N N 137 
GOL HO1  H  N N 138 
GOL H2   H  N N 139 
GOL HO2  H  N N 140 
GOL H31  H  N N 141 
GOL H32  H  N N 142 
GOL HO3  H  N N 143 
HIS N    N  N N 144 
HIS CA   C  N S 145 
HIS C    C  N N 146 
HIS O    O  N N 147 
HIS CB   C  N N 148 
HIS CG   C  Y N 149 
HIS ND1  N  Y N 150 
HIS CD2  C  Y N 151 
HIS CE1  C  Y N 152 
HIS NE2  N  Y N 153 
HIS OXT  O  N N 154 
HIS H    H  N N 155 
HIS H2   H  N N 156 
HIS HA   H  N N 157 
HIS HB2  H  N N 158 
HIS HB3  H  N N 159 
HIS HD1  H  N N 160 
HIS HD2  H  N N 161 
HIS HE1  H  N N 162 
HIS HE2  H  N N 163 
HIS HXT  H  N N 164 
HOH O    O  N N 165 
HOH H1   H  N N 166 
HOH H2   H  N N 167 
ILE N    N  N N 168 
ILE CA   C  N S 169 
ILE C    C  N N 170 
ILE O    O  N N 171 
ILE CB   C  N S 172 
ILE CG1  C  N N 173 
ILE CG2  C  N N 174 
ILE CD1  C  N N 175 
ILE OXT  O  N N 176 
ILE H    H  N N 177 
ILE H2   H  N N 178 
ILE HA   H  N N 179 
ILE HB   H  N N 180 
ILE HG12 H  N N 181 
ILE HG13 H  N N 182 
ILE HG21 H  N N 183 
ILE HG22 H  N N 184 
ILE HG23 H  N N 185 
ILE HD11 H  N N 186 
ILE HD12 H  N N 187 
ILE HD13 H  N N 188 
ILE HXT  H  N N 189 
LEU N    N  N N 190 
LEU CA   C  N S 191 
LEU C    C  N N 192 
LEU O    O  N N 193 
LEU CB   C  N N 194 
LEU CG   C  N N 195 
LEU CD1  C  N N 196 
LEU CD2  C  N N 197 
LEU OXT  O  N N 198 
LEU H    H  N N 199 
LEU H2   H  N N 200 
LEU HA   H  N N 201 
LEU HB2  H  N N 202 
LEU HB3  H  N N 203 
LEU HG   H  N N 204 
LEU HD11 H  N N 205 
LEU HD12 H  N N 206 
LEU HD13 H  N N 207 
LEU HD21 H  N N 208 
LEU HD22 H  N N 209 
LEU HD23 H  N N 210 
LEU HXT  H  N N 211 
LYS N    N  N N 212 
LYS CA   C  N S 213 
LYS C    C  N N 214 
LYS O    O  N N 215 
LYS CB   C  N N 216 
LYS CG   C  N N 217 
LYS CD   C  N N 218 
LYS CE   C  N N 219 
LYS NZ   N  N N 220 
LYS OXT  O  N N 221 
LYS H    H  N N 222 
LYS H2   H  N N 223 
LYS HA   H  N N 224 
LYS HB2  H  N N 225 
LYS HB3  H  N N 226 
LYS HG2  H  N N 227 
LYS HG3  H  N N 228 
LYS HD2  H  N N 229 
LYS HD3  H  N N 230 
LYS HE2  H  N N 231 
LYS HE3  H  N N 232 
LYS HZ1  H  N N 233 
LYS HZ2  H  N N 234 
LYS HZ3  H  N N 235 
LYS HXT  H  N N 236 
MET N    N  N N 237 
MET CA   C  N S 238 
MET C    C  N N 239 
MET O    O  N N 240 
MET CB   C  N N 241 
MET CG   C  N N 242 
MET SD   S  N N 243 
MET CE   C  N N 244 
MET OXT  O  N N 245 
MET H    H  N N 246 
MET H2   H  N N 247 
MET HA   H  N N 248 
MET HB2  H  N N 249 
MET HB3  H  N N 250 
MET HG2  H  N N 251 
MET HG3  H  N N 252 
MET HE1  H  N N 253 
MET HE2  H  N N 254 
MET HE3  H  N N 255 
MET HXT  H  N N 256 
MN  MN   MN N N 257 
ON1 C1   C  Y N 258 
ON1 N1   N  Y N 259 
ON1 O1   O  N N 260 
ON1 CL1  CL N N 261 
ON1 C2   C  Y N 262 
ON1 N2   N  Y N 263 
ON1 O2   O  N N 264 
ON1 CL2  CL N N 265 
ON1 C3   C  Y N 266 
ON1 O3   O  N N 267 
ON1 C4   C  Y N 268 
ON1 O4   O  N N 269 
ON1 C5   C  Y N 270 
ON1 C6   C  Y N 271 
ON1 C7   C  N N 272 
ON1 C8   C  Y N 273 
ON1 C9   C  Y N 274 
ON1 C10  C  Y N 275 
ON1 C11  C  Y N 276 
ON1 C12  C  N N 277 
ON1 H1   H  N N 278 
ON1 HO3  H  N N 279 
ON1 H4   H  N N 280 
ON1 H5   H  N N 281 
ON1 H7   H  N N 282 
ON1 H7A  H  N N 283 
ON1 H71  H  N N 284 
ON1 H8   H  N N 285 
PHE N    N  N N 286 
PHE CA   C  N S 287 
PHE C    C  N N 288 
PHE O    O  N N 289 
PHE CB   C  N N 290 
PHE CG   C  Y N 291 
PHE CD1  C  Y N 292 
PHE CD2  C  Y N 293 
PHE CE1  C  Y N 294 
PHE CE2  C  Y N 295 
PHE CZ   C  Y N 296 
PHE OXT  O  N N 297 
PHE H    H  N N 298 
PHE H2   H  N N 299 
PHE HA   H  N N 300 
PHE HB2  H  N N 301 
PHE HB3  H  N N 302 
PHE HD1  H  N N 303 
PHE HD2  H  N N 304 
PHE HE1  H  N N 305 
PHE HE2  H  N N 306 
PHE HZ   H  N N 307 
PHE HXT  H  N N 308 
PRO N    N  N N 309 
PRO CA   C  N S 310 
PRO C    C  N N 311 
PRO O    O  N N 312 
PRO CB   C  N N 313 
PRO CG   C  N N 314 
PRO CD   C  N N 315 
PRO OXT  O  N N 316 
PRO H    H  N N 317 
PRO HA   H  N N 318 
PRO HB2  H  N N 319 
PRO HB3  H  N N 320 
PRO HG2  H  N N 321 
PRO HG3  H  N N 322 
PRO HD2  H  N N 323 
PRO HD3  H  N N 324 
PRO HXT  H  N N 325 
SER N    N  N N 326 
SER CA   C  N S 327 
SER C    C  N N 328 
SER O    O  N N 329 
SER CB   C  N N 330 
SER OG   O  N N 331 
SER OXT  O  N N 332 
SER H    H  N N 333 
SER H2   H  N N 334 
SER HA   H  N N 335 
SER HB2  H  N N 336 
SER HB3  H  N N 337 
SER HG   H  N N 338 
SER HXT  H  N N 339 
THR N    N  N N 340 
THR CA   C  N S 341 
THR C    C  N N 342 
THR O    O  N N 343 
THR CB   C  N R 344 
THR OG1  O  N N 345 
THR CG2  C  N N 346 
THR OXT  O  N N 347 
THR H    H  N N 348 
THR H2   H  N N 349 
THR HA   H  N N 350 
THR HB   H  N N 351 
THR HG1  H  N N 352 
THR HG21 H  N N 353 
THR HG22 H  N N 354 
THR HG23 H  N N 355 
THR HXT  H  N N 356 
TRP N    N  N N 357 
TRP CA   C  N S 358 
TRP C    C  N N 359 
TRP O    O  N N 360 
TRP CB   C  N N 361 
TRP CG   C  Y N 362 
TRP CD1  C  Y N 363 
TRP CD2  C  Y N 364 
TRP NE1  N  Y N 365 
TRP CE2  C  Y N 366 
TRP CE3  C  Y N 367 
TRP CZ2  C  Y N 368 
TRP CZ3  C  Y N 369 
TRP CH2  C  Y N 370 
TRP OXT  O  N N 371 
TRP H    H  N N 372 
TRP H2   H  N N 373 
TRP HA   H  N N 374 
TRP HB2  H  N N 375 
TRP HB3  H  N N 376 
TRP HD1  H  N N 377 
TRP HE1  H  N N 378 
TRP HE3  H  N N 379 
TRP HZ2  H  N N 380 
TRP HZ3  H  N N 381 
TRP HH2  H  N N 382 
TRP HXT  H  N N 383 
TYR N    N  N N 384 
TYR CA   C  N S 385 
TYR C    C  N N 386 
TYR O    O  N N 387 
TYR CB   C  N N 388 
TYR CG   C  Y N 389 
TYR CD1  C  Y N 390 
TYR CD2  C  Y N 391 
TYR CE1  C  Y N 392 
TYR CE2  C  Y N 393 
TYR CZ   C  Y N 394 
TYR OH   O  N N 395 
TYR OXT  O  N N 396 
TYR H    H  N N 397 
TYR H2   H  N N 398 
TYR HA   H  N N 399 
TYR HB2  H  N N 400 
TYR HB3  H  N N 401 
TYR HD1  H  N N 402 
TYR HD2  H  N N 403 
TYR HE1  H  N N 404 
TYR HE2  H  N N 405 
TYR HH   H  N N 406 
TYR HXT  H  N N 407 
VAL N    N  N N 408 
VAL CA   C  N S 409 
VAL C    C  N N 410 
VAL O    O  N N 411 
VAL CB   C  N N 412 
VAL CG1  C  N N 413 
VAL CG2  C  N N 414 
VAL OXT  O  N N 415 
VAL H    H  N N 416 
VAL H2   H  N N 417 
VAL HA   H  N N 418 
VAL HB   H  N N 419 
VAL HG11 H  N N 420 
VAL HG12 H  N N 421 
VAL HG13 H  N N 422 
VAL HG21 H  N N 423 
VAL HG22 H  N N 424 
VAL HG23 H  N N 425 
VAL HXT  H  N N 426 
# 
loop_
_chem_comp_bond.comp_id 
_chem_comp_bond.atom_id_1 
_chem_comp_bond.atom_id_2 
_chem_comp_bond.value_order 
_chem_comp_bond.pdbx_aromatic_flag 
_chem_comp_bond.pdbx_stereo_config 
_chem_comp_bond.pdbx_ordinal 
ACT C   O    doub N N 1   
ACT C   OXT  sing N N 2   
ACT C   CH3  sing N N 3   
ACT CH3 H1   sing N N 4   
ACT CH3 H2   sing N N 5   
ACT CH3 H3   sing N N 6   
ALA N   CA   sing N N 7   
ALA N   H    sing N N 8   
ALA N   H2   sing N N 9   
ALA CA  C    sing N N 10  
ALA CA  CB   sing N N 11  
ALA CA  HA   sing N N 12  
ALA C   O    doub N N 13  
ALA C   OXT  sing N N 14  
ALA CB  HB1  sing N N 15  
ALA CB  HB2  sing N N 16  
ALA CB  HB3  sing N N 17  
ALA OXT HXT  sing N N 18  
ARG N   CA   sing N N 19  
ARG N   H    sing N N 20  
ARG N   H2   sing N N 21  
ARG CA  C    sing N N 22  
ARG CA  CB   sing N N 23  
ARG CA  HA   sing N N 24  
ARG C   O    doub N N 25  
ARG C   OXT  sing N N 26  
ARG CB  CG   sing N N 27  
ARG CB  HB2  sing N N 28  
ARG CB  HB3  sing N N 29  
ARG CG  CD   sing N N 30  
ARG CG  HG2  sing N N 31  
ARG CG  HG3  sing N N 32  
ARG CD  NE   sing N N 33  
ARG CD  HD2  sing N N 34  
ARG CD  HD3  sing N N 35  
ARG NE  CZ   sing N N 36  
ARG NE  HE   sing N N 37  
ARG CZ  NH1  sing N N 38  
ARG CZ  NH2  doub N N 39  
ARG NH1 HH11 sing N N 40  
ARG NH1 HH12 sing N N 41  
ARG NH2 HH21 sing N N 42  
ARG NH2 HH22 sing N N 43  
ARG OXT HXT  sing N N 44  
ASN N   CA   sing N N 45  
ASN N   H    sing N N 46  
ASN N   H2   sing N N 47  
ASN CA  C    sing N N 48  
ASN CA  CB   sing N N 49  
ASN CA  HA   sing N N 50  
ASN C   O    doub N N 51  
ASN C   OXT  sing N N 52  
ASN CB  CG   sing N N 53  
ASN CB  HB2  sing N N 54  
ASN CB  HB3  sing N N 55  
ASN CG  OD1  doub N N 56  
ASN CG  ND2  sing N N 57  
ASN ND2 HD21 sing N N 58  
ASN ND2 HD22 sing N N 59  
ASN OXT HXT  sing N N 60  
ASP N   CA   sing N N 61  
ASP N   H    sing N N 62  
ASP N   H2   sing N N 63  
ASP CA  C    sing N N 64  
ASP CA  CB   sing N N 65  
ASP CA  HA   sing N N 66  
ASP C   O    doub N N 67  
ASP C   OXT  sing N N 68  
ASP CB  CG   sing N N 69  
ASP CB  HB2  sing N N 70  
ASP CB  HB3  sing N N 71  
ASP CG  OD1  doub N N 72  
ASP CG  OD2  sing N N 73  
ASP OD2 HD2  sing N N 74  
ASP OXT HXT  sing N N 75  
GLN N   CA   sing N N 76  
GLN N   H    sing N N 77  
GLN N   H2   sing N N 78  
GLN CA  C    sing N N 79  
GLN CA  CB   sing N N 80  
GLN CA  HA   sing N N 81  
GLN C   O    doub N N 82  
GLN C   OXT  sing N N 83  
GLN CB  CG   sing N N 84  
GLN CB  HB2  sing N N 85  
GLN CB  HB3  sing N N 86  
GLN CG  CD   sing N N 87  
GLN CG  HG2  sing N N 88  
GLN CG  HG3  sing N N 89  
GLN CD  OE1  doub N N 90  
GLN CD  NE2  sing N N 91  
GLN NE2 HE21 sing N N 92  
GLN NE2 HE22 sing N N 93  
GLN OXT HXT  sing N N 94  
GLU N   CA   sing N N 95  
GLU N   H    sing N N 96  
GLU N   H2   sing N N 97  
GLU CA  C    sing N N 98  
GLU CA  CB   sing N N 99  
GLU CA  HA   sing N N 100 
GLU C   O    doub N N 101 
GLU C   OXT  sing N N 102 
GLU CB  CG   sing N N 103 
GLU CB  HB2  sing N N 104 
GLU CB  HB3  sing N N 105 
GLU CG  CD   sing N N 106 
GLU CG  HG2  sing N N 107 
GLU CG  HG3  sing N N 108 
GLU CD  OE1  doub N N 109 
GLU CD  OE2  sing N N 110 
GLU OE2 HE2  sing N N 111 
GLU OXT HXT  sing N N 112 
GLY N   CA   sing N N 113 
GLY N   H    sing N N 114 
GLY N   H2   sing N N 115 
GLY CA  C    sing N N 116 
GLY CA  HA2  sing N N 117 
GLY CA  HA3  sing N N 118 
GLY C   O    doub N N 119 
GLY C   OXT  sing N N 120 
GLY OXT HXT  sing N N 121 
GOL C1  O1   sing N N 122 
GOL C1  C2   sing N N 123 
GOL C1  H11  sing N N 124 
GOL C1  H12  sing N N 125 
GOL O1  HO1  sing N N 126 
GOL C2  O2   sing N N 127 
GOL C2  C3   sing N N 128 
GOL C2  H2   sing N N 129 
GOL O2  HO2  sing N N 130 
GOL C3  O3   sing N N 131 
GOL C3  H31  sing N N 132 
GOL C3  H32  sing N N 133 
GOL O3  HO3  sing N N 134 
HIS N   CA   sing N N 135 
HIS N   H    sing N N 136 
HIS N   H2   sing N N 137 
HIS CA  C    sing N N 138 
HIS CA  CB   sing N N 139 
HIS CA  HA   sing N N 140 
HIS C   O    doub N N 141 
HIS C   OXT  sing N N 142 
HIS CB  CG   sing N N 143 
HIS CB  HB2  sing N N 144 
HIS CB  HB3  sing N N 145 
HIS CG  ND1  sing Y N 146 
HIS CG  CD2  doub Y N 147 
HIS ND1 CE1  doub Y N 148 
HIS ND1 HD1  sing N N 149 
HIS CD2 NE2  sing Y N 150 
HIS CD2 HD2  sing N N 151 
HIS CE1 NE2  sing Y N 152 
HIS CE1 HE1  sing N N 153 
HIS NE2 HE2  sing N N 154 
HIS OXT HXT  sing N N 155 
HOH O   H1   sing N N 156 
HOH O   H2   sing N N 157 
ILE N   CA   sing N N 158 
ILE N   H    sing N N 159 
ILE N   H2   sing N N 160 
ILE CA  C    sing N N 161 
ILE CA  CB   sing N N 162 
ILE CA  HA   sing N N 163 
ILE C   O    doub N N 164 
ILE C   OXT  sing N N 165 
ILE CB  CG1  sing N N 166 
ILE CB  CG2  sing N N 167 
ILE CB  HB   sing N N 168 
ILE CG1 CD1  sing N N 169 
ILE CG1 HG12 sing N N 170 
ILE CG1 HG13 sing N N 171 
ILE CG2 HG21 sing N N 172 
ILE CG2 HG22 sing N N 173 
ILE CG2 HG23 sing N N 174 
ILE CD1 HD11 sing N N 175 
ILE CD1 HD12 sing N N 176 
ILE CD1 HD13 sing N N 177 
ILE OXT HXT  sing N N 178 
LEU N   CA   sing N N 179 
LEU N   H    sing N N 180 
LEU N   H2   sing N N 181 
LEU CA  C    sing N N 182 
LEU CA  CB   sing N N 183 
LEU CA  HA   sing N N 184 
LEU C   O    doub N N 185 
LEU C   OXT  sing N N 186 
LEU CB  CG   sing N N 187 
LEU CB  HB2  sing N N 188 
LEU CB  HB3  sing N N 189 
LEU CG  CD1  sing N N 190 
LEU CG  CD2  sing N N 191 
LEU CG  HG   sing N N 192 
LEU CD1 HD11 sing N N 193 
LEU CD1 HD12 sing N N 194 
LEU CD1 HD13 sing N N 195 
LEU CD2 HD21 sing N N 196 
LEU CD2 HD22 sing N N 197 
LEU CD2 HD23 sing N N 198 
LEU OXT HXT  sing N N 199 
LYS N   CA   sing N N 200 
LYS N   H    sing N N 201 
LYS N   H2   sing N N 202 
LYS CA  C    sing N N 203 
LYS CA  CB   sing N N 204 
LYS CA  HA   sing N N 205 
LYS C   O    doub N N 206 
LYS C   OXT  sing N N 207 
LYS CB  CG   sing N N 208 
LYS CB  HB2  sing N N 209 
LYS CB  HB3  sing N N 210 
LYS CG  CD   sing N N 211 
LYS CG  HG2  sing N N 212 
LYS CG  HG3  sing N N 213 
LYS CD  CE   sing N N 214 
LYS CD  HD2  sing N N 215 
LYS CD  HD3  sing N N 216 
LYS CE  NZ   sing N N 217 
LYS CE  HE2  sing N N 218 
LYS CE  HE3  sing N N 219 
LYS NZ  HZ1  sing N N 220 
LYS NZ  HZ2  sing N N 221 
LYS NZ  HZ3  sing N N 222 
LYS OXT HXT  sing N N 223 
MET N   CA   sing N N 224 
MET N   H    sing N N 225 
MET N   H2   sing N N 226 
MET CA  C    sing N N 227 
MET CA  CB   sing N N 228 
MET CA  HA   sing N N 229 
MET C   O    doub N N 230 
MET C   OXT  sing N N 231 
MET CB  CG   sing N N 232 
MET CB  HB2  sing N N 233 
MET CB  HB3  sing N N 234 
MET CG  SD   sing N N 235 
MET CG  HG2  sing N N 236 
MET CG  HG3  sing N N 237 
MET SD  CE   sing N N 238 
MET CE  HE1  sing N N 239 
MET CE  HE2  sing N N 240 
MET CE  HE3  sing N N 241 
MET OXT HXT  sing N N 242 
ON1 C1  C2   sing Y N 243 
ON1 C1  H1   sing N N 244 
ON1 N1  C8   sing Y N 245 
ON1 O1  C10  sing N N 246 
ON1 C2  CL2  sing N N 247 
ON1 C3  CL1  sing N N 248 
ON1 C3  C2   doub Y N 249 
ON1 O3  HO3  sing N N 250 
ON1 C4  C3   sing Y N 251 
ON1 C4  H4   sing N N 252 
ON1 O4  C12  doub N N 253 
ON1 C5  C4   doub Y N 254 
ON1 C5  C6   sing Y N 255 
ON1 C5  H5   sing N N 256 
ON1 C6  C1   doub Y N 257 
ON1 C7  C6   sing N N 258 
ON1 C7  H7   sing N N 259 
ON1 C7  H7A  sing N N 260 
ON1 C8  N2   doub Y N 261 
ON1 C8  C7   sing N N 262 
ON1 C9  N1   doub Y N 263 
ON1 C9  C10  sing Y N 264 
ON1 C10 C11  doub Y N 265 
ON1 C11 N2   sing Y N 266 
ON1 C11 O2   sing N N 267 
ON1 C12 O3   sing N N 268 
ON1 C12 C9   sing N N 269 
ON1 O1  H71  sing N N 270 
ON1 O2  H8   sing N N 271 
PHE N   CA   sing N N 272 
PHE N   H    sing N N 273 
PHE N   H2   sing N N 274 
PHE CA  C    sing N N 275 
PHE CA  CB   sing N N 276 
PHE CA  HA   sing N N 277 
PHE C   O    doub N N 278 
PHE C   OXT  sing N N 279 
PHE CB  CG   sing N N 280 
PHE CB  HB2  sing N N 281 
PHE CB  HB3  sing N N 282 
PHE CG  CD1  doub Y N 283 
PHE CG  CD2  sing Y N 284 
PHE CD1 CE1  sing Y N 285 
PHE CD1 HD1  sing N N 286 
PHE CD2 CE2  doub Y N 287 
PHE CD2 HD2  sing N N 288 
PHE CE1 CZ   doub Y N 289 
PHE CE1 HE1  sing N N 290 
PHE CE2 CZ   sing Y N 291 
PHE CE2 HE2  sing N N 292 
PHE CZ  HZ   sing N N 293 
PHE OXT HXT  sing N N 294 
PRO N   CA   sing N N 295 
PRO N   CD   sing N N 296 
PRO N   H    sing N N 297 
PRO CA  C    sing N N 298 
PRO CA  CB   sing N N 299 
PRO CA  HA   sing N N 300 
PRO C   O    doub N N 301 
PRO C   OXT  sing N N 302 
PRO CB  CG   sing N N 303 
PRO CB  HB2  sing N N 304 
PRO CB  HB3  sing N N 305 
PRO CG  CD   sing N N 306 
PRO CG  HG2  sing N N 307 
PRO CG  HG3  sing N N 308 
PRO CD  HD2  sing N N 309 
PRO CD  HD3  sing N N 310 
PRO OXT HXT  sing N N 311 
SER N   CA   sing N N 312 
SER N   H    sing N N 313 
SER N   H2   sing N N 314 
SER CA  C    sing N N 315 
SER CA  CB   sing N N 316 
SER CA  HA   sing N N 317 
SER C   O    doub N N 318 
SER C   OXT  sing N N 319 
SER CB  OG   sing N N 320 
SER CB  HB2  sing N N 321 
SER CB  HB3  sing N N 322 
SER OG  HG   sing N N 323 
SER OXT HXT  sing N N 324 
THR N   CA   sing N N 325 
THR N   H    sing N N 326 
THR N   H2   sing N N 327 
THR CA  C    sing N N 328 
THR CA  CB   sing N N 329 
THR CA  HA   sing N N 330 
THR C   O    doub N N 331 
THR C   OXT  sing N N 332 
THR CB  OG1  sing N N 333 
THR CB  CG2  sing N N 334 
THR CB  HB   sing N N 335 
THR OG1 HG1  sing N N 336 
THR CG2 HG21 sing N N 337 
THR CG2 HG22 sing N N 338 
THR CG2 HG23 sing N N 339 
THR OXT HXT  sing N N 340 
TRP N   CA   sing N N 341 
TRP N   H    sing N N 342 
TRP N   H2   sing N N 343 
TRP CA  C    sing N N 344 
TRP CA  CB   sing N N 345 
TRP CA  HA   sing N N 346 
TRP C   O    doub N N 347 
TRP C   OXT  sing N N 348 
TRP CB  CG   sing N N 349 
TRP CB  HB2  sing N N 350 
TRP CB  HB3  sing N N 351 
TRP CG  CD1  doub Y N 352 
TRP CG  CD2  sing Y N 353 
TRP CD1 NE1  sing Y N 354 
TRP CD1 HD1  sing N N 355 
TRP CD2 CE2  doub Y N 356 
TRP CD2 CE3  sing Y N 357 
TRP NE1 CE2  sing Y N 358 
TRP NE1 HE1  sing N N 359 
TRP CE2 CZ2  sing Y N 360 
TRP CE3 CZ3  doub Y N 361 
TRP CE3 HE3  sing N N 362 
TRP CZ2 CH2  doub Y N 363 
TRP CZ2 HZ2  sing N N 364 
TRP CZ3 CH2  sing Y N 365 
TRP CZ3 HZ3  sing N N 366 
TRP CH2 HH2  sing N N 367 
TRP OXT HXT  sing N N 368 
TYR N   CA   sing N N 369 
TYR N   H    sing N N 370 
TYR N   H2   sing N N 371 
TYR CA  C    sing N N 372 
TYR CA  CB   sing N N 373 
TYR CA  HA   sing N N 374 
TYR C   O    doub N N 375 
TYR C   OXT  sing N N 376 
TYR CB  CG   sing N N 377 
TYR CB  HB2  sing N N 378 
TYR CB  HB3  sing N N 379 
TYR CG  CD1  doub Y N 380 
TYR CG  CD2  sing Y N 381 
TYR CD1 CE1  sing Y N 382 
TYR CD1 HD1  sing N N 383 
TYR CD2 CE2  doub Y N 384 
TYR CD2 HD2  sing N N 385 
TYR CE1 CZ   doub Y N 386 
TYR CE1 HE1  sing N N 387 
TYR CE2 CZ   sing Y N 388 
TYR CE2 HE2  sing N N 389 
TYR CZ  OH   sing N N 390 
TYR OH  HH   sing N N 391 
TYR OXT HXT  sing N N 392 
VAL N   CA   sing N N 393 
VAL N   H    sing N N 394 
VAL N   H2   sing N N 395 
VAL CA  C    sing N N 396 
VAL CA  CB   sing N N 397 
VAL CA  HA   sing N N 398 
VAL C   O    doub N N 399 
VAL C   OXT  sing N N 400 
VAL CB  CG1  sing N N 401 
VAL CB  CG2  sing N N 402 
VAL CB  HB   sing N N 403 
VAL CG1 HG11 sing N N 404 
VAL CG1 HG12 sing N N 405 
VAL CG1 HG13 sing N N 406 
VAL CG2 HG21 sing N N 407 
VAL CG2 HG22 sing N N 408 
VAL CG2 HG23 sing N N 409 
VAL OXT HXT  sing N N 410 
# 
_pdbx_initial_refinement_model.id               1 
_pdbx_initial_refinement_model.entity_id_list   ? 
_pdbx_initial_refinement_model.type             'experimental model' 
_pdbx_initial_refinement_model.source_name      PDB 
_pdbx_initial_refinement_model.accession_code   1HRH 
_pdbx_initial_refinement_model.details          'PDB code 1HRH' 
# 
_atom_sites.entry_id                    3HYF 
_atom_sites.fract_transf_matrix[1][1]   0.02471705 
_atom_sites.fract_transf_matrix[1][2]   -0.00425110 
_atom_sites.fract_transf_matrix[1][3]   -0.00221973 
_atom_sites.fract_transf_matrix[2][1]   -0.00194571 
_atom_sites.fract_transf_matrix[2][2]   -0.01086485 
_atom_sites.fract_transf_matrix[2][3]   -0.00085803 
_atom_sites.fract_transf_matrix[3][1]   -0.00064791 
_atom_sites.fract_transf_matrix[3][2]   0.00080799 
_atom_sites.fract_transf_matrix[3][3]   -0.00876200 
_atom_sites.fract_transf_vector[1]      0.127617 
_atom_sites.fract_transf_vector[2]      0.600819 
_atom_sites.fract_transf_vector[3]      0.159011 
# 
loop_
_atom_type.symbol 
C  
CL 
MN 
N  
O  
S  
# 
loop_
_atom_site.group_PDB 
_atom_site.id 
_atom_site.type_symbol 
_atom_site.label_atom_id 
_atom_site.label_alt_id 
_atom_site.label_comp_id 
_atom_site.label_asym_id 
_atom_site.label_entity_id 
_atom_site.label_seq_id 
_atom_site.pdbx_PDB_ins_code 
_atom_site.Cartn_x 
_atom_site.Cartn_y 
_atom_site.Cartn_z 
_atom_site.occupancy 
_atom_site.B_iso_or_equiv 
_atom_site.pdbx_formal_charge 
_atom_site.auth_seq_id 
_atom_site.auth_comp_id 
_atom_site.auth_asym_id 
_atom_site.auth_atom_id 
_atom_site.pdbx_PDB_model_num 
ATOM   1    N  N   . MET A 1 1   ? 9.556   -2.111  15.205  1.00 21.46 ? 426 MET A N   1 
ATOM   2    C  CA  . MET A 1 1   ? 10.324  -1.338  14.185  1.00 28.09 ? 426 MET A CA  1 
ATOM   3    C  C   . MET A 1 1   ? 10.180  0.153   14.482  1.00 23.36 ? 426 MET A C   1 
ATOM   4    O  O   . MET A 1 1   ? 9.092   0.617   14.805  1.00 23.45 ? 426 MET A O   1 
ATOM   5    C  CB  . MET A 1 1   ? 9.775   -1.648  12.788  1.00 25.34 ? 426 MET A CB  1 
ATOM   6    C  CG  . MET A 1 1   ? 10.616  -1.131  11.636  1.00 41.94 ? 426 MET A CG  1 
ATOM   7    S  SD  . MET A 1 1   ? 9.562   -0.500  10.318  1.00 46.41 ? 426 MET A SD  1 
ATOM   8    C  CE  . MET A 1 1   ? 8.698   0.805   11.263  1.00 29.87 ? 426 MET A CE  1 
ATOM   9    N  N   . TYR A 1 2   ? 11.271  0.906   14.381  1.00 24.22 ? 427 TYR A N   1 
ATOM   10   C  CA  . TYR A 1 2   ? 11.167  2.359   14.490  1.00 24.45 ? 427 TYR A CA  1 
ATOM   11   C  C   . TYR A 1 2   ? 11.732  3.070   13.265  1.00 23.82 ? 427 TYR A C   1 
ATOM   12   O  O   . TYR A 1 2   ? 11.569  4.277   13.115  1.00 30.35 ? 427 TYR A O   1 
ATOM   13   C  CB  . TYR A 1 2   ? 11.867  2.869   15.760  1.00 27.43 ? 427 TYR A CB  1 
ATOM   14   C  CG  . TYR A 1 2   ? 13.345  2.567   15.825  1.00 31.11 ? 427 TYR A CG  1 
ATOM   15   C  CD1 . TYR A 1 2   ? 14.287  3.511   15.430  1.00 44.02 ? 427 TYR A CD1 1 
ATOM   16   C  CD2 . TYR A 1 2   ? 13.801  1.338   16.280  1.00 22.95 ? 427 TYR A CD2 1 
ATOM   17   C  CE1 . TYR A 1 2   ? 15.643  3.236   15.489  1.00 39.44 ? 427 TYR A CE1 1 
ATOM   18   C  CE2 . TYR A 1 2   ? 15.154  1.054   16.342  1.00 32.17 ? 427 TYR A CE2 1 
ATOM   19   C  CZ  . TYR A 1 2   ? 16.069  2.006   15.946  1.00 41.68 ? 427 TYR A CZ  1 
ATOM   20   O  OH  . TYR A 1 2   ? 17.415  1.721   16.011  1.00 52.61 ? 427 TYR A OH  1 
ATOM   21   N  N   . GLN A 1 3   ? 12.396  2.322   12.389  1.00 21.61 ? 428 GLN A N   1 
ATOM   22   C  CA  . GLN A 1 3   ? 12.798  2.874   11.104  1.00 21.03 ? 428 GLN A CA  1 
ATOM   23   C  C   . GLN A 1 3   ? 12.656  1.859   9.981   1.00 20.67 ? 428 GLN A C   1 
ATOM   24   O  O   . GLN A 1 3   ? 12.801  0.654   10.195  1.00 24.44 ? 428 GLN A O   1 
ATOM   25   C  CB  . GLN A 1 3   ? 14.240  3.385   11.162  1.00 30.96 ? 428 GLN A CB  1 
ATOM   26   C  CG  . GLN A 1 3   ? 15.275  2.335   11.475  1.00 29.93 ? 428 GLN A CG  1 
ATOM   27   C  CD  . GLN A 1 3   ? 16.605  2.951   11.883  1.00 58.88 ? 428 GLN A CD  1 
ATOM   28   O  OE1 . GLN A 1 3   ? 17.436  2.306   12.523  1.00 39.15 ? 428 GLN A OE1 1 
ATOM   29   N  NE2 . GLN A 1 3   ? 16.810  4.210   11.515  1.00 39.76 ? 428 GLN A NE2 1 
ATOM   30   N  N   . LEU A 1 4   ? 12.365  2.358   8.787   1.00 21.20 ? 429 LEU A N   1 
ATOM   31   C  CA  . LEU A 1 4   ? 12.235  1.508   7.614   1.00 16.07 ? 429 LEU A CA  1 
ATOM   32   C  C   . LEU A 1 4   ? 13.599  1.026   7.133   1.00 20.71 ? 429 LEU A C   1 
ATOM   33   O  O   . LEU A 1 4   ? 14.607  1.724   7.295   1.00 20.43 ? 429 LEU A O   1 
ATOM   34   C  CB  . LEU A 1 4   ? 11.553  2.285   6.486   1.00 18.53 ? 429 LEU A CB  1 
ATOM   35   C  CG  . LEU A 1 4   ? 10.102  2.705   6.735   1.00 26.08 ? 429 LEU A CG  1 
ATOM   36   C  CD1 . LEU A 1 4   ? 9.654   3.692   5.666   1.00 23.62 ? 429 LEU A CD1 1 
ATOM   37   C  CD2 . LEU A 1 4   ? 9.215   1.463   6.722   1.00 22.04 ? 429 LEU A CD2 1 
ATOM   38   N  N   . GLU A 1 5   ? 13.617  -0.163  6.533   1.00 18.84 ? 430 GLU A N   1 
ATOM   39   C  CA  . GLU A 1 5   ? 14.818  -0.716  5.910   1.00 20.72 ? 430 GLU A CA  1 
ATOM   40   C  C   . GLU A 1 5   ? 15.242  0.127   4.714   1.00 21.66 ? 430 GLU A C   1 
ATOM   41   O  O   . GLU A 1 5   ? 14.401  0.646   3.980   1.00 25.42 ? 430 GLU A O   1 
ATOM   42   C  CB  . GLU A 1 5   ? 14.561  -2.152  5.436   1.00 18.65 ? 430 GLU A CB  1 
ATOM   43   C  CG  . GLU A 1 5   ? 14.230  -3.131  6.543   1.00 22.48 ? 430 GLU A CG  1 
ATOM   44   C  CD  . GLU A 1 5   ? 15.328  -3.219  7.583   1.00 32.07 ? 430 GLU A CD  1 
ATOM   45   O  OE1 . GLU A 1 5   ? 15.047  -2.936  8.766   1.00 38.30 ? 430 GLU A OE1 1 
ATOM   46   O  OE2 . GLU A 1 5   ? 16.471  -3.566  7.218   1.00 33.39 ? 430 GLU A OE2 1 
ATOM   47   N  N   . LYS A 1 6   ? 16.553  0.243   4.514   1.00 24.01 ? 431 LYS A N   1 
ATOM   48   C  CA  . LYS A 1 6   ? 17.094  0.935   3.349   1.00 24.29 ? 431 LYS A CA  1 
ATOM   49   C  C   . LYS A 1 6   ? 17.057  0.056   2.103   1.00 21.24 ? 431 LYS A C   1 
ATOM   50   O  O   . LYS A 1 6   ? 17.073  0.559   0.979   1.00 28.16 ? 431 LYS A O   1 
ATOM   51   C  CB  . LYS A 1 6   ? 18.542  1.365   3.611   1.00 35.62 ? 431 LYS A CB  1 
ATOM   52   C  CG  . LYS A 1 6   ? 18.719  2.280   4.815   1.00 39.80 ? 431 LYS A CG  1 
ATOM   53   C  CD  . LYS A 1 6   ? 18.042  3.624   4.602   1.00 57.63 ? 431 LYS A CD  1 
ATOM   54   C  CE  . LYS A 1 6   ? 18.263  4.540   5.797   1.00 69.43 ? 431 LYS A CE  1 
ATOM   55   N  NZ  . LYS A 1 6   ? 17.598  5.861   5.625   1.00 83.66 ? 431 LYS A NZ  1 
ATOM   56   N  N   . GLU A 1 7   ? 17.016  -1.256  2.310   1.00 22.25 ? 432 GLU A N   1 
ATOM   57   C  CA  . GLU A 1 7   ? 17.084  -2.217  1.211   1.00 21.98 ? 432 GLU A CA  1 
ATOM   58   C  C   . GLU A 1 7   ? 16.106  -3.364  1.430   1.00 19.53 ? 432 GLU A C   1 
ATOM   59   O  O   . GLU A 1 7   ? 15.694  -3.631  2.558   1.00 21.59 ? 432 GLU A O   1 
ATOM   60   C  CB  . GLU A 1 7   ? 18.501  -2.782  1.097   1.00 32.99 ? 432 GLU A CB  1 
ATOM   61   C  CG  . GLU A 1 7   ? 19.565  -1.715  0.936   1.00 31.76 ? 432 GLU A CG  1 
ATOM   62   C  CD  . GLU A 1 7   ? 19.339  -0.854  -0.290  1.00 40.00 ? 432 GLU A CD  1 
ATOM   63   O  OE1 . GLU A 1 7   ? 19.965  0.225   -0.378  1.00 39.23 ? 432 GLU A OE1 1 
ATOM   64   O  OE2 . GLU A 1 7   ? 18.538  -1.251  -1.168  1.00 34.91 ? 432 GLU A OE2 1 
ATOM   65   N  N   . PRO A 1 8   ? 15.734  -4.066  0.350   1.00 21.70 ? 433 PRO A N   1 
ATOM   66   C  CA  . PRO A 1 8   ? 14.813  -5.201  0.470   1.00 17.80 ? 433 PRO A CA  1 
ATOM   67   C  C   . PRO A 1 8   ? 15.300  -6.223  1.478   1.00 28.85 ? 433 PRO A C   1 
ATOM   68   O  O   . PRO A 1 8   ? 16.501  -6.465  1.604   1.00 21.73 ? 433 PRO A O   1 
ATOM   69   C  CB  . PRO A 1 8   ? 14.768  -5.777  -0.944  1.00 19.22 ? 433 PRO A CB  1 
ATOM   70   C  CG  . PRO A 1 8   ? 15.101  -4.624  -1.819  1.00 23.91 ? 433 PRO A CG  1 
ATOM   71   C  CD  . PRO A 1 8   ? 16.112  -3.822  -1.051  1.00 22.64 ? 433 PRO A CD  1 
ATOM   72   N  N   . ILE A 1 9   ? 14.353  -6.818  2.192   1.00 17.26 ? 434 ILE A N   1 
ATOM   73   C  CA  . ILE A 1 9   ? 14.652  -7.843  3.186   1.00 20.06 ? 434 ILE A CA  1 
ATOM   74   C  C   . ILE A 1 9   ? 14.697  -9.202  2.496   1.00 27.00 ? 434 ILE A C   1 
ATOM   75   O  O   . ILE A 1 9   ? 13.700  -9.674  1.945   1.00 19.06 ? 434 ILE A O   1 
ATOM   76   C  CB  . ILE A 1 9   ? 13.571  -7.872  4.287   1.00 17.12 ? 434 ILE A CB  1 
ATOM   77   C  CG1 . ILE A 1 9   ? 13.432  -6.487  4.920   1.00 18.44 ? 434 ILE A CG1 1 
ATOM   78   C  CG2 . ILE A 1 9   ? 13.921  -8.916  5.342   1.00 14.99 ? 434 ILE A CG2 1 
ATOM   79   C  CD1 . ILE A 1 9   ? 12.091  -6.272  5.624   1.00 19.99 ? 434 ILE A CD1 1 
ATOM   80   N  N   . VAL A 1 10  ? 15.870  -9.824  2.513   1.00 21.85 ? 435 VAL A N   1 
ATOM   81   C  CA  . VAL A 1 10  ? 16.048  -11.105 1.853   1.00 26.30 ? 435 VAL A CA  1 
ATOM   82   C  C   . VAL A 1 10  ? 15.273  -12.191 2.591   1.00 18.98 ? 435 VAL A C   1 
ATOM   83   O  O   . VAL A 1 10  ? 15.349  -12.302 3.814   1.00 27.86 ? 435 VAL A O   1 
ATOM   84   C  CB  . VAL A 1 10  ? 17.544  -11.479 1.799   1.00 29.23 ? 435 VAL A CB  1 
ATOM   85   C  CG1 . VAL A 1 10  ? 17.710  -12.898 1.293   1.00 29.48 ? 435 VAL A CG1 1 
ATOM   86   C  CG2 . VAL A 1 10  ? 18.276  -10.506 0.894   1.00 33.24 ? 435 VAL A CG2 1 
ATOM   87   N  N   . GLY A 1 11  ? 14.503  -12.972 1.842   1.00 26.99 ? 436 GLY A N   1 
ATOM   88   C  CA  . GLY A 1 11  ? 13.737  -14.042 2.454   1.00 27.40 ? 436 GLY A CA  1 
ATOM   89   C  C   . GLY A 1 11  ? 12.391  -13.615 3.026   1.00 33.26 ? 436 GLY A C   1 
ATOM   90   O  O   . GLY A 1 11  ? 11.682  -14.429 3.616   1.00 33.85 ? 436 GLY A O   1 
ATOM   91   N  N   . ALA A 1 12  ? 12.036  -12.343 2.873   1.00 18.80 ? 437 ALA A N   1 
ATOM   92   C  CA  . ALA A 1 12  ? 10.716  -11.887 3.296   1.00 17.08 ? 437 ALA A CA  1 
ATOM   93   C  C   . ALA A 1 12  ? 9.766   -11.781 2.109   1.00 19.04 ? 437 ALA A C   1 
ATOM   94   O  O   . ALA A 1 12  ? 10.173  -11.474 0.994   1.00 21.58 ? 437 ALA A O   1 
ATOM   95   C  CB  . ALA A 1 12  ? 10.819  -10.542 3.995   1.00 18.86 ? 437 ALA A CB  1 
ATOM   96   N  N   . GLU A 1 13  ? 8.491   -12.044 2.363   1.00 14.02 ? 438 GLU A N   1 
ATOM   97   C  CA  . GLU A 1 13  ? 7.475   -11.956 1.327   1.00 11.97 ? 438 GLU A CA  1 
ATOM   98   C  C   . GLU A 1 13  ? 7.422   -10.521 0.799   1.00 12.30 ? 438 GLU A C   1 
ATOM   99   O  O   . GLU A 1 13  ? 7.534   -9.565  1.567   1.00 14.12 ? 438 GLU A O   1 
ATOM   100  C  CB  . GLU A 1 13  ? 6.119   -12.357 1.908   1.00 13.61 ? 438 GLU A CB  1 
ATOM   101  C  CG  . GLU A 1 13  ? 5.006   -12.491 0.888   1.00 13.16 ? 438 GLU A CG  1 
ATOM   102  C  CD  . GLU A 1 13  ? 3.794   -13.194 1.463   1.00 13.58 ? 438 GLU A CD  1 
ATOM   103  O  OE1 . GLU A 1 13  ? 3.694   -13.284 2.707   1.00 16.29 ? 438 GLU A OE1 1 
ATOM   104  O  OE2 . GLU A 1 13  ? 2.942   -13.662 0.678   1.00 14.79 ? 438 GLU A OE2 1 
ATOM   105  N  N   . THR A 1 14  ? 7.256   -10.374 -0.509  1.00 12.64 ? 439 THR A N   1 
ATOM   106  C  CA  . THR A 1 14  ? 7.100   -9.049  -1.117  1.00 14.82 ? 439 THR A CA  1 
ATOM   107  C  C   . THR A 1 14  ? 5.662   -8.853  -1.610  1.00 12.63 ? 439 THR A C   1 
ATOM   108  O  O   . THR A 1 14  ? 5.164   -9.630  -2.423  1.00 14.84 ? 439 THR A O   1 
ATOM   109  C  CB  . THR A 1 14  ? 8.087   -8.860  -2.300  1.00 17.31 ? 439 THR A CB  1 
ATOM   110  O  OG1 . THR A 1 14  ? 9.435   -8.922  -1.802  1.00 15.44 ? 439 THR A OG1 1 
ATOM   111  C  CG2 . THR A 1 14  ? 7.869   -7.513  -2.989  1.00 16.91 ? 439 THR A CG2 1 
ATOM   112  N  N   . PHE A 1 15  ? 5.016   -7.805  -1.105  1.00 13.30 ? 440 PHE A N   1 
ATOM   113  C  CA  . PHE A 1 15  ? 3.642   -7.459  -1.471  1.00 13.40 ? 440 PHE A CA  1 
ATOM   114  C  C   . PHE A 1 15  ? 3.638   -6.306  -2.465  1.00 13.91 ? 440 PHE A C   1 
ATOM   115  O  O   . PHE A 1 15  ? 4.181   -5.241  -2.173  1.00 15.15 ? 440 PHE A O   1 
ATOM   116  C  CB  . PHE A 1 15  ? 2.855   -7.005  -0.234  1.00 13.32 ? 440 PHE A CB  1 
ATOM   117  C  CG  . PHE A 1 15  ? 2.471   -8.110  0.687   1.00 12.84 ? 440 PHE A CG  1 
ATOM   118  C  CD1 . PHE A 1 15  ? 3.444   -8.861  1.341   1.00 13.53 ? 440 PHE A CD1 1 
ATOM   119  C  CD2 . PHE A 1 15  ? 1.126   -8.408  0.907   1.00 10.44 ? 440 PHE A CD2 1 
ATOM   120  C  CE1 . PHE A 1 15  ? 3.087   -9.892  2.200   1.00 13.60 ? 440 PHE A CE1 1 
ATOM   121  C  CE2 . PHE A 1 15  ? 0.764   -9.433  1.760   1.00 14.47 ? 440 PHE A CE2 1 
ATOM   122  C  CZ  . PHE A 1 15  ? 1.741   -10.178 2.411   1.00 13.58 ? 440 PHE A CZ  1 
ATOM   123  N  N   . TYR A 1 16  ? 3.015   -6.508  -3.627  1.00 11.71 ? 441 TYR A N   1 
ATOM   124  C  CA  . TYR A 1 16  ? 2.782   -5.405  -4.557  1.00 10.59 ? 441 TYR A CA  1 
ATOM   125  C  C   . TYR A 1 16  ? 1.362   -4.910  -4.339  1.00 8.19  ? 441 TYR A C   1 
ATOM   126  O  O   . TYR A 1 16  ? 0.417   -5.670  -4.494  1.00 12.88 ? 441 TYR A O   1 
ATOM   127  C  CB  . TYR A 1 16  ? 2.936   -5.875  -6.003  1.00 11.53 ? 441 TYR A CB  1 
ATOM   128  C  CG  . TYR A 1 16  ? 4.339   -6.332  -6.318  1.00 14.01 ? 441 TYR A CG  1 
ATOM   129  C  CD1 . TYR A 1 16  ? 4.748   -7.632  -6.032  1.00 15.48 ? 441 TYR A CD1 1 
ATOM   130  C  CD2 . TYR A 1 16  ? 5.266   -5.448  -6.846  1.00 20.23 ? 441 TYR A CD2 1 
ATOM   131  C  CE1 . TYR A 1 16  ? 6.054   -8.032  -6.260  1.00 19.47 ? 441 TYR A CE1 1 
ATOM   132  C  CE2 . TYR A 1 16  ? 6.569   -5.839  -7.079  1.00 21.30 ? 441 TYR A CE2 1 
ATOM   133  C  CZ  . TYR A 1 16  ? 6.958   -7.128  -6.783  1.00 28.67 ? 441 TYR A CZ  1 
ATOM   134  O  OH  . TYR A 1 16  ? 8.266   -7.508  -7.014  1.00 23.52 ? 441 TYR A OH  1 
ATOM   135  N  N   . VAL A 1 17  ? 1.227   -3.648  -3.945  1.00 10.77 ? 442 VAL A N   1 
ATOM   136  C  CA  . VAL A 1 17  ? -0.079  -3.139  -3.569  1.00 10.18 ? 442 VAL A CA  1 
ATOM   137  C  C   . VAL A 1 17  ? -0.582  -2.153  -4.605  1.00 13.46 ? 442 VAL A C   1 
ATOM   138  O  O   . VAL A 1 17  ? 0.202   -1.549  -5.334  1.00 13.22 ? 442 VAL A O   1 
ATOM   139  C  CB  . VAL A 1 17  ? -0.041  -2.458  -2.180  1.00 7.47  ? 442 VAL A CB  1 
ATOM   140  C  CG1 . VAL A 1 17  ? 0.263   -3.508  -1.115  1.00 10.21 ? 442 VAL A CG1 1 
ATOM   141  C  CG2 . VAL A 1 17  ? 0.983   -1.326  -2.149  1.00 10.63 ? 442 VAL A CG2 1 
ATOM   142  N  N   . ASP A 1 18  ? -1.896  -1.987  -4.668  1.00 9.91  ? 443 ASP A N   1 
ATOM   143  C  CA  . ASP A 1 18  ? -2.444  -0.903  -5.479  1.00 12.76 ? 443 ASP A CA  1 
ATOM   144  C  C   . ASP A 1 18  ? -3.899  -0.709  -5.132  1.00 12.66 ? 443 ASP A C   1 
ATOM   145  O  O   . ASP A 1 18  ? -4.504  -1.550  -4.468  1.00 12.98 ? 443 ASP A O   1 
ATOM   146  C  CB  . ASP A 1 18  ? -2.315  -1.222  -6.970  1.00 12.17 ? 443 ASP A CB  1 
ATOM   147  C  CG  . ASP A 1 18  ? -2.406  0.031   -7.845  1.00 12.47 ? 443 ASP A CG  1 
ATOM   148  O  OD1 . ASP A 1 18  ? -2.197  1.143   -7.326  1.00 15.17 ? 443 ASP A OD1 1 
ATOM   149  O  OD2 . ASP A 1 18  ? -2.699  -0.109  -9.045  1.00 13.69 ? 443 ASP A OD2 1 
ATOM   150  N  N   . GLY A 1 19  ? -4.446  0.416   -5.570  1.00 12.84 ? 444 GLY A N   1 
ATOM   151  C  CA  . GLY A 1 19  ? -5.862  0.658   -5.389  1.00 14.23 ? 444 GLY A CA  1 
ATOM   152  C  C   . GLY A 1 19  ? -6.391  1.400   -6.595  1.00 15.82 ? 444 GLY A C   1 
ATOM   153  O  O   . GLY A 1 19  ? -5.625  2.017   -7.338  1.00 15.80 ? 444 GLY A O   1 
ATOM   154  N  N   . ALA A 1 20  ? -7.700  1.326   -6.791  1.00 16.27 ? 445 ALA A N   1 
ATOM   155  C  CA  . ALA A 1 20  ? -8.372  2.055   -7.868  1.00 18.77 ? 445 ALA A CA  1 
ATOM   156  C  C   . ALA A 1 20  ? -9.739  2.498   -7.362  1.00 22.08 ? 445 ALA A C   1 
ATOM   157  O  O   . ALA A 1 20  ? -10.380 1.797   -6.576  1.00 22.10 ? 445 ALA A O   1 
ATOM   158  C  CB  . ALA A 1 20  ? -8.531  1.159   -9.089  1.00 16.96 ? 445 ALA A CB  1 
ATOM   159  N  N   . ALA A 1 21  ? -10.191 3.667   -7.798  1.00 20.58 ? 446 ALA A N   1 
ATOM   160  C  CA  . ALA A 1 21  ? -11.514 4.137   -7.413  1.00 23.50 ? 446 ALA A CA  1 
ATOM   161  C  C   . ALA A 1 21  ? -12.170 4.831   -8.600  1.00 30.47 ? 446 ALA A C   1 
ATOM   162  O  O   . ALA A 1 21  ? -11.505 5.522   -9.367  1.00 25.20 ? 446 ALA A O   1 
ATOM   163  C  CB  . ALA A 1 21  ? -11.416 5.092   -6.234  1.00 26.02 ? 446 ALA A CB  1 
ATOM   164  N  N   . ASN A 1 22  ? -13.474 4.633   -8.749  1.00 26.80 ? 447 ASN A N   1 
ATOM   165  C  CA  . ASN A 1 22  ? -14.228 5.241   -9.839  1.00 30.77 ? 447 ASN A CA  1 
ATOM   166  C  C   . ASN A 1 22  ? -14.697 6.620   -9.384  1.00 30.50 ? 447 ASN A C   1 
ATOM   167  O  O   . ASN A 1 22  ? -15.283 6.759   -8.313  1.00 28.72 ? 447 ASN A O   1 
ATOM   168  C  CB  . ASN A 1 22  ? -15.425 4.352   -10.187 1.00 51.37 ? 447 ASN A CB  1 
ATOM   169  C  CG  . ASN A 1 22  ? -16.230 4.880   -11.356 1.00 37.18 ? 447 ASN A CG  1 
ATOM   170  O  OD1 . ASN A 1 22  ? -16.964 5.857   -11.225 1.00 42.57 ? 447 ASN A OD1 1 
ATOM   171  N  ND2 . ASN A 1 22  ? -16.102 4.229   -12.505 1.00 37.17 ? 447 ASN A ND2 1 
ATOM   172  N  N   . ARG A 1 23  ? -14.424 7.646   -10.188 1.00 33.61 ? 448 ARG A N   1 
ATOM   173  C  CA  . ARG A 1 23  ? -14.752 9.013   -9.798  1.00 41.25 ? 448 ARG A CA  1 
ATOM   174  C  C   . ARG A 1 23  ? -16.263 9.206   -9.721  1.00 43.63 ? 448 ARG A C   1 
ATOM   175  O  O   . ARG A 1 23  ? -16.764 9.951   -8.877  1.00 40.33 ? 448 ARG A O   1 
ATOM   176  C  CB  . ARG A 1 23  ? -14.159 10.003  -10.799 1.00 46.13 ? 448 ARG A CB  1 
ATOM   177  C  CG  . ARG A 1 23  ? -14.449 11.463  -10.487 1.00 72.09 ? 448 ARG A CG  1 
ATOM   178  C  CD  . ARG A 1 23  ? -13.995 12.360  -11.628 1.00 65.74 ? 448 ARG A CD  1 
ATOM   179  N  NE  . ARG A 1 23  ? -12.777 11.849  -12.251 1.00 83.45 ? 448 ARG A NE  1 
ATOM   180  C  CZ  . ARG A 1 23  ? -12.751 11.145  -13.378 1.00 66.80 ? 448 ARG A CZ  1 
ATOM   181  N  NH1 . ARG A 1 23  ? -13.881 10.868  -14.017 1.00 80.10 ? 448 ARG A NH1 1 
ATOM   182  N  NH2 . ARG A 1 23  ? -11.597 10.709  -13.861 1.00 42.91 ? 448 ARG A NH2 1 
ATOM   183  N  N   . GLU A 1 24  ? -16.984 8.520   -10.603 1.00 42.12 ? 449 GLU A N   1 
ATOM   184  C  CA  . GLU A 1 24  ? -18.437 8.639   -10.668 1.00 55.01 ? 449 GLU A CA  1 
ATOM   185  C  C   . GLU A 1 24  ? -19.097 7.891   -9.515  1.00 54.45 ? 449 GLU A C   1 
ATOM   186  O  O   . GLU A 1 24  ? -19.712 8.499   -8.641  1.00 60.25 ? 449 GLU A O   1 
ATOM   187  C  CB  . GLU A 1 24  ? -18.950 8.076   -11.997 1.00 53.62 ? 449 GLU A CB  1 
ATOM   188  C  CG  . GLU A 1 24  ? -18.271 8.667   -13.221 1.00 68.14 ? 449 GLU A CG  1 
ATOM   189  C  CD  . GLU A 1 24  ? -18.381 10.178  -13.272 1.00 81.42 ? 449 GLU A CD  1 
ATOM   190  O  OE1 . GLU A 1 24  ? -17.367 10.836  -13.586 1.00 90.94 ? 449 GLU A OE1 1 
ATOM   191  O  OE2 . GLU A 1 24  ? -19.479 10.707  -12.997 1.00 75.23 ? 449 GLU A OE2 1 
ATOM   192  N  N   . THR A 1 25  ? -18.951 6.570   -9.521  1.00 38.57 ? 450 THR A N   1 
ATOM   193  C  CA  . THR A 1 25  ? -19.604 5.707   -8.543  1.00 41.67 ? 450 THR A CA  1 
ATOM   194  C  C   . THR A 1 25  ? -18.948 5.794   -7.165  1.00 43.49 ? 450 THR A C   1 
ATOM   195  O  O   . THR A 1 25  ? -19.568 5.460   -6.158  1.00 38.33 ? 450 THR A O   1 
ATOM   196  C  CB  . THR A 1 25  ? -19.572 4.235   -9.003  1.00 55.24 ? 450 THR A CB  1 
ATOM   197  O  OG1 . THR A 1 25  ? -18.211 3.794   -9.106  1.00 39.81 ? 450 THR A OG1 1 
ATOM   198  C  CG2 . THR A 1 25  ? -20.239 4.088   -10.360 1.00 54.24 ? 450 THR A CG2 1 
ATOM   199  N  N   . LYS A 1 26  ? -17.694 6.239   -7.131  1.00 28.21 ? 451 LYS A N   1 
ATOM   200  C  CA  . LYS A 1 26  ? -16.900 6.270   -5.899  1.00 30.77 ? 451 LYS A CA  1 
ATOM   201  C  C   . LYS A 1 26  ? -16.726 4.879   -5.297  1.00 23.25 ? 451 LYS A C   1 
ATOM   202  O  O   . LYS A 1 26  ? -16.363 4.739   -4.128  1.00 21.72 ? 451 LYS A O   1 
ATOM   203  C  CB  . LYS A 1 26  ? -17.536 7.189   -4.858  1.00 26.38 ? 451 LYS A CB  1 
ATOM   204  C  CG  . LYS A 1 26  ? -17.710 8.635   -5.322  1.00 40.39 ? 451 LYS A CG  1 
ATOM   205  C  CD  . LYS A 1 26  ? -18.219 9.516   -4.195  1.00 61.18 ? 451 LYS A CD  1 
ATOM   206  C  CE  . LYS A 1 26  ? -18.518 10.925  -4.683  1.00 59.94 ? 451 LYS A CE  1 
ATOM   207  N  NZ  . LYS A 1 26  ? -18.972 11.814  -3.573  1.00 60.40 ? 451 LYS A NZ  1 
ATOM   208  N  N   . LEU A 1 27  ? -17.001 3.860   -6.098  1.00 27.65 ? 452 LEU A N   1 
ATOM   209  C  CA  . LEU A 1 27  ? -16.668 2.494   -5.723  1.00 28.70 ? 452 LEU A CA  1 
ATOM   210  C  C   . LEU A 1 27  ? -15.182 2.301   -6.031  1.00 30.97 ? 452 LEU A C   1 
ATOM   211  O  O   . LEU A 1 27  ? -14.672 2.820   -7.029  1.00 25.75 ? 452 LEU A O   1 
ATOM   212  C  CB  . LEU A 1 27  ? -17.505 1.510   -6.540  1.00 35.04 ? 452 LEU A CB  1 
ATOM   213  C  CG  . LEU A 1 27  ? -17.685 0.097   -5.979  1.00 53.63 ? 452 LEU A CG  1 
ATOM   214  C  CD1 . LEU A 1 27  ? -16.385 -0.674  -6.083  1.00 60.66 ? 452 LEU A CD1 1 
ATOM   215  C  CD2 . LEU A 1 27  ? -18.158 0.180   -4.533  1.00 49.18 ? 452 LEU A CD2 1 
ATOM   216  N  N   . GLY A 1 28  ? -14.490 1.563   -5.166  1.00 29.12 ? 453 GLY A N   1 
ATOM   217  C  CA  . GLY A 1 28  ? -13.086 1.294   -5.398  1.00 17.00 ? 453 GLY A CA  1 
ATOM   218  C  C   . GLY A 1 28  ? -12.663 -0.078  -4.923  1.00 20.61 ? 453 GLY A C   1 
ATOM   219  O  O   . GLY A 1 28  ? -13.457 -0.817  -4.333  1.00 20.28 ? 453 GLY A O   1 
ATOM   220  N  N   . LYS A 1 29  ? -11.408 -0.424  -5.190  1.00 17.17 ? 454 LYS A N   1 
ATOM   221  C  CA  . LYS A 1 29  ? -10.829 -1.673  -4.698  1.00 16.70 ? 454 LYS A CA  1 
ATOM   222  C  C   . LYS A 1 29  ? -9.411  -1.416  -4.197  1.00 15.52 ? 454 LYS A C   1 
ATOM   223  O  O   . LYS A 1 29  ? -8.710  -0.544  -4.716  1.00 16.13 ? 454 LYS A O   1 
ATOM   224  C  CB  . LYS A 1 29  ? -10.802 -2.727  -5.812  1.00 16.33 ? 454 LYS A CB  1 
ATOM   225  C  CG  . LYS A 1 29  ? -12.185 -3.244  -6.213  1.00 16.42 ? 454 LYS A CG  1 
ATOM   226  C  CD  . LYS A 1 29  ? -12.099 -4.206  -7.378  1.00 19.05 ? 454 LYS A CD  1 
ATOM   227  C  CE  . LYS A 1 29  ? -13.439 -4.867  -7.656  1.00 25.53 ? 454 LYS A CE  1 
ATOM   228  N  NZ  . LYS A 1 29  ? -13.343 -5.792  -8.813  1.00 24.80 ? 454 LYS A NZ  1 
ATOM   229  N  N   . ALA A 1 30  ? -9.009  -2.168  -3.176  1.00 14.10 ? 455 ALA A N   1 
ATOM   230  C  CA  . ALA A 1 30  ? -7.634  -2.135  -2.654  1.00 10.45 ? 455 ALA A CA  1 
ATOM   231  C  C   . ALA A 1 30  ? -7.158  -3.580  -2.583  1.00 13.14 ? 455 ALA A C   1 
ATOM   232  O  O   . ALA A 1 30  ? -7.941  -4.485  -2.292  1.00 14.51 ? 455 ALA A O   1 
ATOM   233  C  CB  . ALA A 1 30  ? -7.622  -1.530  -1.274  1.00 14.38 ? 455 ALA A CB  1 
ATOM   234  N  N   . GLY A 1 31  ? -5.878  -3.814  -2.837  1.00 12.75 ? 456 GLY A N   1 
ATOM   235  C  CA  . GLY A 1 31  ? -5.459  -5.194  -2.915  1.00 12.21 ? 456 GLY A CA  1 
ATOM   236  C  C   . GLY A 1 31  ? -3.963  -5.361  -3.000  1.00 12.12 ? 456 GLY A C   1 
ATOM   237  O  O   . GLY A 1 31  ? -3.230  -4.385  -3.054  1.00 11.33 ? 456 GLY A O   1 
ATOM   238  N  N   . TYR A 1 32  ? -3.536  -6.613  -3.009  1.00 10.75 ? 457 TYR A N   1 
ATOM   239  C  CA  . TYR A 1 32  ? -2.122  -6.949  -3.160  1.00 11.27 ? 457 TYR A CA  1 
ATOM   240  C  C   . TYR A 1 32  ? -1.966  -8.257  -3.921  1.00 14.08 ? 457 TYR A C   1 
ATOM   241  O  O   . TYR A 1 32  ? -2.884  -9.091  -3.972  1.00 13.07 ? 457 TYR A O   1 
ATOM   242  C  CB  . TYR A 1 32  ? -1.430  -7.050  -1.781  1.00 12.07 ? 457 TYR A CB  1 
ATOM   243  C  CG  . TYR A 1 32  ? -1.933  -8.148  -0.846  1.00 12.62 ? 457 TYR A CG  1 
ATOM   244  C  CD1 . TYR A 1 32  ? -1.759  -9.495  -1.157  1.00 12.74 ? 457 TYR A CD1 1 
ATOM   245  C  CD2 . TYR A 1 32  ? -2.548  -7.830  0.368   1.00 14.91 ? 457 TYR A CD2 1 
ATOM   246  C  CE1 . TYR A 1 32  ? -2.185  -10.502 -0.287  1.00 11.95 ? 457 TYR A CE1 1 
ATOM   247  C  CE2 . TYR A 1 32  ? -2.974  -8.835  1.247   1.00 14.64 ? 457 TYR A CE2 1 
ATOM   248  C  CZ  . TYR A 1 32  ? -2.791  -10.163 0.909   1.00 14.28 ? 457 TYR A CZ  1 
ATOM   249  O  OH  . TYR A 1 32  ? -3.235  -11.162 1.756   1.00 16.10 ? 457 TYR A OH  1 
ATOM   250  N  N   . VAL A 1 33  ? -0.795  -8.428  -4.523  1.00 12.57 ? 458 VAL A N   1 
ATOM   251  C  CA  . VAL A 1 33  ? -0.345  -9.734  -4.987  1.00 13.68 ? 458 VAL A CA  1 
ATOM   252  C  C   . VAL A 1 33  ? 1.064   -9.877  -4.440  1.00 11.57 ? 458 VAL A C   1 
ATOM   253  O  O   . VAL A 1 33  ? 1.799   -8.884  -4.345  1.00 14.92 ? 458 VAL A O   1 
ATOM   254  C  CB  . VAL A 1 33  ? -0.309  -9.816  -6.544  1.00 18.09 ? 458 VAL A CB  1 
ATOM   255  C  CG1 . VAL A 1 33  ? -1.700  -9.540  -7.123  1.00 16.05 ? 458 VAL A CG1 1 
ATOM   256  C  CG2 . VAL A 1 33  ? 0.691   -8.827  -7.091  1.00 27.99 ? 458 VAL A CG2 1 
ATOM   257  N  N   . THR A 1 34  ? 1.441   -11.088 -4.042  1.00 12.57 ? 459 THR A N   1 
ATOM   258  C  CA  . THR A 1 34  ? 2.767   -11.261 -3.449  1.00 13.94 ? 459 THR A CA  1 
ATOM   259  C  C   . THR A 1 34  ? 3.613   -12.221 -4.256  1.00 16.93 ? 459 THR A C   1 
ATOM   260  O  O   . THR A 1 34  ? 3.100   -12.981 -5.080  1.00 13.75 ? 459 THR A O   1 
ATOM   261  C  CB  . THR A 1 34  ? 2.706   -11.795 -2.009  1.00 12.10 ? 459 THR A CB  1 
ATOM   262  O  OG1 . THR A 1 34  ? 2.578   -13.225 -2.018  1.00 14.09 ? 459 THR A OG1 1 
ATOM   263  C  CG2 . THR A 1 34  ? 1.516   -11.186 -1.272  1.00 13.80 ? 459 THR A CG2 1 
ATOM   264  N  N   . ASN A 1 35  ? 4.918   -12.196 -4.001  1.00 13.13 ? 460 ASN A N   1 
ATOM   265  C  CA  . ASN A 1 35  ? 5.813   -13.093 -4.713  1.00 17.78 ? 460 ASN A CA  1 
ATOM   266  C  C   . ASN A 1 35  ? 5.765   -14.519 -4.184  1.00 22.36 ? 460 ASN A C   1 
ATOM   267  O  O   . ASN A 1 35  ? 6.506   -15.378 -4.660  1.00 23.84 ? 460 ASN A O   1 
ATOM   268  C  CB  . ASN A 1 35  ? 7.251   -12.570 -4.668  1.00 14.80 ? 460 ASN A CB  1 
ATOM   269  C  CG  . ASN A 1 35  ? 7.836   -12.554 -3.271  1.00 18.95 ? 460 ASN A CG  1 
ATOM   270  O  OD1 . ASN A 1 35  ? 7.131   -12.687 -2.275  1.00 18.24 ? 460 ASN A OD1 1 
ATOM   271  N  ND2 . ASN A 1 35  ? 9.153   -12.383 -3.197  1.00 33.24 ? 460 ASN A ND2 1 
ATOM   272  N  N   . ARG A 1 36  ? 4.895   -14.772 -3.206  1.00 11.92 ? 461 ARG A N   1 
ATOM   273  C  CA  . ARG A 1 36  ? 4.651   -16.127 -2.746  1.00 14.92 ? 461 ARG A CA  1 
ATOM   274  C  C   . ARG A 1 36  ? 3.304   -16.639 -3.234  1.00 14.47 ? 461 ARG A C   1 
ATOM   275  O  O   . ARG A 1 36  ? 2.830   -17.675 -2.784  1.00 17.96 ? 461 ARG A O   1 
ATOM   276  C  CB  . ARG A 1 36  ? 4.714   -16.194 -1.227  1.00 13.86 ? 461 ARG A CB  1 
ATOM   277  C  CG  . ARG A 1 36  ? 6.088   -15.849 -0.684  1.00 16.72 ? 461 ARG A CG  1 
ATOM   278  C  CD  . ARG A 1 36  ? 6.152   -15.986 0.815   1.00 18.86 ? 461 ARG A CD  1 
ATOM   279  N  NE  . ARG A 1 36  ? 7.504   -15.745 1.312   1.00 17.64 ? 461 ARG A NE  1 
ATOM   280  C  CZ  . ARG A 1 36  ? 7.832   -15.739 2.602   1.00 18.36 ? 461 ARG A CZ  1 
ATOM   281  N  NH1 . ARG A 1 36  ? 6.906   -15.960 3.532   1.00 23.07 ? 461 ARG A NH1 1 
ATOM   282  N  NH2 . ARG A 1 36  ? 9.084   -15.497 2.964   1.00 23.03 ? 461 ARG A NH2 1 
ATOM   283  N  N   . GLY A 1 37  ? 2.700   -15.896 -4.152  1.00 13.92 ? 462 GLY A N   1 
ATOM   284  C  CA  . GLY A 1 37  ? 1.548   -16.413 -4.872  1.00 17.17 ? 462 GLY A CA  1 
ATOM   285  C  C   . GLY A 1 37  ? 0.209   -16.096 -4.224  1.00 15.14 ? 462 GLY A C   1 
ATOM   286  O  O   . GLY A 1 37  ? -0.804  -16.672 -4.609  1.00 16.79 ? 462 GLY A O   1 
ATOM   287  N  N   . ARG A 1 38  ? 0.207   -15.202 -3.239  1.00 16.13 ? 463 ARG A N   1 
ATOM   288  C  CA  . ARG A 1 38  ? -1.028  -14.808 -2.551  1.00 15.49 ? 463 ARG A CA  1 
ATOM   289  C  C   . ARG A 1 38  ? -1.621  -13.531 -3.144  1.00 13.58 ? 463 ARG A C   1 
ATOM   290  O  O   . ARG A 1 38  ? -0.886  -12.617 -3.506  1.00 14.00 ? 463 ARG A O   1 
ATOM   291  C  CB  . ARG A 1 38  ? -0.749  -14.542 -1.065  1.00 16.32 ? 463 ARG A CB  1 
ATOM   292  C  CG  . ARG A 1 38  ? -0.160  -15.703 -0.308  1.00 27.78 ? 463 ARG A CG  1 
ATOM   293  C  CD  . ARG A 1 38  ? -0.519  -15.566 1.152   1.00 23.11 ? 463 ARG A CD  1 
ATOM   294  N  NE  . ARG A 1 38  ? 0.360   -14.646 1.872   1.00 19.65 ? 463 ARG A NE  1 
ATOM   295  C  CZ  . ARG A 1 38  ? 0.078   -14.148 3.069   1.00 19.71 ? 463 ARG A CZ  1 
ATOM   296  N  NH1 . ARG A 1 38  ? -1.069  -14.462 3.669   1.00 18.01 ? 463 ARG A NH1 1 
ATOM   297  N  NH2 . ARG A 1 38  ? 0.964   -13.395 3.700   1.00 16.25 ? 463 ARG A NH2 1 
ATOM   298  N  N   . GLN A 1 39  ? -2.952  -13.459 -3.210  1.00 10.75 ? 464 GLN A N   1 
ATOM   299  C  CA  . GLN A 1 39  ? -3.626  -12.234 -3.653  1.00 10.26 ? 464 GLN A CA  1 
ATOM   300  C  C   . GLN A 1 39  ? -4.799  -11.959 -2.735  1.00 11.93 ? 464 GLN A C   1 
ATOM   301  O  O   . GLN A 1 39  ? -5.390  -12.882 -2.188  1.00 12.89 ? 464 GLN A O   1 
ATOM   302  C  CB  . GLN A 1 39  ? -4.181  -12.385 -5.079  1.00 16.00 ? 464 GLN A CB  1 
ATOM   303  C  CG  . GLN A 1 39  ? -3.189  -12.865 -6.120  1.00 32.15 ? 464 GLN A CG  1 
ATOM   304  C  CD  . GLN A 1 39  ? -3.861  -13.237 -7.441  1.00 28.84 ? 464 GLN A CD  1 
ATOM   305  O  OE1 . GLN A 1 39  ? -3.254  -13.881 -8.292  1.00 49.75 ? 464 GLN A OE1 1 
ATOM   306  N  NE2 . GLN A 1 39  ? -5.123  -12.835 -7.607  1.00 28.31 ? 464 GLN A NE2 1 
ATOM   307  N  N   . LYS A 1 40  ? -5.137  -10.685 -2.579  1.00 13.88 ? 465 LYS A N   1 
ATOM   308  C  CA  . LYS A 1 40  ? -6.369  -10.304 -1.885  1.00 11.59 ? 465 LYS A CA  1 
ATOM   309  C  C   . LYS A 1 40  ? -6.866  -9.002  -2.491  1.00 13.71 ? 465 LYS A C   1 
ATOM   310  O  O   . LYS A 1 40  ? -6.073  -8.133  -2.851  1.00 14.51 ? 465 LYS A O   1 
ATOM   311  C  CB  . LYS A 1 40  ? -6.109  -10.104 -0.382  1.00 13.51 ? 465 LYS A CB  1 
ATOM   312  C  CG  . LYS A 1 40  ? -7.330  -9.604  0.402   1.00 14.92 ? 465 LYS A CG  1 
ATOM   313  C  CD  . LYS A 1 40  ? -7.077  -9.582  1.909   1.00 14.30 ? 465 LYS A CD  1 
ATOM   314  C  CE  . LYS A 1 40  ? -7.077  -11.000 2.485   1.00 21.89 ? 465 LYS A CE  1 
ATOM   315  N  NZ  . LYS A 1 40  ? -6.969  -11.072 3.995   1.00 24.80 ? 465 LYS A NZ  1 
ATOM   316  N  N   . VAL A 1 41  ? -8.182  -8.880  -2.603  1.00 11.20 ? 466 VAL A N   1 
ATOM   317  C  CA  . VAL A 1 41  ? -8.814  -7.638  -3.031  1.00 14.27 ? 466 VAL A CA  1 
ATOM   318  C  C   . VAL A 1 41  ? -10.007 -7.414  -2.120  1.00 13.63 ? 466 VAL A C   1 
ATOM   319  O  O   . VAL A 1 41  ? -10.698 -8.368  -1.754  1.00 16.76 ? 466 VAL A O   1 
ATOM   320  C  CB  . VAL A 1 41  ? -9.325  -7.739  -4.484  1.00 14.92 ? 466 VAL A CB  1 
ATOM   321  C  CG1 . VAL A 1 41  ? -10.050 -6.442  -4.875  1.00 23.49 ? 466 VAL A CG1 1 
ATOM   322  C  CG2 . VAL A 1 41  ? -8.173  -8.007  -5.422  1.00 19.24 ? 466 VAL A CG2 1 
ATOM   323  N  N   . VAL A 1 42  ? -10.234 -6.162  -1.739  1.00 13.96 ? 467 VAL A N   1 
ATOM   324  C  CA  . VAL A 1 42  ? -11.450 -5.804  -1.032  1.00 14.67 ? 467 VAL A CA  1 
ATOM   325  C  C   . VAL A 1 42  ? -12.114 -4.641  -1.751  1.00 18.66 ? 467 VAL A C   1 
ATOM   326  O  O   . VAL A 1 42  ? -11.443 -3.784  -2.323  1.00 16.64 ? 467 VAL A O   1 
ATOM   327  C  CB  . VAL A 1 42  ? -11.163 -5.412  0.429   1.00 15.71 ? 467 VAL A CB  1 
ATOM   328  C  CG1 . VAL A 1 42  ? -10.563 -6.595  1.169   1.00 17.75 ? 467 VAL A CG1 1 
ATOM   329  C  CG2 . VAL A 1 42  ? -10.237 -4.225  0.489   1.00 17.63 ? 467 VAL A CG2 1 
ATOM   330  N  N   . THR A 1 43  ? -13.438 -4.630  -1.745  1.00 17.94 ? 468 THR A N   1 
ATOM   331  C  CA  . THR A 1 43  ? -14.175 -3.543  -2.376  1.00 22.10 ? 468 THR A CA  1 
ATOM   332  C  C   . THR A 1 43  ? -14.562 -2.523  -1.309  1.00 22.37 ? 468 THR A C   1 
ATOM   333  O  O   . THR A 1 43  ? -14.914 -2.882  -0.179  1.00 21.81 ? 468 THR A O   1 
ATOM   334  C  CB  . THR A 1 43  ? -15.429 -4.081  -3.090  1.00 20.79 ? 468 THR A CB  1 
ATOM   335  O  OG1 . THR A 1 43  ? -15.029 -5.004  -4.112  1.00 22.73 ? 468 THR A OG1 1 
ATOM   336  C  CG2 . THR A 1 43  ? -16.215 -2.939  -3.727  1.00 24.22 ? 468 THR A CG2 1 
ATOM   337  N  N   . LEU A 1 44  ? -14.461 -1.243  -1.665  1.00 19.90 ? 469 LEU A N   1 
ATOM   338  C  CA  . LEU A 1 44  ? -14.690 -0.164  -0.714  1.00 22.60 ? 469 LEU A CA  1 
ATOM   339  C  C   . LEU A 1 44  ? -15.774 0.758   -1.253  1.00 18.85 ? 469 LEU A C   1 
ATOM   340  O  O   . LEU A 1 44  ? -15.833 1.024   -2.456  1.00 25.29 ? 469 LEU A O   1 
ATOM   341  C  CB  . LEU A 1 44  ? -13.402 0.636   -0.496  1.00 26.47 ? 469 LEU A CB  1 
ATOM   342  C  CG  . LEU A 1 44  ? -12.186 -0.148  0.016   1.00 28.41 ? 469 LEU A CG  1 
ATOM   343  C  CD1 . LEU A 1 44  ? -10.933 0.717   -0.073  1.00 27.98 ? 469 LEU A CD1 1 
ATOM   344  C  CD2 . LEU A 1 44  ? -12.433 -0.595  1.440   1.00 28.04 ? 469 LEU A CD2 1 
ATOM   345  N  N   . THR A 1 45  ? -16.633 1.228   -0.358  1.00 26.72 ? 470 THR A N   1 
ATOM   346  C  CA  . THR A 1 45  ? -17.684 2.157   -0.740  1.00 28.23 ? 470 THR A CA  1 
ATOM   347  C  C   . THR A 1 45  ? -17.280 3.592   -0.451  1.00 22.46 ? 470 THR A C   1 
ATOM   348  O  O   . THR A 1 45  ? -16.617 3.876   0.551   1.00 27.92 ? 470 THR A O   1 
ATOM   349  C  CB  . THR A 1 45  ? -19.004 1.838   0.006   1.00 29.21 ? 470 THR A CB  1 
ATOM   350  O  OG1 . THR A 1 45  ? -19.521 0.589   -0.466  1.00 44.79 ? 470 THR A OG1 1 
ATOM   351  C  CG2 . THR A 1 45  ? -20.041 2.931   -0.234  1.00 37.68 ? 470 THR A CG2 1 
ATOM   352  N  N   . ASP A 1 46  ? -17.690 4.492   -1.341  1.00 31.65 ? 471 ASP A N   1 
ATOM   353  C  CA  . ASP A 1 46  ? -17.520 5.924   -1.136  1.00 28.79 ? 471 ASP A CA  1 
ATOM   354  C  C   . ASP A 1 46  ? -16.057 6.233   -0.845  1.00 27.45 ? 471 ASP A C   1 
ATOM   355  O  O   . ASP A 1 46  ? -15.727 6.808   0.191   1.00 30.71 ? 471 ASP A O   1 
ATOM   356  C  CB  . ASP A 1 46  ? -18.383 6.398   0.037   1.00 30.80 ? 471 ASP A CB  1 
ATOM   357  C  CG  . ASP A 1 46  ? -18.486 7.908   0.109   1.00 43.70 ? 471 ASP A CG  1 
ATOM   358  O  OD1 . ASP A 1 46  ? -18.481 8.459   1.230   1.00 39.88 ? 471 ASP A OD1 1 
ATOM   359  O  OD2 . ASP A 1 46  ? -18.571 8.544   -0.962  1.00 37.68 ? 471 ASP A OD2 1 
ATOM   360  N  N   . THR A 1 47  ? -15.181 5.834   -1.756  1.00 25.91 ? 472 THR A N   1 
ATOM   361  C  CA  . THR A 1 47  ? -13.759 5.945   -1.490  1.00 26.53 ? 472 THR A CA  1 
ATOM   362  C  C   . THR A 1 47  ? -13.088 6.792   -2.561  1.00 34.93 ? 472 THR A C   1 
ATOM   363  O  O   . THR A 1 47  ? -13.748 7.296   -3.471  1.00 26.06 ? 472 THR A O   1 
ATOM   364  C  CB  . THR A 1 47  ? -13.107 4.546   -1.439  1.00 18.36 ? 472 THR A CB  1 
ATOM   365  O  OG1 . THR A 1 47  ? -11.806 4.655   -0.850  1.00 21.24 ? 472 THR A OG1 1 
ATOM   366  C  CG2 . THR A 1 47  ? -13.009 3.951   -2.826  1.00 24.27 ? 472 THR A CG2 1 
ATOM   367  N  N   . THR A 1 48  ? -11.775 6.952   -2.443  1.00 22.50 ? 473 THR A N   1 
ATOM   368  C  CA  . THR A 1 48  ? -10.993 7.734   -3.402  1.00 20.71 ? 473 THR A CA  1 
ATOM   369  C  C   . THR A 1 48  ? -9.761  6.931   -3.791  1.00 24.21 ? 473 THR A C   1 
ATOM   370  O  O   . THR A 1 48  ? -9.409  5.970   -3.115  1.00 18.99 ? 473 THR A O   1 
ATOM   371  C  CB  . THR A 1 48  ? -10.511 9.058   -2.783  1.00 24.98 ? 473 THR A CB  1 
ATOM   372  O  OG1 . THR A 1 48  ? -9.609  8.785   -1.703  1.00 21.67 ? 473 THR A OG1 1 
ATOM   373  C  CG2 . THR A 1 48  ? -11.697 9.868   -2.249  1.00 25.09 ? 473 THR A CG2 1 
ATOM   374  N  N   . ASN A 1 49  ? -9.096  7.321   -4.872  1.00 19.38 ? 474 ASN A N   1 
ATOM   375  C  CA  . ASN A 1 49  ? -7.880  6.613   -5.259  1.00 15.34 ? 474 ASN A CA  1 
ATOM   376  C  C   . ASN A 1 49  ? -6.893  6.608   -4.093  1.00 19.51 ? 474 ASN A C   1 
ATOM   377  O  O   . ASN A 1 49  ? -6.333  5.562   -3.765  1.00 18.22 ? 474 ASN A O   1 
ATOM   378  C  CB  . ASN A 1 49  ? -7.236  7.267   -6.490  1.00 19.78 ? 474 ASN A CB  1 
ATOM   379  C  CG  . ASN A 1 49  ? -8.020  7.009   -7.777  1.00 31.32 ? 474 ASN A CG  1 
ATOM   380  O  OD1 . ASN A 1 49  ? -8.335  7.939   -8.522  1.00 37.73 ? 474 ASN A OD1 1 
ATOM   381  N  ND2 . ASN A 1 49  ? -8.323  5.748   -8.046  1.00 22.41 ? 474 ASN A ND2 1 
ATOM   382  N  N   . GLN A 1 50  ? -6.691  7.766   -3.463  1.00 17.78 ? 475 GLN A N   1 
ATOM   383  C  CA  . GLN A 1 50  ? -5.751  7.885   -2.350  1.00 19.77 ? 475 GLN A CA  1 
ATOM   384  C  C   . GLN A 1 50  ? -6.110  6.982   -1.180  1.00 20.63 ? 475 GLN A C   1 
ATOM   385  O  O   . GLN A 1 50  ? -5.238  6.320   -0.613  1.00 19.79 ? 475 GLN A O   1 
ATOM   386  C  CB  . GLN A 1 50  ? -5.659  9.342   -1.868  1.00 22.55 ? 475 GLN A CB  1 
ATOM   387  C  CG  . GLN A 1 50  ? -4.917  10.241  -2.849  1.00 26.05 ? 475 GLN A CG  1 
ATOM   388  C  CD  . GLN A 1 50  ? -4.672  11.648  -2.326  1.00 29.21 ? 475 GLN A CD  1 
ATOM   389  O  OE1 . GLN A 1 50  ? -5.305  12.096  -1.370  1.00 31.91 ? 475 GLN A OE1 1 
ATOM   390  N  NE2 . GLN A 1 50  ? -3.743  12.351  -2.961  1.00 26.17 ? 475 GLN A NE2 1 
ATOM   391  N  N   . LYS A 1 51  ? -7.392  6.929   -0.826  1.00 16.61 ? 476 LYS A N   1 
ATOM   392  C  CA  . LYS A 1 51  ? -7.815  6.054   0.255   1.00 17.76 ? 476 LYS A CA  1 
ATOM   393  C  C   . LYS A 1 51  ? -7.599  4.582   -0.059  1.00 18.19 ? 476 LYS A C   1 
ATOM   394  O  O   . LYS A 1 51  ? -7.238  3.806   0.830   1.00 18.94 ? 476 LYS A O   1 
ATOM   395  C  CB  . LYS A 1 51  ? -9.291  6.290   0.598   1.00 22.18 ? 476 LYS A CB  1 
ATOM   396  C  CG  . LYS A 1 51  ? -9.539  7.629   1.267   1.00 37.77 ? 476 LYS A CG  1 
ATOM   397  C  CD  . LYS A 1 51  ? -11.011 7.835   1.592   1.00 51.10 ? 476 LYS A CD  1 
ATOM   398  C  CE  . LYS A 1 51  ? -11.253 9.224   2.172   1.00 42.51 ? 476 LYS A CE  1 
ATOM   399  N  NZ  . LYS A 1 51  ? -12.680 9.427   2.544   1.00 70.82 ? 476 LYS A NZ  1 
ATOM   400  N  N   . THR A 1 52  ? -7.825  4.185   -1.309  1.00 12.88 ? 477 THR A N   1 
ATOM   401  C  CA  . THR A 1 52  ? -7.625  2.783   -1.666  1.00 14.27 ? 477 THR A CA  1 
ATOM   402  C  C   . THR A 1 52  ? -6.153  2.404   -1.584  1.00 17.70 ? 477 THR A C   1 
ATOM   403  O  O   . THR A 1 52  ? -5.822  1.279   -1.200  1.00 15.41 ? 477 THR A O   1 
ATOM   404  C  CB  . THR A 1 52  ? -8.165  2.429   -3.084  1.00 17.14 ? 477 THR A CB  1 
ATOM   405  O  OG1 . THR A 1 52  ? -7.470  3.168   -4.096  1.00 16.67 ? 477 THR A OG1 1 
ATOM   406  C  CG2 . THR A 1 52  ? -9.668  2.736   -3.167  1.00 21.00 ? 477 THR A CG2 1 
ATOM   407  N  N   . GLU A 1 53  ? -5.267  3.337   -1.926  1.00 15.62 ? 478 GLU A N   1 
ATOM   408  C  CA  . GLU A 1 53  ? -3.832  3.041   -1.848  1.00 12.86 ? 478 GLU A CA  1 
ATOM   409  C  C   . GLU A 1 53  ? -3.386  2.826   -0.408  1.00 15.58 ? 478 GLU A C   1 
ATOM   410  O  O   . GLU A 1 53  ? -2.577  1.938   -0.133  1.00 16.23 ? 478 GLU A O   1 
ATOM   411  C  CB  . GLU A 1 53  ? -3.000  4.172   -2.459  1.00 15.05 ? 478 GLU A CB  1 
ATOM   412  C  CG  . GLU A 1 53  ? -3.293  4.445   -3.919  1.00 13.90 ? 478 GLU A CG  1 
ATOM   413  C  CD  . GLU A 1 53  ? -2.547  3.540   -4.886  1.00 19.48 ? 478 GLU A CD  1 
ATOM   414  O  OE1 . GLU A 1 53  ? -2.708  3.753   -6.104  1.00 17.41 ? 478 GLU A OE1 1 
ATOM   415  O  OE2 . GLU A 1 53  ? -1.811  2.621   -4.454  1.00 17.62 ? 478 GLU A OE2 1 
ATOM   416  N  N   . LEU A 1 54  ? -3.893  3.649   0.506   1.00 14.05 ? 479 LEU A N   1 
ATOM   417  C  CA  . LEU A 1 54  ? -3.600  3.472   1.925   1.00 15.59 ? 479 LEU A CA  1 
ATOM   418  C  C   . LEU A 1 54  ? -4.214  2.179   2.437   1.00 16.30 ? 479 LEU A C   1 
ATOM   419  O  O   . LEU A 1 54  ? -3.587  1.454   3.211   1.00 14.72 ? 479 LEU A O   1 
ATOM   420  C  CB  . LEU A 1 54  ? -4.135  4.657   2.738   1.00 15.94 ? 479 LEU A CB  1 
ATOM   421  C  CG  . LEU A 1 54  ? -3.426  6.000   2.542   1.00 14.28 ? 479 LEU A CG  1 
ATOM   422  C  CD1 . LEU A 1 54  ? -4.169  7.079   3.331   1.00 16.95 ? 479 LEU A CD1 1 
ATOM   423  C  CD2 . LEU A 1 54  ? -1.981  5.913   3.000   1.00 15.21 ? 479 LEU A CD2 1 
ATOM   424  N  N   . GLN A 1 55  ? -5.435  1.877   2.003   1.00 13.09 ? 480 GLN A N   1 
ATOM   425  C  CA  . GLN A 1 55  ? -6.080  0.649   2.449   1.00 14.51 ? 480 GLN A CA  1 
ATOM   426  C  C   . GLN A 1 55  ? -5.311  -0.583  1.980   1.00 12.71 ? 480 GLN A C   1 
ATOM   427  O  O   . GLN A 1 55  ? -5.235  -1.574  2.697   1.00 14.76 ? 480 GLN A O   1 
ATOM   428  C  CB  . GLN A 1 55  ? -7.525  0.573   1.942   1.00 15.17 ? 480 GLN A CB  1 
ATOM   429  C  CG  . GLN A 1 55  ? -8.269  -0.691  2.387   1.00 29.62 ? 480 GLN A CG  1 
ATOM   430  C  CD  . GLN A 1 55  ? -8.325  -0.851  3.899   1.00 53.02 ? 480 GLN A CD  1 
ATOM   431  O  OE1 . GLN A 1 55  ? -8.230  -1.964  4.423   1.00 39.11 ? 480 GLN A OE1 1 
ATOM   432  N  NE2 . GLN A 1 55  ? -8.482  0.259   4.606   1.00 31.03 ? 480 GLN A NE2 1 
ATOM   433  N  N   . ALA A 1 56  ? -4.742  -0.527  0.774   1.00 13.40 ? 481 ALA A N   1 
ATOM   434  C  CA  . ALA A 1 56  ? -3.987  -1.659  0.253   1.00 15.73 ? 481 ALA A CA  1 
ATOM   435  C  C   . ALA A 1 56  ? -2.732  -1.908  1.095   1.00 14.88 ? 481 ALA A C   1 
ATOM   436  O  O   . ALA A 1 56  ? -2.341  -3.057  1.346   1.00 12.31 ? 481 ALA A O   1 
ATOM   437  C  CB  . ALA A 1 56  ? -3.599  -1.408  -1.213  1.00 12.12 ? 481 ALA A CB  1 
ATOM   438  N  N   . ILE A 1 57  ? -2.096  -0.831  1.528   1.00 12.98 ? 482 ILE A N   1 
ATOM   439  C  CA  . ILE A 1 57  ? -0.904  -0.977  2.352   1.00 12.27 ? 482 ILE A CA  1 
ATOM   440  C  C   . ILE A 1 57  ? -1.271  -1.559  3.715   1.00 16.07 ? 482 ILE A C   1 
ATOM   441  O  O   . ILE A 1 57  ? -0.570  -2.418  4.249   1.00 12.04 ? 482 ILE A O   1 
ATOM   442  C  CB  . ILE A 1 57  ? -0.184  0.372   2.505   1.00 11.22 ? 482 ILE A CB  1 
ATOM   443  C  CG1 . ILE A 1 57  ? 0.487   0.722   1.177   1.00 13.82 ? 482 ILE A CG1 1 
ATOM   444  C  CG2 . ILE A 1 57  ? 0.834   0.301   3.630   1.00 13.91 ? 482 ILE A CG2 1 
ATOM   445  C  CD1 . ILE A 1 57  ? 1.023   2.156   1.088   1.00 15.95 ? 482 ILE A CD1 1 
ATOM   446  N  N   . TYR A 1 58  ? -2.400  -1.117  4.256   1.00 15.73 ? 483 TYR A N   1 
ATOM   447  C  CA  . TYR A 1 58  ? -2.900  -1.654  5.512   1.00 18.19 ? 483 TYR A CA  1 
ATOM   448  C  C   . TYR A 1 58  ? -3.139  -3.166  5.412   1.00 15.64 ? 483 TYR A C   1 
ATOM   449  O  O   . TYR A 1 58  ? -2.776  -3.914  6.322   1.00 15.47 ? 483 TYR A O   1 
ATOM   450  C  CB  . TYR A 1 58  ? -4.202  -0.949  5.893   1.00 13.66 ? 483 TYR A CB  1 
ATOM   451  C  CG  . TYR A 1 58  ? -4.767  -1.429  7.212   1.00 14.84 ? 483 TYR A CG  1 
ATOM   452  C  CD1 . TYR A 1 58  ? -5.825  -2.323  7.253   1.00 27.58 ? 483 TYR A CD1 1 
ATOM   453  C  CD2 . TYR A 1 58  ? -4.245  -0.975  8.407   1.00 26.18 ? 483 TYR A CD2 1 
ATOM   454  C  CE1 . TYR A 1 58  ? -6.349  -2.750  8.462   1.00 35.76 ? 483 TYR A CE1 1 
ATOM   455  C  CE2 . TYR A 1 58  ? -4.759  -1.393  9.617   1.00 29.48 ? 483 TYR A CE2 1 
ATOM   456  C  CZ  . TYR A 1 58  ? -5.809  -2.277  9.639   1.00 30.92 ? 483 TYR A CZ  1 
ATOM   457  O  OH  . TYR A 1 58  ? -6.319  -2.680  10.853  1.00 33.89 ? 483 TYR A OH  1 
ATOM   458  N  N   . LEU A 1 59  ? -3.740  -3.607  4.308   1.00 13.72 ? 484 LEU A N   1 
ATOM   459  C  CA  . LEU A 1 59  ? -3.980  -5.031  4.082   1.00 14.92 ? 484 LEU A CA  1 
ATOM   460  C  C   . LEU A 1 59  ? -2.666  -5.808  4.025   1.00 14.48 ? 484 LEU A C   1 
ATOM   461  O  O   . LEU A 1 59  ? -2.564  -6.889  4.603   1.00 14.33 ? 484 LEU A O   1 
ATOM   462  C  CB  . LEU A 1 59  ? -4.753  -5.262  2.778   1.00 18.12 ? 484 LEU A CB  1 
ATOM   463  C  CG  . LEU A 1 59  ? -6.228  -4.871  2.686   1.00 23.62 ? 484 LEU A CG  1 
ATOM   464  C  CD1 . LEU A 1 59  ? -6.752  -5.256  1.304   1.00 24.35 ? 484 LEU A CD1 1 
ATOM   465  C  CD2 . LEU A 1 59  ? -7.034  -5.584  3.767   1.00 23.94 ? 484 LEU A CD2 1 
ATOM   466  N  N   . ALA A 1 60  ? -1.665  -5.259  3.338   1.00 12.89 ? 485 ALA A N   1 
ATOM   467  C  CA  . ALA A 1 60  ? -0.364  -5.930  3.250   1.00 13.77 ? 485 ALA A CA  1 
ATOM   468  C  C   . ALA A 1 60  ? 0.268   -6.055  4.632   1.00 14.17 ? 485 ALA A C   1 
ATOM   469  O  O   . ALA A 1 60  ? 0.844   -7.089  4.967   1.00 13.64 ? 485 ALA A O   1 
ATOM   470  C  CB  . ALA A 1 60  ? 0.577   -5.151  2.305   1.00 12.54 ? 485 ALA A CB  1 
ATOM   471  N  N   . LEU A 1 61  ? 0.160   -5.009  5.442   1.00 12.65 ? 486 LEU A N   1 
ATOM   472  C  CA  . LEU A 1 61  ? 0.683   -5.077  6.800   1.00 15.06 ? 486 LEU A CA  1 
ATOM   473  C  C   . LEU A 1 61  ? -0.112  -6.077  7.642   1.00 16.43 ? 486 LEU A C   1 
ATOM   474  O  O   . LEU A 1 61  ? 0.473   -6.854  8.405   1.00 15.05 ? 486 LEU A O   1 
ATOM   475  C  CB  . LEU A 1 61  ? 0.668   -3.679  7.440   1.00 12.03 ? 486 LEU A CB  1 
ATOM   476  C  CG  . LEU A 1 61  ? 1.662   -2.717  6.778   1.00 13.17 ? 486 LEU A CG  1 
ATOM   477  C  CD1 . LEU A 1 61  ? 1.380   -1.285  7.239   1.00 14.66 ? 486 LEU A CD1 1 
ATOM   478  C  CD2 . LEU A 1 61  ? 3.092   -3.127  7.122   1.00 16.00 ? 486 LEU A CD2 1 
ATOM   479  N  N   . GLN A 1 62  ? -1.437  -6.093  7.493   1.00 13.88 ? 487 GLN A N   1 
ATOM   480  C  CA  . GLN A 1 62  ? -2.245  -7.038  8.261   1.00 10.71 ? 487 GLN A CA  1 
ATOM   481  C  C   . GLN A 1 62  ? -1.896  -8.496  7.963   1.00 14.50 ? 487 GLN A C   1 
ATOM   482  O  O   . GLN A 1 62  ? -1.872  -9.333  8.869   1.00 14.88 ? 487 GLN A O   1 
ATOM   483  C  CB  . GLN A 1 62  ? -3.736  -6.851  7.966   1.00 16.64 ? 487 GLN A CB  1 
ATOM   484  C  CG  . GLN A 1 62  ? -4.404  -5.723  8.714   1.00 30.75 ? 487 GLN A CG  1 
ATOM   485  C  CD  . GLN A 1 62  ? -5.908  -5.924  8.800   1.00 53.19 ? 487 GLN A CD  1 
ATOM   486  O  OE1 . GLN A 1 62  ? -6.542  -6.350  7.837   1.00 40.97 ? 487 GLN A OE1 1 
ATOM   487  N  NE2 . GLN A 1 62  ? -6.485  -5.623  9.958   1.00 48.61 ? 487 GLN A NE2 1 
ATOM   488  N  N   . ASP A 1 63  ? -1.655  -8.803  6.693   1.00 12.39 ? 488 ASP A N   1 
ATOM   489  C  CA  . ASP A 1 63  ? -1.580  -10.190 6.256   1.00 12.11 ? 488 ASP A CA  1 
ATOM   490  C  C   . ASP A 1 63  ? -0.160  -10.747 6.200   1.00 14.83 ? 488 ASP A C   1 
ATOM   491  O  O   . ASP A 1 63  ? 0.036   -11.951 6.020   1.00 16.31 ? 488 ASP A O   1 
ATOM   492  C  CB  . ASP A 1 63  ? -2.251  -10.344 4.895   1.00 15.08 ? 488 ASP A CB  1 
ATOM   493  C  CG  . ASP A 1 63  ? -3.763  -10.189 4.971   1.00 19.04 ? 488 ASP A CG  1 
ATOM   494  O  OD1 . ASP A 1 63  ? -4.294  -10.012 6.091   1.00 18.83 ? 488 ASP A OD1 1 
ATOM   495  O  OD2 . ASP A 1 63  ? -4.419  -10.251 3.915   1.00 19.19 ? 488 ASP A OD2 1 
ATOM   496  N  N   . SER A 1 64  ? 0.824   -9.876  6.366   1.00 13.96 ? 489 SER A N   1 
ATOM   497  C  CA  . SER A 1 64  ? 2.227   -10.298 6.291   1.00 14.67 ? 489 SER A CA  1 
ATOM   498  C  C   . SER A 1 64  ? 2.800   -10.737 7.632   1.00 15.82 ? 489 SER A C   1 
ATOM   499  O  O   . SER A 1 64  ? 2.244   -10.438 8.688   1.00 14.60 ? 489 SER A O   1 
ATOM   500  C  CB  . SER A 1 64  ? 3.089   -9.164  5.741   1.00 13.50 ? 489 SER A CB  1 
ATOM   501  O  OG  . SER A 1 64  ? 2.904   -7.975  6.489   1.00 12.95 ? 489 SER A OG  1 
ATOM   502  N  N   . GLY A 1 65  ? 3.921   -11.451 7.577   1.00 14.39 ? 490 GLY A N   1 
ATOM   503  C  CA  . GLY A 1 65  ? 4.635   -11.794 8.794   1.00 14.85 ? 490 GLY A CA  1 
ATOM   504  C  C   . GLY A 1 65  ? 5.390   -10.602 9.357   1.00 18.96 ? 490 GLY A C   1 
ATOM   505  O  O   . GLY A 1 65  ? 5.198   -9.461  8.926   1.00 15.10 ? 490 GLY A O   1 
ATOM   506  N  N   . LEU A 1 66  ? 6.256   -10.864 10.329  1.00 16.34 ? 491 LEU A N   1 
ATOM   507  C  CA  . LEU A 1 66  ? 6.939   -9.794  11.040  1.00 15.73 ? 491 LEU A CA  1 
ATOM   508  C  C   . LEU A 1 66  ? 7.999   -9.068  10.211  1.00 13.93 ? 491 LEU A C   1 
ATOM   509  O  O   . LEU A 1 66  ? 8.416   -7.964  10.571  1.00 14.79 ? 491 LEU A O   1 
ATOM   510  C  CB  . LEU A 1 66  ? 7.577   -10.355 12.316  1.00 15.67 ? 491 LEU A CB  1 
ATOM   511  C  CG  . LEU A 1 66  ? 6.582   -10.805 13.382  1.00 25.72 ? 491 LEU A CG  1 
ATOM   512  C  CD1 . LEU A 1 66  ? 7.311   -11.548 14.501  1.00 23.89 ? 491 LEU A CD1 1 
ATOM   513  C  CD2 . LEU A 1 66  ? 5.856   -9.586  13.933  1.00 20.75 ? 491 LEU A CD2 1 
ATOM   514  N  N   . GLU A 1 67  ? 8.448   -9.687  9.119   1.00 12.90 ? 492 GLU A N   1 
ATOM   515  C  CA  . GLU A 1 67  ? 9.325   -9.012  8.164   1.00 14.93 ? 492 GLU A CA  1 
ATOM   516  C  C   . GLU A 1 67  ? 8.634   -8.988  6.810   1.00 14.16 ? 492 GLU A C   1 
ATOM   517  O  O   . GLU A 1 67  ? 8.134   -10.016 6.359   1.00 17.64 ? 492 GLU A O   1 
ATOM   518  C  CB  . GLU A 1 67  ? 10.673  -9.751  8.052   1.00 17.04 ? 492 GLU A CB  1 
ATOM   519  C  CG  . GLU A 1 67  ? 11.398  -9.837  9.395   1.00 16.46 ? 492 GLU A CG  1 
ATOM   520  C  CD  . GLU A 1 67  ? 12.832  -10.335 9.299   1.00 28.73 ? 492 GLU A CD  1 
ATOM   521  O  OE1 . GLU A 1 67  ? 13.253  -10.790 8.220   1.00 28.87 ? 492 GLU A OE1 1 
ATOM   522  O  OE2 . GLU A 1 67  ? 13.541  -10.267 10.322  1.00 43.34 ? 492 GLU A OE2 1 
ATOM   523  N  N   . VAL A 1 68  ? 8.610   -7.823  6.157   1.00 13.51 ? 493 VAL A N   1 
ATOM   524  C  CA  . VAL A 1 68  ? 7.857   -7.692  4.921   1.00 14.27 ? 493 VAL A CA  1 
ATOM   525  C  C   . VAL A 1 68  ? 8.414   -6.608  3.999   1.00 12.00 ? 493 VAL A C   1 
ATOM   526  O  O   . VAL A 1 68  ? 8.883   -5.561  4.455   1.00 15.22 ? 493 VAL A O   1 
ATOM   527  C  CB  . VAL A 1 68  ? 6.353   -7.405  5.221   1.00 11.43 ? 493 VAL A CB  1 
ATOM   528  C  CG1 . VAL A 1 68  ? 6.195   -6.055  5.932   1.00 13.18 ? 493 VAL A CG1 1 
ATOM   529  C  CG2 . VAL A 1 68  ? 5.548   -7.446  3.925   1.00 13.09 ? 493 VAL A CG2 1 
ATOM   530  N  N   . ASN A 1 69  ? 8.380   -6.890  2.702   1.00 11.09 ? 494 ASN A N   1 
ATOM   531  C  CA  . ASN A 1 69  ? 8.670   -5.899  1.667   1.00 14.34 ? 494 ASN A CA  1 
ATOM   532  C  C   . ASN A 1 69  ? 7.349   -5.454  1.055   1.00 13.15 ? 494 ASN A C   1 
ATOM   533  O  O   . ASN A 1 69  ? 6.526   -6.288  0.688   1.00 13.81 ? 494 ASN A O   1 
ATOM   534  C  CB  . ASN A 1 69  ? 9.526   -6.518  0.562   1.00 13.77 ? 494 ASN A CB  1 
ATOM   535  C  CG  . ASN A 1 69  ? 10.817  -7.116  1.094   1.00 16.36 ? 494 ASN A CG  1 
ATOM   536  O  OD1 . ASN A 1 69  ? 11.118  -8.298  0.873   1.00 20.86 ? 494 ASN A OD1 1 
ATOM   537  N  ND2 . ASN A 1 69  ? 11.576  -6.309  1.800   1.00 11.87 ? 494 ASN A ND2 1 
ATOM   538  N  N   . ILE A 1 70  ? 7.161   -4.149  0.935   1.00 13.51 ? 495 ILE A N   1 
ATOM   539  C  CA  . ILE A 1 70  ? 5.945   -3.621  0.323   1.00 10.63 ? 495 ILE A CA  1 
ATOM   540  C  C   . ILE A 1 70  ? 6.317   -2.675  -0.795  1.00 11.26 ? 495 ILE A C   1 
ATOM   541  O  O   . ILE A 1 70  ? 7.075   -1.725  -0.584  1.00 14.80 ? 495 ILE A O   1 
ATOM   542  C  CB  . ILE A 1 70  ? 5.085   -2.874  1.360   1.00 13.28 ? 495 ILE A CB  1 
ATOM   543  C  CG1 . ILE A 1 70  ? 4.703   -3.833  2.494   1.00 15.87 ? 495 ILE A CG1 1 
ATOM   544  C  CG2 . ILE A 1 70  ? 3.818   -2.323  0.693   1.00 13.46 ? 495 ILE A CG2 1 
ATOM   545  C  CD1 . ILE A 1 70  ? 3.851   -3.194  3.598   1.00 14.50 ? 495 ILE A CD1 1 
ATOM   546  N  N   . VAL A 1 71  ? 5.789   -2.949  -1.983  1.00 13.94 ? 496 VAL A N   1 
ATOM   547  C  CA  . VAL A 1 71  ? 6.076   -2.151  -3.171  1.00 14.70 ? 496 VAL A CA  1 
ATOM   548  C  C   . VAL A 1 71  ? 4.802   -1.452  -3.608  1.00 10.34 ? 496 VAL A C   1 
ATOM   549  O  O   . VAL A 1 71  ? 3.854   -2.101  -4.042  1.00 12.50 ? 496 VAL A O   1 
ATOM   550  C  CB  . VAL A 1 71  ? 6.566   -3.033  -4.329  1.00 15.41 ? 496 VAL A CB  1 
ATOM   551  C  CG1 . VAL A 1 71  ? 6.802   -2.181  -5.581  1.00 16.72 ? 496 VAL A CG1 1 
ATOM   552  C  CG2 . VAL A 1 71  ? 7.836   -3.746  -3.917  1.00 19.38 ? 496 VAL A CG2 1 
ATOM   553  N  N   . THR A 1 72  ? 4.807   -0.125  -3.487  1.00 12.58 ? 497 THR A N   1 
ATOM   554  C  CA  . THR A 1 72  ? 3.661   0.704   -3.862  1.00 13.55 ? 497 THR A CA  1 
ATOM   555  C  C   . THR A 1 72  ? 4.030   1.528   -5.092  1.00 17.56 ? 497 THR A C   1 
ATOM   556  O  O   . THR A 1 72  ? 5.215   1.778   -5.344  1.00 15.26 ? 497 THR A O   1 
ATOM   557  C  CB  . THR A 1 72  ? 3.261   1.649   -2.693  1.00 15.20 ? 497 THR A CB  1 
ATOM   558  O  OG1 . THR A 1 72  ? 2.114   2.430   -3.063  1.00 14.69 ? 497 THR A OG1 1 
ATOM   559  C  CG2 . THR A 1 72  ? 4.419   2.589   -2.322  1.00 15.39 ? 497 THR A CG2 1 
ATOM   560  N  N   . ASP A 1 73  ? 3.027   1.935   -5.864  1.00 14.14 ? 498 ASP A N   1 
ATOM   561  C  CA  . ASP A 1 73  ? 3.260   2.924   -6.914  1.00 15.31 ? 498 ASP A CA  1 
ATOM   562  C  C   . ASP A 1 73  ? 2.626   4.271   -6.583  1.00 13.17 ? 498 ASP A C   1 
ATOM   563  O  O   . ASP A 1 73  ? 2.586   5.173   -7.425  1.00 15.03 ? 498 ASP A O   1 
ATOM   564  C  CB  . ASP A 1 73  ? 2.776   2.409   -8.291  1.00 12.96 ? 498 ASP A CB  1 
ATOM   565  C  CG  . ASP A 1 73  ? 1.270   2.175   -8.356  1.00 15.73 ? 498 ASP A CG  1 
ATOM   566  O  OD1 . ASP A 1 73  ? 0.827   1.382   -9.208  1.00 16.43 ? 498 ASP A OD1 1 
ATOM   567  O  OD2 . ASP A 1 73  ? 0.531   2.781   -7.566  1.00 15.70 ? 498 ASP A OD2 1 
ATOM   568  N  N   . SER A 1 74  ? 2.166   4.413   -5.343  1.00 13.17 ? 499 SER A N   1 
ATOM   569  C  CA  . SER A 1 74  ? 1.483   5.628   -4.916  1.00 14.88 ? 499 SER A CA  1 
ATOM   570  C  C   . SER A 1 74  ? 2.436   6.653   -4.317  1.00 12.75 ? 499 SER A C   1 
ATOM   571  O  O   . SER A 1 74  ? 2.942   6.475   -3.209  1.00 15.06 ? 499 SER A O   1 
ATOM   572  C  CB  . SER A 1 74  ? 0.406   5.292   -3.887  1.00 16.73 ? 499 SER A CB  1 
ATOM   573  O  OG  . SER A 1 74  ? -0.239  6.472   -3.449  1.00 13.73 ? 499 SER A OG  1 
ATOM   574  N  N   . GLN A 1 75  ? 2.658   7.746   -5.038  1.00 13.61 ? 500 GLN A N   1 
ATOM   575  C  CA  . GLN A 1 75  ? 3.496   8.819   -4.514  1.00 14.25 ? 500 GLN A CA  1 
ATOM   576  C  C   . GLN A 1 75  ? 2.878   9.403   -3.252  1.00 13.90 ? 500 GLN A C   1 
ATOM   577  O  O   . GLN A 1 75  ? 3.588   9.719   -2.303  1.00 16.89 ? 500 GLN A O   1 
ATOM   578  C  CB  . GLN A 1 75  ? 3.675   9.919   -5.563  1.00 15.14 ? 500 GLN A CB  1 
ATOM   579  C  CG  . GLN A 1 75  ? 4.477   9.468   -6.772  1.00 18.05 ? 500 GLN A CG  1 
ATOM   580  C  CD  . GLN A 1 75  ? 4.570   10.553  -7.824  1.00 27.32 ? 500 GLN A CD  1 
ATOM   581  O  OE1 . GLN A 1 75  ? 3.559   10.990  -8.368  1.00 37.46 ? 500 GLN A OE1 1 
ATOM   582  N  NE2 . GLN A 1 75  ? 5.788   10.998  -8.107  1.00 29.87 ? 500 GLN A NE2 1 
ATOM   583  N  N   . TYR A 1 76  ? 1.554   9.542   -3.242  1.00 13.30 ? 501 TYR A N   1 
ATOM   584  C  CA  . TYR A 1 76  ? 0.869   10.055  -2.059  1.00 13.26 ? 501 TYR A CA  1 
ATOM   585  C  C   . TYR A 1 76  ? 1.085   9.138   -0.851  1.00 15.61 ? 501 TYR A C   1 
ATOM   586  O  O   . TYR A 1 76  ? 1.534   9.584   0.203   1.00 16.38 ? 501 TYR A O   1 
ATOM   587  C  CB  . TYR A 1 76  ? -0.627  10.204  -2.338  1.00 14.80 ? 501 TYR A CB  1 
ATOM   588  C  CG  . TYR A 1 76  ? -1.458  10.364  -1.084  1.00 19.50 ? 501 TYR A CG  1 
ATOM   589  C  CD1 . TYR A 1 76  ? -1.483  11.567  -0.394  1.00 21.81 ? 501 TYR A CD1 1 
ATOM   590  C  CD2 . TYR A 1 76  ? -2.211  9.306   -0.587  1.00 18.67 ? 501 TYR A CD2 1 
ATOM   591  C  CE1 . TYR A 1 76  ? -2.237  11.715  0.757   1.00 25.42 ? 501 TYR A CE1 1 
ATOM   592  C  CE2 . TYR A 1 76  ? -2.969  9.442   0.573   1.00 19.11 ? 501 TYR A CE2 1 
ATOM   593  C  CZ  . TYR A 1 76  ? -2.976  10.650  1.238   1.00 26.11 ? 501 TYR A CZ  1 
ATOM   594  O  OH  . TYR A 1 76  ? -3.711  10.799  2.394   1.00 27.74 ? 501 TYR A OH  1 
ATOM   595  N  N   . ALA A 1 77  ? 0.787   7.854   -1.004  1.00 18.28 ? 502 ALA A N   1 
ATOM   596  C  CA  . ALA A 1 77  ? 0.866   6.956   0.144   1.00 18.98 ? 502 ALA A CA  1 
ATOM   597  C  C   . ALA A 1 77  ? 2.284   6.874   0.698   1.00 16.22 ? 502 ALA A C   1 
ATOM   598  O  O   . ALA A 1 77  ? 2.480   6.913   1.915   1.00 19.13 ? 502 ALA A O   1 
ATOM   599  C  CB  . ALA A 1 77  ? 0.360   5.569   -0.235  1.00 19.79 ? 502 ALA A CB  1 
ATOM   600  N  N   . LEU A 1 78  ? 3.280   6.766   -0.180  1.00 15.23 ? 503 LEU A N   1 
ATOM   601  C  CA  . LEU A 1 78  ? 4.668   6.688   0.276   1.00 18.67 ? 503 LEU A CA  1 
ATOM   602  C  C   . LEU A 1 78  ? 5.057   8.004   0.939   1.00 20.61 ? 503 LEU A C   1 
ATOM   603  O  O   . LEU A 1 78  ? 5.755   8.021   1.958   1.00 21.69 ? 503 LEU A O   1 
ATOM   604  C  CB  . LEU A 1 78  ? 5.615   6.420   -0.895  1.00 23.56 ? 503 LEU A CB  1 
ATOM   605  C  CG  . LEU A 1 78  ? 7.097   6.367   -0.501  1.00 29.88 ? 503 LEU A CG  1 
ATOM   606  C  CD1 . LEU A 1 78  ? 7.361   5.124   0.334   1.00 36.50 ? 503 LEU A CD1 1 
ATOM   607  C  CD2 . LEU A 1 78  ? 7.964   6.364   -1.749  1.00 46.82 ? 503 LEU A CD2 1 
ATOM   608  N  N   . GLY A 1 79  ? 4.587   9.102   0.360   1.00 17.57 ? 504 GLY A N   1 
ATOM   609  C  CA  . GLY A 1 79  ? 4.908   10.419  0.881   1.00 20.33 ? 504 GLY A CA  1 
ATOM   610  C  C   . GLY A 1 79  ? 4.330   10.658  2.266   1.00 25.30 ? 504 GLY A C   1 
ATOM   611  O  O   . GLY A 1 79  ? 5.033   11.121  3.165   1.00 27.41 ? 504 GLY A O   1 
ATOM   612  N  N   . ILE A 1 80  ? 3.053   10.333  2.451   1.00 21.59 ? 505 ILE A N   1 
ATOM   613  C  CA  . ILE A 1 80  ? 2.386   10.658  3.703   1.00 25.80 ? 505 ILE A CA  1 
ATOM   614  C  C   . ILE A 1 80  ? 2.884   9.728   4.815   1.00 30.92 ? 505 ILE A C   1 
ATOM   615  O  O   . ILE A 1 80  ? 3.054   10.154  5.959   1.00 27.02 ? 505 ILE A O   1 
ATOM   616  C  CB  . ILE A 1 80  ? 0.834   10.584  3.536   1.00 24.73 ? 505 ILE A CB  1 
ATOM   617  C  CG1 . ILE A 1 80  ? 0.138   11.353  4.663   1.00 40.48 ? 505 ILE A CG1 1 
ATOM   618  C  CG2 . ILE A 1 80  ? 0.367   9.145   3.530   1.00 24.63 ? 505 ILE A CG2 1 
ATOM   619  C  CD1 . ILE A 1 80  ? 0.203   10.681  6.013   1.00 64.78 ? 505 ILE A CD1 1 
ATOM   620  N  N   . ILE A 1 81  ? 3.162   8.470   4.471   1.00 21.58 ? 506 ILE A N   1 
ATOM   621  C  CA  . ILE A 1 81  ? 3.734   7.527   5.428   1.00 19.58 ? 506 ILE A CA  1 
ATOM   622  C  C   . ILE A 1 81  ? 5.162   7.898   5.815   1.00 33.74 ? 506 ILE A C   1 
ATOM   623  O  O   . ILE A 1 81  ? 5.497   7.957   7.001   1.00 30.08 ? 506 ILE A O   1 
ATOM   624  C  CB  . ILE A 1 81  ? 3.719   6.088   4.862   1.00 19.39 ? 506 ILE A CB  1 
ATOM   625  C  CG1 . ILE A 1 81  ? 2.272   5.599   4.775   1.00 17.22 ? 506 ILE A CG1 1 
ATOM   626  C  CG2 . ILE A 1 81  ? 4.573   5.173   5.725   1.00 24.68 ? 506 ILE A CG2 1 
ATOM   627  C  CD1 . ILE A 1 81  ? 2.103   4.242   4.093   1.00 20.26 ? 506 ILE A CD1 1 
ATOM   628  N  N   . THR A 1 82  ? 5.995   8.156   4.811   1.00 29.76 ? 79  THR A N   1 
ATOM   629  C  CA  . THR A 1 82  ? 7.372   8.589   5.035   1.00 38.01 ? 79  THR A CA  1 
ATOM   630  C  C   . THR A 1 82  ? 7.437   9.849   5.894   1.00 31.41 ? 79  THR A C   1 
ATOM   631  O  O   . THR A 1 82  ? 8.295   9.973   6.768   1.00 40.39 ? 79  THR A O   1 
ATOM   632  C  CB  . THR A 1 82  ? 8.091   8.857   3.692   1.00 31.50 ? 79  THR A CB  1 
ATOM   633  O  OG1 . THR A 1 82  ? 8.332   7.612   3.025   1.00 38.59 ? 79  THR A OG1 1 
ATOM   634  C  CG2 . THR A 1 82  ? 9.414   9.567   3.924   1.00 52.43 ? 79  THR A CG2 1 
ATOM   635  N  N   . GLN A 1 83  ? 6.525   10.779  5.647   1.00 32.97 ? 80  GLN A N   1 
ATOM   636  C  CA  . GLN A 1 83  ? 6.476   12.021  6.410   1.00 38.47 ? 80  GLN A CA  1 
ATOM   637  C  C   . GLN A 1 83  ? 6.203   11.725  7.886   1.00 50.78 ? 80  GLN A C   1 
ATOM   638  O  O   . GLN A 1 83  ? 6.544   12.513  8.768   1.00 36.16 ? 80  GLN A O   1 
ATOM   639  C  CB  . GLN A 1 83  ? 5.379   12.929  5.851   1.00 29.34 ? 80  GLN A CB  1 
ATOM   640  C  CG  . GLN A 1 83  ? 5.174   14.229  6.616   1.00 59.37 ? 80  GLN A CG  1 
ATOM   641  C  CD  . GLN A 1 83  ? 6.339   15.192  6.469   1.00 76.50 ? 80  GLN A CD  1 
ATOM   642  O  OE1 . GLN A 1 83  ? 7.298   14.921  5.745   1.00 74.01 ? 80  GLN A OE1 1 
ATOM   643  N  NE2 . GLN A 1 83  ? 6.260   16.326  7.159   1.00 60.56 ? 80  GLN A NE2 1 
ATOM   644  N  N   . TRP A 1 84  ? 5.585   10.580  8.151   1.00 36.84 ? 81  TRP A N   1 
ATOM   645  C  CA  . TRP A 1 84  ? 5.245   10.194  9.514   1.00 24.99 ? 81  TRP A CA  1 
ATOM   646  C  C   . TRP A 1 84  ? 6.474   9.617   10.201  1.00 27.41 ? 81  TRP A C   1 
ATOM   647  O  O   . TRP A 1 84  ? 6.837   10.027  11.304  1.00 45.81 ? 81  TRP A O   1 
ATOM   648  C  CB  . TRP A 1 84  ? 4.118   9.163   9.488   1.00 35.68 ? 81  TRP A CB  1 
ATOM   649  C  CG  . TRP A 1 84  ? 3.177   9.266   10.638  1.00 42.24 ? 81  TRP A CG  1 
ATOM   650  C  CD1 . TRP A 1 84  ? 1.895   9.736   10.608  1.00 42.11 ? 81  TRP A CD1 1 
ATOM   651  C  CD2 . TRP A 1 84  ? 3.435   8.886   11.996  1.00 43.56 ? 81  TRP A CD2 1 
ATOM   652  N  NE1 . TRP A 1 84  ? 1.339   9.672   11.865  1.00 52.76 ? 81  TRP A NE1 1 
ATOM   653  C  CE2 . TRP A 1 84  ? 2.264   9.154   12.734  1.00 47.97 ? 81  TRP A CE2 1 
ATOM   654  C  CE3 . TRP A 1 84  ? 4.543   8.346   12.659  1.00 40.65 ? 81  TRP A CE3 1 
ATOM   655  C  CZ2 . TRP A 1 84  ? 2.169   8.900   14.104  1.00 28.17 ? 81  TRP A CZ2 1 
ATOM   656  C  CZ3 . TRP A 1 84  ? 4.445   8.094   14.020  1.00 44.09 ? 81  TRP A CZ3 1 
ATOM   657  C  CH2 . TRP A 1 84  ? 3.268   8.373   14.727  1.00 36.94 ? 81  TRP A CH2 1 
ATOM   658  N  N   . ILE A 1 85  ? 7.133   8.685   9.528   1.00 28.20 ? 82  ILE A N   1 
ATOM   659  C  CA  . ILE A 1 85  ? 8.282   7.998   10.090  1.00 24.94 ? 82  ILE A CA  1 
ATOM   660  C  C   . ILE A 1 85  ? 9.482   8.924   10.304  1.00 48.78 ? 82  ILE A C   1 
ATOM   661  O  O   . ILE A 1 85  ? 10.290  8.706   11.209  1.00 45.19 ? 82  ILE A O   1 
ATOM   662  C  CB  . ILE A 1 85  ? 8.680   6.822   9.195   1.00 35.69 ? 82  ILE A CB  1 
ATOM   663  C  CG1 . ILE A 1 85  ? 7.535   5.807   9.175   1.00 34.18 ? 82  ILE A CG1 1 
ATOM   664  C  CG2 . ILE A 1 85  ? 9.972   6.192   9.691   1.00 43.21 ? 82  ILE A CG2 1 
ATOM   665  C  CD1 . ILE A 1 85  ? 7.654   4.768   8.096   1.00 44.22 ? 82  ILE A CD1 1 
ATOM   666  N  N   . HIS A 1 86  ? 9.595   9.963   9.484   1.00 43.76 ? 83  HIS A N   1 
ATOM   667  C  CA  . HIS A 1 86  ? 10.637  10.969  9.684   1.00 36.35 ? 83  HIS A CA  1 
ATOM   668  C  C   . HIS A 1 86  ? 10.255  11.931  10.805  1.00 40.91 ? 83  HIS A C   1 
ATOM   669  O  O   . HIS A 1 86  ? 11.097  12.316  11.618  1.00 45.75 ? 83  HIS A O   1 
ATOM   670  C  CB  . HIS A 1 86  ? 10.874  11.765  8.399   1.00 43.68 ? 83  HIS A CB  1 
ATOM   671  C  CG  . HIS A 1 86  ? 11.884  12.859  8.547   1.00 55.47 ? 83  HIS A CG  1 
ATOM   672  N  ND1 . HIS A 1 86  ? 13.228  12.670  8.302   1.00 59.41 ? 83  HIS A ND1 1 
ATOM   673  C  CD2 . HIS A 1 86  ? 11.748  14.154  8.919   1.00 48.02 ? 83  HIS A CD2 1 
ATOM   674  C  CE1 . HIS A 1 86  ? 13.875  13.802  8.515   1.00 55.36 ? 83  HIS A CE1 1 
ATOM   675  N  NE2 . HIS A 1 86  ? 12.999  14.718  8.890   1.00 54.56 ? 83  HIS A NE2 1 
ATOM   676  N  N   . ASN A 1 87  ? 8.983   12.320  10.838  1.00 27.30 ? 84  ASN A N   1 
ATOM   677  C  CA  . ASN A 1 87  ? 8.466   13.188  11.891  1.00 25.75 ? 84  ASN A CA  1 
ATOM   678  C  C   . ASN A 1 87  ? 8.759   12.557  13.241  1.00 52.59 ? 84  ASN A C   1 
ATOM   679  O  O   . ASN A 1 87  ? 9.377   13.161  14.119  1.00 50.67 ? 84  ASN A O   1 
ATOM   680  C  CB  . ASN A 1 87  ? 6.955   13.359  11.704  1.00 34.11 ? 84  ASN A CB  1 
ATOM   681  C  CG  . ASN A 1 87  ? 6.230   13.737  12.992  1.00 72.72 ? 84  ASN A CG  1 
ATOM   682  O  OD1 . ASN A 1 87  ? 6.845   13.987  14.030  1.00 70.25 ? 84  ASN A OD1 1 
ATOM   683  N  ND2 . ASN A 1 87  ? 4.904   13.778  12.922  1.00 76.17 ? 84  ASN A ND2 1 
ATOM   684  N  N   . TRP A 1 88  ? 8.297   11.326  13.386  1.00 54.84 ? 85  TRP A N   1 
ATOM   685  C  CA  . TRP A 1 88  ? 8.547   10.520  14.564  1.00 44.69 ? 85  TRP A CA  1 
ATOM   686  C  C   . TRP A 1 88  ? 10.006  10.637  15.008  1.00 44.22 ? 85  TRP A C   1 
ATOM   687  O  O   . TRP A 1 88  ? 10.291  10.848  16.186  1.00 54.06 ? 85  TRP A O   1 
ATOM   688  C  CB  . TRP A 1 88  ? 8.202   9.070   14.221  1.00 53.27 ? 85  TRP A CB  1 
ATOM   689  C  CG  . TRP A 1 88  ? 8.275   8.127   15.354  1.00 55.56 ? 85  TRP A CG  1 
ATOM   690  C  CD1 . TRP A 1 88  ? 8.335   8.438   16.675  1.00 55.70 ? 85  TRP A CD1 1 
ATOM   691  C  CD2 . TRP A 1 88  ? 8.277   6.698   15.273  1.00 51.16 ? 85  TRP A CD2 1 
ATOM   692  N  NE1 . TRP A 1 88  ? 8.375   7.290   17.427  1.00 52.64 ? 85  TRP A NE1 1 
ATOM   693  C  CE2 . TRP A 1 88  ? 8.341   6.207   16.589  1.00 43.70 ? 85  TRP A CE2 1 
ATOM   694  C  CE3 . TRP A 1 88  ? 8.234   5.788   14.213  1.00 57.51 ? 85  TRP A CE3 1 
ATOM   695  C  CZ2 . TRP A 1 88  ? 8.359   4.845   16.877  1.00 57.05 ? 85  TRP A CZ2 1 
ATOM   696  C  CZ3 . TRP A 1 88  ? 8.255   4.436   14.500  1.00 60.27 ? 85  TRP A CZ3 1 
ATOM   697  C  CH2 . TRP A 1 88  ? 8.317   3.977   15.821  1.00 62.46 ? 85  TRP A CH2 1 
ATOM   698  N  N   . LYS A 1 89  ? 10.924  10.509  14.054  1.00 36.50 ? 86  LYS A N   1 
ATOM   699  C  CA  . LYS A 1 89  ? 12.352  10.472  14.349  1.00 35.79 ? 86  LYS A CA  1 
ATOM   700  C  C   . LYS A 1 89  ? 12.895  11.800  14.867  1.00 51.13 ? 86  LYS A C   1 
ATOM   701  O  O   . LYS A 1 89  ? 13.815  11.823  15.689  1.00 43.49 ? 86  LYS A O   1 
ATOM   702  C  CB  . LYS A 1 89  ? 13.138  10.062  13.101  1.00 37.13 ? 86  LYS A CB  1 
ATOM   703  C  CG  . LYS A 1 89  ? 14.649  10.136  13.273  1.00 32.59 ? 86  LYS A CG  1 
ATOM   704  C  CD  . LYS A 1 89  ? 15.380  9.828   11.979  1.00 41.57 ? 86  LYS A CD  1 
ATOM   705  C  CE  . LYS A 1 89  ? 16.875  10.050  12.133  1.00 58.92 ? 86  LYS A CE  1 
ATOM   706  N  NZ  . LYS A 1 89  ? 17.607  9.833   10.855  1.00 88.83 ? 86  LYS A NZ  1 
ATOM   707  N  N   . LYS A 1 90  ? 12.333  12.904  14.384  1.00 56.52 ? 87  LYS A N   1 
ATOM   708  C  CA  . LYS A 1 90  ? 12.891  14.221  14.674  1.00 64.59 ? 87  LYS A CA  1 
ATOM   709  C  C   . LYS A 1 90  ? 11.966  15.115  15.499  1.00 48.98 ? 87  LYS A C   1 
ATOM   710  O  O   . LYS A 1 90  ? 12.420  16.063  16.142  1.00 59.63 ? 87  LYS A O   1 
ATOM   711  C  CB  . LYS A 1 90  ? 13.266  14.928  13.366  1.00 61.69 ? 87  LYS A CB  1 
ATOM   712  C  CG  . LYS A 1 90  ? 14.362  14.216  12.580  1.00 61.44 ? 87  LYS A CG  1 
ATOM   713  C  CD  . LYS A 1 90  ? 14.917  15.090  11.461  1.00 90.04 ? 87  LYS A CD  1 
ATOM   714  C  CE  . LYS A 1 90  ? 16.161  14.468  10.839  1.00 81.41 ? 87  LYS A CE  1 
ATOM   715  N  NZ  . LYS A 1 90  ? 16.682  15.274  9.697   1.00 85.32 ? 87  LYS A NZ  1 
ATOM   716  N  N   . ARG A 1 91  ? 10.674  14.812  15.481  1.00 32.36 ? 88  ARG A N   1 
ATOM   717  C  CA  . ARG A 1 91  ? 9.682   15.641  16.161  1.00 35.18 ? 88  ARG A CA  1 
ATOM   718  C  C   . ARG A 1 91  ? 8.801   14.850  17.134  1.00 70.72 ? 88  ARG A C   1 
ATOM   719  O  O   . ARG A 1 91  ? 8.370   15.388  18.152  1.00 76.73 ? 88  ARG A O   1 
ATOM   720  C  CB  . ARG A 1 91  ? 8.798   16.340  15.127  1.00 69.26 ? 88  ARG A CB  1 
ATOM   721  C  CG  . ARG A 1 91  ? 9.576   17.089  14.057  1.00 73.92 ? 88  ARG A CG  1 
ATOM   722  C  CD  . ARG A 1 91  ? 9.787   18.545  14.433  1.00 91.36 ? 88  ARG A CD  1 
ATOM   723  N  NE  . ARG A 1 91  ? 8.548   19.314  14.357  1.00 94.89 ? 88  ARG A NE  1 
ATOM   724  C  CZ  . ARG A 1 91  ? 8.023   19.774  13.224  1.00 77.56 ? 88  ARG A CZ  1 
ATOM   725  N  NH1 . ARG A 1 91  ? 8.629   19.542  12.068  1.00 75.89 ? 88  ARG A NH1 1 
ATOM   726  N  NH2 . ARG A 1 91  ? 6.893   20.466  13.248  1.00 83.73 ? 88  ARG A NH2 1 
ATOM   727  N  N   . GLY A 1 92  ? 8.530   13.584  16.818  1.00 73.84 ? 89  GLY A N   1 
ATOM   728  C  CA  . GLY A 1 92  ? 7.735   12.741  17.704  1.00 69.42 ? 89  GLY A CA  1 
ATOM   729  C  C   . GLY A 1 92  ? 6.233   12.924  17.555  1.00 71.39 ? 89  GLY A C   1 
ATOM   730  O  O   . GLY A 1 92  ? 5.774   14.006  17.191  1.00 82.95 ? 89  GLY A O   1 
ATOM   731  N  N   . TRP A 1 93  ? 5.461   11.877  17.840  1.00 69.65 ? 90  TRP A N   1 
ATOM   732  C  CA  . TRP A 1 93  ? 4.008   11.938  17.667  1.00 56.17 ? 90  TRP A CA  1 
ATOM   733  C  C   . TRP A 1 93  ? 3.344   12.697  18.810  1.00 62.39 ? 90  TRP A C   1 
ATOM   734  O  O   . TRP A 1 93  ? 2.173   13.069  18.722  1.00 71.06 ? 90  TRP A O   1 
ATOM   735  C  CB  . TRP A 1 93  ? 3.404   10.526  17.569  1.00 61.96 ? 90  TRP A CB  1 
ATOM   736  C  CG  . TRP A 1 93  ? 3.323   9.775   18.878  1.00 61.88 ? 90  TRP A CG  1 
ATOM   737  C  CD1 . TRP A 1 93  ? 4.337   9.110   19.504  1.00 65.44 ? 90  TRP A CD1 1 
ATOM   738  C  CD2 . TRP A 1 93  ? 2.167   9.627   19.721  1.00 55.40 ? 90  TRP A CD2 1 
ATOM   739  N  NE1 . TRP A 1 93  ? 3.889   8.560   20.683  1.00 65.10 ? 90  TRP A NE1 1 
ATOM   740  C  CE2 . TRP A 1 93  ? 2.562   8.862   20.840  1.00 53.45 ? 90  TRP A CE2 1 
ATOM   741  C  CE3 . TRP A 1 93  ? 0.840   10.065  19.638  1.00 62.32 ? 90  TRP A CE3 1 
ATOM   742  C  CZ2 . TRP A 1 93  ? 1.679   8.530   21.870  1.00 49.49 ? 90  TRP A CZ2 1 
ATOM   743  C  CZ3 . TRP A 1 93  ? -0.038  9.734   20.663  1.00 57.29 ? 90  TRP A CZ3 1 
ATOM   744  C  CH2 . TRP A 1 93  ? 0.387   8.973   21.764  1.00 56.27 ? 90  TRP A CH2 1 
ATOM   745  N  N   . PRO A 1 100 ? -0.837  14.736  9.410   1.00 57.69 ? 97  PRO A N   1 
ATOM   746  C  CA  . PRO A 1 100 ? -1.817  14.622  8.324   1.00 61.14 ? 97  PRO A CA  1 
ATOM   747  C  C   . PRO A 1 100 ? -3.212  15.109  8.711   1.00 64.88 ? 97  PRO A C   1 
ATOM   748  O  O   . PRO A 1 100 ? -3.604  15.042  9.876   1.00 62.84 ? 97  PRO A O   1 
ATOM   749  C  CB  . PRO A 1 100 ? -1.802  13.133  7.976   1.00 62.95 ? 97  PRO A CB  1 
ATOM   750  C  CG  . PRO A 1 100 ? -1.307  12.458  9.211   1.00 64.83 ? 97  PRO A CG  1 
ATOM   751  C  CD  . PRO A 1 100 ? -0.346  13.419  9.856   1.00 63.10 ? 97  PRO A CD  1 
ATOM   752  N  N   . VAL A 1 101 ? -3.954  15.603  7.724   1.00 50.34 ? 98  VAL A N   1 
ATOM   753  C  CA  . VAL A 1 101 ? -5.314  16.079  7.948   1.00 40.70 ? 98  VAL A CA  1 
ATOM   754  C  C   . VAL A 1 101 ? -6.341  15.187  7.246   1.00 41.37 ? 98  VAL A C   1 
ATOM   755  O  O   . VAL A 1 101 ? -7.382  14.860  7.818   1.00 57.61 ? 98  VAL A O   1 
ATOM   756  C  CB  . VAL A 1 101 ? -5.487  17.529  7.446   1.00 47.22 ? 98  VAL A CB  1 
ATOM   757  C  CG1 . VAL A 1 101 ? -6.941  17.971  7.619   1.00 44.00 ? 98  VAL A CG1 1 
ATOM   758  C  CG2 . VAL A 1 101 ? -4.550  18.462  8.210   1.00 47.66 ? 98  VAL A CG2 1 
ATOM   759  N  N   . LYS A 1 102 ? -6.050  14.799  6.007   1.00 42.04 ? 99  LYS A N   1 
ATOM   760  C  CA  . LYS A 1 102 ? -6.902  13.857  5.287   1.00 38.98 ? 99  LYS A CA  1 
ATOM   761  C  C   . LYS A 1 102 ? -6.514  12.428  5.645   1.00 26.95 ? 99  LYS A C   1 
ATOM   762  O  O   . LYS A 1 102 ? -5.333  12.121  5.786   1.00 38.67 ? 99  LYS A O   1 
ATOM   763  C  CB  . LYS A 1 102 ? -6.760  14.038  3.772   1.00 37.74 ? 99  LYS A CB  1 
ATOM   764  C  CG  . LYS A 1 102 ? -7.279  15.354  3.227   1.00 83.06 ? 99  LYS A CG  1 
ATOM   765  C  CD  . LYS A 1 102 ? -7.932  15.153  1.862   1.00 79.07 ? 99  LYS A CD  1 
ATOM   766  C  CE  . LYS A 1 102 ? -7.124  14.210  0.978   1.00 74.81 ? 99  LYS A CE  1 
ATOM   767  N  NZ  . LYS A 1 102 ? -5.755  14.722  0.679   1.00 46.42 ? 99  LYS A NZ  1 
ATOM   768  N  N   . ASN A 1 103 ? -7.510  11.561  5.794   1.00 22.19 ? 100 ASN A N   1 
ATOM   769  C  CA  . ASN A 1 103 ? -7.255  10.136  5.984   1.00 36.71 ? 100 ASN A CA  1 
ATOM   770  C  C   . ASN A 1 103 ? -6.451  9.872   7.255   1.00 40.49 ? 100 ASN A C   1 
ATOM   771  O  O   . ASN A 1 103 ? -5.615  8.964   7.297   1.00 32.01 ? 100 ASN A O   1 
ATOM   772  C  CB  . ASN A 1 103 ? -6.494  9.579   4.775   1.00 29.79 ? 100 ASN A CB  1 
ATOM   773  C  CG  . ASN A 1 103 ? -7.228  9.814   3.473   1.00 29.75 ? 100 ASN A CG  1 
ATOM   774  O  OD1 . ASN A 1 103 ? -8.441  9.631   3.396   1.00 29.11 ? 100 ASN A OD1 1 
ATOM   775  N  ND2 . ASN A 1 103 ? -6.497  10.227  2.442   1.00 22.84 ? 100 ASN A ND2 1 
ATOM   776  N  N   . VAL A 1 104 ? -6.710  10.668  8.287   1.00 33.17 ? 101 VAL A N   1 
ATOM   777  C  CA  . VAL A 1 104 ? -5.935  10.598  9.520   1.00 41.91 ? 101 VAL A CA  1 
ATOM   778  C  C   . VAL A 1 104 ? -6.109  9.274   10.259  1.00 30.11 ? 101 VAL A C   1 
ATOM   779  O  O   . VAL A 1 104 ? -5.129  8.678   10.705  1.00 46.44 ? 101 VAL A O   1 
ATOM   780  C  CB  . VAL A 1 104 ? -6.298  11.760  10.477  1.00 53.90 ? 101 VAL A CB  1 
ATOM   781  C  CG1 . VAL A 1 104 ? -5.972  13.088  9.822   1.00 54.85 ? 101 VAL A CG1 1 
ATOM   782  C  CG2 . VAL A 1 104 ? -7.770  11.704  10.842  1.00 58.24 ? 101 VAL A CG2 1 
ATOM   783  N  N   . ASP A 1 105 ? -7.346  8.808   10.394  1.00 41.67 ? 102 ASP A N   1 
ATOM   784  C  CA  . ASP A 1 105 ? -7.586  7.554   11.100  1.00 45.15 ? 102 ASP A CA  1 
ATOM   785  C  C   . ASP A 1 105 ? -6.813  6.423   10.431  1.00 47.57 ? 102 ASP A C   1 
ATOM   786  O  O   . ASP A 1 105 ? -6.246  5.561   11.103  1.00 45.22 ? 102 ASP A O   1 
ATOM   787  C  CB  . ASP A 1 105 ? -9.081  7.214   11.112  1.00 46.56 ? 102 ASP A CB  1 
ATOM   788  C  CG  . ASP A 1 105 ? -9.882  8.129   12.020  1.00 47.14 ? 102 ASP A CG  1 
ATOM   789  O  OD1 . ASP A 1 105 ? -9.261  8.835   12.843  1.00 54.80 ? 102 ASP A OD1 1 
ATOM   790  O  OD2 . ASP A 1 105 ? -11.131 8.139   11.906  1.00 59.96 ? 102 ASP A OD2 1 
ATOM   791  N  N   . LEU A 1 106 ? -6.786  6.442   9.102   1.00 36.96 ? 517 LEU A N   1 
ATOM   792  C  CA  . LEU A 1 106 ? -6.214  5.340   8.339   1.00 32.84 ? 517 LEU A CA  1 
ATOM   793  C  C   . LEU A 1 106 ? -4.689  5.363   8.366   1.00 35.55 ? 517 LEU A C   1 
ATOM   794  O  O   . LEU A 1 106 ? -4.048  4.316   8.489   1.00 26.74 ? 517 LEU A O   1 
ATOM   795  C  CB  . LEU A 1 106 ? -6.694  5.396   6.893   1.00 33.27 ? 517 LEU A CB  1 
ATOM   796  C  CG  . LEU A 1 106 ? -7.069  4.068   6.236   1.00 51.15 ? 517 LEU A CG  1 
ATOM   797  C  CD1 . LEU A 1 106 ? -6.911  4.206   4.733   1.00 36.13 ? 517 LEU A CD1 1 
ATOM   798  C  CD2 . LEU A 1 106 ? -6.190  2.943   6.770   1.00 35.56 ? 517 LEU A CD2 1 
ATOM   799  N  N   . VAL A 1 107 ? -4.105  6.550   8.244   1.00 25.99 ? 518 VAL A N   1 
ATOM   800  C  CA  . VAL A 1 107 ? -2.655  6.665   8.293   1.00 22.32 ? 518 VAL A CA  1 
ATOM   801  C  C   . VAL A 1 107 ? -2.175  6.227   9.675   1.00 40.87 ? 518 VAL A C   1 
ATOM   802  O  O   . VAL A 1 107 ? -1.092  5.648   9.818   1.00 29.63 ? 518 VAL A O   1 
ATOM   803  C  CB  . VAL A 1 107 ? -2.190  8.107   8.004   1.00 28.23 ? 518 VAL A CB  1 
ATOM   804  C  CG1 . VAL A 1 107 ? -0.705  8.238   8.269   1.00 30.87 ? 518 VAL A CG1 1 
ATOM   805  C  CG2 . VAL A 1 107 ? -2.480  8.459   6.533   1.00 20.53 ? 518 VAL A CG2 1 
ATOM   806  N  N   . ASN A 1 108 ? -2.999  6.486   10.688  1.00 37.13 ? 519 ASN A N   1 
ATOM   807  C  CA  . ASN A 1 108 ? -2.691  6.064   12.053  1.00 37.29 ? 519 ASN A CA  1 
ATOM   808  C  C   . ASN A 1 108 ? -2.742  4.548   12.218  1.00 25.06 ? 519 ASN A C   1 
ATOM   809  O  O   . ASN A 1 108 ? -1.877  3.962   12.872  1.00 37.77 ? 519 ASN A O   1 
ATOM   810  C  CB  . ASN A 1 108 ? -3.661  6.715   13.040  1.00 54.88 ? 519 ASN A CB  1 
ATOM   811  C  CG  . ASN A 1 108 ? -3.304  8.155   13.340  1.00 39.86 ? 519 ASN A CG  1 
ATOM   812  O  OD1 . ASN A 1 108 ? -2.169  8.582   13.128  1.00 42.16 ? 519 ASN A OD1 1 
ATOM   813  N  ND2 . ASN A 1 108 ? -4.274  8.914   13.840  1.00 62.53 ? 519 ASN A ND2 1 
ATOM   814  N  N   . GLN A 1 109 ? -3.752  3.916   11.636  1.00 25.02 ? 520 GLN A N   1 
ATOM   815  C  CA  . GLN A 1 109 ? -3.849  2.466   11.677  1.00 26.27 ? 520 GLN A CA  1 
ATOM   816  C  C   . GLN A 1 109 ? -2.608  1.840   11.042  1.00 41.47 ? 520 GLN A C   1 
ATOM   817  O  O   . GLN A 1 109 ? -2.095  0.836   11.531  1.00 28.86 ? 520 GLN A O   1 
ATOM   818  C  CB  . GLN A 1 109 ? -5.106  1.989   10.946  1.00 29.49 ? 520 GLN A CB  1 
ATOM   819  C  CG  . GLN A 1 109 ? -6.399  2.255   11.707  1.00 57.20 ? 520 GLN A CG  1 
ATOM   820  C  CD  . GLN A 1 109 ? -7.624  2.233   10.811  1.00 73.28 ? 520 GLN A CD  1 
ATOM   821  O  OE1 . GLN A 1 109 ? -7.873  1.261   10.097  1.00 45.19 ? 520 GLN A OE1 1 
ATOM   822  N  NE2 . GLN A 1 109 ? -8.397  3.313   10.845  1.00 93.72 ? 520 GLN A NE2 1 
ATOM   823  N  N   . ILE A 1 110 ? -2.121  2.445   9.961   1.00 32.47 ? 521 ILE A N   1 
ATOM   824  C  CA  . ILE A 1 110 ? -0.931  1.941   9.277   1.00 22.14 ? 521 ILE A CA  1 
ATOM   825  C  C   . ILE A 1 110 ? 0.333   2.107   10.124  1.00 26.21 ? 521 ILE A C   1 
ATOM   826  O  O   . ILE A 1 110 ? 1.142   1.185   10.233  1.00 22.90 ? 521 ILE A O   1 
ATOM   827  C  CB  . ILE A 1 110 ? -0.739  2.656   7.913   1.00 17.64 ? 521 ILE A CB  1 
ATOM   828  C  CG1 . ILE A 1 110 ? -1.827  2.203   6.938   1.00 20.89 ? 521 ILE A CG1 1 
ATOM   829  C  CG2 . ILE A 1 110 ? 0.644   2.388   7.372   1.00 16.15 ? 521 ILE A CG2 1 
ATOM   830  C  CD1 . ILE A 1 110 ? -1.869  3.016   5.650   1.00 23.33 ? 521 ILE A CD1 1 
ATOM   831  N  N   . ILE A 1 111 ? 0.502   3.277   10.733  1.00 20.91 ? 522 ILE A N   1 
ATOM   832  C  CA  . ILE A 1 111 ? 1.679   3.528   11.545  1.00 19.42 ? 522 ILE A CA  1 
ATOM   833  C  C   . ILE A 1 111 ? 1.709   2.577   12.742  1.00 21.61 ? 522 ILE A C   1 
ATOM   834  O  O   . ILE A 1 111 ? 2.764   2.052   13.104  1.00 24.27 ? 522 ILE A O   1 
ATOM   835  C  CB  . ILE A 1 111 ? 1.697   4.979   12.059  1.00 24.59 ? 522 ILE A CB  1 
ATOM   836  C  CG1 . ILE A 1 111 ? 1.739   5.942   10.873  1.00 32.75 ? 522 ILE A CG1 1 
ATOM   837  C  CG2 . ILE A 1 111 ? 2.893   5.194   12.967  1.00 29.62 ? 522 ILE A CG2 1 
ATOM   838  C  CD1 . ILE A 1 111 ? 2.933   5.743   9.976   1.00 31.76 ? 522 ILE A CD1 1 
ATOM   839  N  N   . GLU A 1 112 ? 0.546   2.350   13.342  1.00 25.31 ? 523 GLU A N   1 
ATOM   840  C  CA  . GLU A 1 112 ? 0.453   1.453   14.489  1.00 32.47 ? 523 GLU A CA  1 
ATOM   841  C  C   . GLU A 1 112 ? 0.768   0.009   14.108  1.00 30.28 ? 523 GLU A C   1 
ATOM   842  O  O   . GLU A 1 112 ? 1.267   -0.758  14.933  1.00 25.48 ? 523 GLU A O   1 
ATOM   843  C  CB  . GLU A 1 112 ? -0.938  1.544   15.115  1.00 31.14 ? 523 GLU A CB  1 
ATOM   844  C  CG  . GLU A 1 112 ? -1.154  2.855   15.854  1.00 33.36 ? 523 GLU A CG  1 
ATOM   845  C  CD  . GLU A 1 112 ? -2.614  3.182   16.075  1.00 34.92 ? 523 GLU A CD  1 
ATOM   846  O  OE1 . GLU A 1 112 ? -2.917  4.370   16.322  1.00 55.95 ? 523 GLU A OE1 1 
ATOM   847  O  OE2 . GLU A 1 112 ? -3.455  2.261   16.004  1.00 72.48 ? 523 GLU A OE2 1 
ATOM   848  N  N   . GLN A 1 113 ? 0.484   -0.352  12.860  1.00 21.56 ? 524 GLN A N   1 
ATOM   849  C  CA  . GLN A 1 113 ? 0.899   -1.654  12.331  1.00 19.12 ? 524 GLN A CA  1 
ATOM   850  C  C   . GLN A 1 113 ? 2.402   -1.716  12.107  1.00 19.21 ? 524 GLN A C   1 
ATOM   851  O  O   . GLN A 1 113 ? 3.054   -2.695  12.483  1.00 20.96 ? 524 GLN A O   1 
ATOM   852  C  CB  . GLN A 1 113 ? 0.218   -1.942  10.997  1.00 28.60 ? 524 GLN A CB  1 
ATOM   853  C  CG  . GLN A 1 113 ? -1.230  -2.348  11.067  1.00 25.50 ? 524 GLN A CG  1 
ATOM   854  C  CD  . GLN A 1 113 ? -1.814  -2.489  9.679   1.00 33.44 ? 524 GLN A CD  1 
ATOM   855  O  OE1 . GLN A 1 113 ? -2.522  -3.450  9.381   1.00 40.76 ? 524 GLN A OE1 1 
ATOM   856  N  NE2 . GLN A 1 113 ? -1.509  -1.525  8.813   1.00 35.68 ? 524 GLN A NE2 1 
ATOM   857  N  N   . LEU A 1 114 ? 2.950   -0.683  11.465  1.00 18.91 ? 525 LEU A N   1 
ATOM   858  C  CA  . LEU A 1 114 ? 4.369   -0.654  11.139  1.00 19.05 ? 525 LEU A CA  1 
ATOM   859  C  C   . LEU A 1 114 ? 5.247   -0.901  12.350  1.00 22.94 ? 525 LEU A C   1 
ATOM   860  O  O   . LEU A 1 114 ? 6.183   -1.690  12.288  1.00 20.64 ? 525 LEU A O   1 
ATOM   861  C  CB  . LEU A 1 114 ? 4.771   0.697   10.522  1.00 22.53 ? 525 LEU A CB  1 
ATOM   862  C  CG  . LEU A 1 114 ? 4.500   0.965   9.040   1.00 25.05 ? 525 LEU A CG  1 
ATOM   863  C  CD1 . LEU A 1 114 ? 4.986   2.370   8.708   1.00 21.47 ? 525 LEU A CD1 1 
ATOM   864  C  CD2 . LEU A 1 114 ? 5.209   -0.053  8.160   1.00 15.19 ? 525 LEU A CD2 1 
ATOM   865  N  N   . ILE A 1 115 ? 4.963   -0.213  13.453  1.00 21.54 ? 526 ILE A N   1 
ATOM   866  C  CA  . ILE A 1 115 ? 5.903   -0.235  14.554  1.00 21.87 ? 526 ILE A CA  1 
ATOM   867  C  C   . ILE A 1 115 ? 5.950   -1.602  15.213  1.00 18.24 ? 526 ILE A C   1 
ATOM   868  O  O   . ILE A 1 115 ? 6.925   -1.933  15.880  1.00 22.92 ? 526 ILE A O   1 
ATOM   869  C  CB  . ILE A 1 115 ? 5.574   0.839   15.609  1.00 22.65 ? 526 ILE A CB  1 
ATOM   870  C  CG1 . ILE A 1 115 ? 4.176   0.618   16.181  1.00 17.60 ? 526 ILE A CG1 1 
ATOM   871  C  CG2 . ILE A 1 115 ? 5.686   2.219   14.973  1.00 25.02 ? 526 ILE A CG2 1 
ATOM   872  C  CD1 . ILE A 1 115 ? 3.816   1.613   17.288  1.00 30.52 ? 526 ILE A CD1 1 
ATOM   873  N  N   . LYS A 1 116 ? 4.912   -2.410  15.017  1.00 19.01 ? 527 LYS A N   1 
ATOM   874  C  CA  . LYS A 1 116 ? 4.923   -3.752  15.608  1.00 15.76 ? 527 LYS A CA  1 
ATOM   875  C  C   . LYS A 1 116 ? 5.669   -4.777  14.762  1.00 21.24 ? 527 LYS A C   1 
ATOM   876  O  O   . LYS A 1 116 ? 5.964   -5.877  15.224  1.00 19.76 ? 527 LYS A O   1 
ATOM   877  C  CB  . LYS A 1 116 ? 3.495   -4.234  15.877  1.00 19.12 ? 527 LYS A CB  1 
ATOM   878  C  CG  . LYS A 1 116 ? 2.860   -3.541  17.064  1.00 20.85 ? 527 LYS A CG  1 
ATOM   879  C  CD  . LYS A 1 116 ? 1.470   -4.067  17.347  1.00 22.51 ? 527 LYS A CD  1 
ATOM   880  C  CE  . LYS A 1 116 ? 0.510   -3.732  16.213  1.00 30.97 ? 527 LYS A CE  1 
ATOM   881  N  NZ  . LYS A 1 116 ? -0.863  -4.243  16.483  1.00 35.60 ? 527 LYS A NZ  1 
ATOM   882  N  N   . LYS A 1 117 ? 5.985   -4.419  13.521  1.00 16.95 ? 528 LYS A N   1 
ATOM   883  C  CA  . LYS A 1 117 ? 6.780   -5.303  12.672  1.00 15.10 ? 528 LYS A CA  1 
ATOM   884  C  C   . LYS A 1 117 ? 8.212   -5.390  13.182  1.00 15.55 ? 528 LYS A C   1 
ATOM   885  O  O   . LYS A 1 117 ? 8.685   -4.499  13.890  1.00 18.30 ? 528 LYS A O   1 
ATOM   886  C  CB  . LYS A 1 117 ? 6.785   -4.793  11.222  1.00 13.34 ? 528 LYS A CB  1 
ATOM   887  C  CG  . LYS A 1 117 ? 5.417   -4.800  10.553  1.00 11.87 ? 528 LYS A CG  1 
ATOM   888  C  CD  . LYS A 1 117 ? 4.942   -6.234  10.341  1.00 13.15 ? 528 LYS A CD  1 
ATOM   889  C  CE  . LYS A 1 117 ? 3.597   -6.291  9.628   1.00 13.56 ? 528 LYS A CE  1 
ATOM   890  N  NZ  . LYS A 1 117 ? 3.068   -7.688  9.450   1.00 14.33 ? 528 LYS A NZ  1 
ATOM   891  N  N   . GLU A 1 118 ? 8.905   -6.468  12.824  1.00 15.25 ? 529 GLU A N   1 
ATOM   892  C  CA  . GLU A 1 118 ? 10.339  -6.554  13.094  1.00 17.26 ? 529 GLU A CA  1 
ATOM   893  C  C   . GLU A 1 118 ? 11.123  -5.713  12.094  1.00 17.63 ? 529 GLU A C   1 
ATOM   894  O  O   . GLU A 1 118 ? 11.951  -4.886  12.480  1.00 18.60 ? 529 GLU A O   1 
ATOM   895  C  CB  . GLU A 1 118 ? 10.806  -8.013  13.025  1.00 21.21 ? 529 GLU A CB  1 
ATOM   896  C  CG  . GLU A 1 118 ? 10.168  -8.910  14.071  1.00 42.54 ? 529 GLU A CG  1 
ATOM   897  C  CD  . GLU A 1 118 ? 10.724  -8.669  15.463  1.00 91.66 ? 529 GLU A CD  1 
ATOM   898  O  OE1 . GLU A 1 118 ? 10.124  -9.165  16.446  1.00 49.03 ? 529 GLU A OE1 1 
ATOM   899  O  OE2 . GLU A 1 118 ? 11.764  -7.983  15.569  1.00 29.54 ? 529 GLU A OE2 1 
ATOM   900  N  N   . LYS A 1 119 ? 10.846  -5.911  10.806  1.00 16.35 ? 530 LYS A N   1 
ATOM   901  C  CA  . LYS A 1 119 ? 11.486  -5.134  9.753   1.00 16.07 ? 530 LYS A CA  1 
ATOM   902  C  C   . LYS A 1 119 ? 10.503  -4.844  8.620   1.00 19.33 ? 530 LYS A C   1 
ATOM   903  O  O   . LYS A 1 119 ? 9.757   -5.724  8.214   1.00 16.56 ? 530 LYS A O   1 
ATOM   904  C  CB  . LYS A 1 119 ? 12.666  -5.906  9.170   1.00 21.09 ? 530 LYS A CB  1 
ATOM   905  C  CG  . LYS A 1 119 ? 13.761  -6.260  10.155  1.00 17.93 ? 530 LYS A CG  1 
ATOM   906  C  CD  . LYS A 1 119 ? 14.954  -6.826  9.392   1.00 26.72 ? 530 LYS A CD  1 
ATOM   907  C  CE  . LYS A 1 119 ? 16.114  -7.160  10.315  1.00 33.15 ? 530 LYS A CE  1 
ATOM   908  N  NZ  . LYS A 1 119 ? 17.187  -7.877  9.565   1.00 36.96 ? 530 LYS A NZ  1 
ATOM   909  N  N   . VAL A 1 120 ? 10.515  -3.619  8.098   1.00 15.43 ? 531 VAL A N   1 
ATOM   910  C  CA  . VAL A 1 120 ? 9.719   -3.311  6.913   1.00 18.15 ? 531 VAL A CA  1 
ATOM   911  C  C   . VAL A 1 120 ? 10.527  -2.527  5.904   1.00 14.55 ? 531 VAL A C   1 
ATOM   912  O  O   . VAL A 1 120 ? 11.156  -1.524  6.246   1.00 16.38 ? 531 VAL A O   1 
ATOM   913  C  CB  . VAL A 1 120 ? 8.475   -2.473  7.254   1.00 14.74 ? 531 VAL A CB  1 
ATOM   914  C  CG1 . VAL A 1 120 ? 7.719   -2.123  5.969   1.00 17.02 ? 531 VAL A CG1 1 
ATOM   915  C  CG2 . VAL A 1 120 ? 7.583   -3.244  8.216   1.00 17.90 ? 531 VAL A CG2 1 
ATOM   916  N  N   . TYR A 1 121 ? 10.480  -2.986  4.659   1.00 12.92 ? 532 TYR A N   1 
ATOM   917  C  CA  . TYR A 1 121 ? 11.006  -2.248  3.524   1.00 15.37 ? 532 TYR A CA  1 
ATOM   918  C  C   . TYR A 1 121 ? 9.822   -1.762  2.696   1.00 14.73 ? 532 TYR A C   1 
ATOM   919  O  O   . TYR A 1 121 ? 8.999   -2.565  2.262   1.00 16.16 ? 532 TYR A O   1 
ATOM   920  C  CB  . TYR A 1 121 ? 11.883  -3.171  2.671   1.00 13.32 ? 532 TYR A CB  1 
ATOM   921  C  CG  . TYR A 1 121 ? 12.324  -2.550  1.361   1.00 15.37 ? 532 TYR A CG  1 
ATOM   922  C  CD1 . TYR A 1 121 ? 13.272  -1.532  1.340   1.00 20.80 ? 532 TYR A CD1 1 
ATOM   923  C  CD2 . TYR A 1 121 ? 11.813  -2.995  0.149   1.00 18.55 ? 532 TYR A CD2 1 
ATOM   924  C  CE1 . TYR A 1 121 ? 13.702  -0.978  0.150   1.00 22.20 ? 532 TYR A CE1 1 
ATOM   925  C  CE2 . TYR A 1 121 ? 12.241  -2.444  -1.054  1.00 19.38 ? 532 TYR A CE2 1 
ATOM   926  C  CZ  . TYR A 1 121 ? 13.189  -1.436  -1.040  1.00 23.81 ? 532 TYR A CZ  1 
ATOM   927  O  OH  . TYR A 1 121 ? 13.647  -0.891  -2.221  1.00 28.19 ? 532 TYR A OH  1 
ATOM   928  N  N   . LEU A 1 122 ? 9.743   -0.452  2.486   1.00 14.98 ? 533 LEU A N   1 
ATOM   929  C  CA  . LEU A 1 122 ? 8.642   0.141   1.732   1.00 17.84 ? 533 LEU A CA  1 
ATOM   930  C  C   . LEU A 1 122 ? 9.226   0.940   0.573   1.00 21.28 ? 533 LEU A C   1 
ATOM   931  O  O   . LEU A 1 122 ? 9.981   1.888   0.784   1.00 28.36 ? 533 LEU A O   1 
ATOM   932  C  CB  . LEU A 1 122 ? 7.828   1.061   2.646   1.00 18.41 ? 533 LEU A CB  1 
ATOM   933  C  CG  . LEU A 1 122 ? 6.669   1.834   2.010   1.00 25.65 ? 533 LEU A CG  1 
ATOM   934  C  CD1 . LEU A 1 122 ? 5.563   0.874   1.577   1.00 19.09 ? 533 LEU A CD1 1 
ATOM   935  C  CD2 . LEU A 1 122 ? 6.139   2.836   3.032   1.00 27.14 ? 533 LEU A CD2 1 
ATOM   936  N  N   . ALA A 1 123 ? 8.886   0.553   -0.650  1.00 17.98 ? 534 ALA A N   1 
ATOM   937  C  CA  . ALA A 1 123 ? 9.523   1.144   -1.823  1.00 21.16 ? 534 ALA A CA  1 
ATOM   938  C  C   . ALA A 1 123 ? 8.503   1.577   -2.860  1.00 21.18 ? 534 ALA A C   1 
ATOM   939  O  O   . ALA A 1 123 ? 7.398   1.039   -2.929  1.00 17.53 ? 534 ALA A O   1 
ATOM   940  C  CB  . ALA A 1 123 ? 10.492  0.160   -2.438  1.00 26.04 ? 534 ALA A CB  1 
ATOM   941  N  N   . TRP A 1 124 ? 8.890   2.552   -3.673  1.00 17.80 ? 535 TRP A N   1 
ATOM   942  C  CA  . TRP A 1 124 ? 8.020   3.073   -4.713  1.00 16.11 ? 535 TRP A CA  1 
ATOM   943  C  C   . TRP A 1 124 ? 8.526   2.625   -6.068  1.00 18.75 ? 535 TRP A C   1 
ATOM   944  O  O   . TRP A 1 124 ? 9.736   2.594   -6.309  1.00 22.18 ? 535 TRP A O   1 
ATOM   945  C  CB  . TRP A 1 124 ? 7.999   4.600   -4.662  1.00 17.21 ? 535 TRP A CB  1 
ATOM   946  C  CG  . TRP A 1 124 ? 7.170   5.216   -5.728  1.00 19.28 ? 535 TRP A CG  1 
ATOM   947  C  CD1 . TRP A 1 124 ? 5.820   5.431   -5.697  1.00 23.55 ? 535 TRP A CD1 1 
ATOM   948  C  CD2 . TRP A 1 124 ? 7.627   5.707   -6.995  1.00 21.30 ? 535 TRP A CD2 1 
ATOM   949  N  NE1 . TRP A 1 124 ? 5.410   6.021   -6.867  1.00 22.37 ? 535 TRP A NE1 1 
ATOM   950  C  CE2 . TRP A 1 124 ? 6.499   6.201   -7.681  1.00 20.38 ? 535 TRP A CE2 1 
ATOM   951  C  CE3 . TRP A 1 124 ? 8.879   5.775   -7.614  1.00 26.48 ? 535 TRP A CE3 1 
ATOM   952  C  CZ2 . TRP A 1 124 ? 6.586   6.760   -8.956  1.00 23.84 ? 535 TRP A CZ2 1 
ATOM   953  C  CZ3 . TRP A 1 124 ? 8.962   6.330   -8.883  1.00 27.42 ? 535 TRP A CZ3 1 
ATOM   954  C  CH2 . TRP A 1 124 ? 7.820   6.815   -9.539  1.00 21.71 ? 535 TRP A CH2 1 
ATOM   955  N  N   . VAL A 1 125 ? 7.597   2.271   -6.946  1.00 15.80 ? 536 VAL A N   1 
ATOM   956  C  CA  . VAL A 1 125 ? 7.907   2.059   -8.356  1.00 17.35 ? 536 VAL A CA  1 
ATOM   957  C  C   . VAL A 1 125 ? 6.887   2.802   -9.204  1.00 23.14 ? 536 VAL A C   1 
ATOM   958  O  O   . VAL A 1 125 ? 5.765   3.060   -8.772  1.00 16.95 ? 536 VAL A O   1 
ATOM   959  C  CB  . VAL A 1 125 ? 7.872   0.563   -8.746  1.00 16.43 ? 536 VAL A CB  1 
ATOM   960  C  CG1 . VAL A 1 125 ? 8.912   -0.212  -7.951  1.00 18.03 ? 536 VAL A CG1 1 
ATOM   961  C  CG2 . VAL A 1 125 ? 6.472   -0.008  -8.527  1.00 18.80 ? 536 VAL A CG2 1 
ATOM   962  N  N   . PRO A 1 126 ? 7.267   3.169   -10.428 1.00 19.00 ? 537 PRO A N   1 
ATOM   963  C  CA  . PRO A 1 126 ? 6.320   3.879   -11.292 1.00 19.61 ? 537 PRO A CA  1 
ATOM   964  C  C   . PRO A 1 126 ? 5.222   2.970   -11.848 1.00 18.82 ? 537 PRO A C   1 
ATOM   965  O  O   . PRO A 1 126 ? 5.491   1.859   -12.298 1.00 17.71 ? 537 PRO A O   1 
ATOM   966  C  CB  . PRO A 1 126 ? 7.206   4.460   -12.391 1.00 19.12 ? 537 PRO A CB  1 
ATOM   967  C  CG  . PRO A 1 126 ? 8.387   3.528   -12.445 1.00 23.97 ? 537 PRO A CG  1 
ATOM   968  C  CD  . PRO A 1 126 ? 8.612   3.080   -11.023 1.00 19.59 ? 537 PRO A CD  1 
ATOM   969  N  N   . ALA A 1 127 ? 3.988   3.467   -11.821 1.00 15.75 ? 538 ALA A N   1 
ATOM   970  C  CA  . ALA A 1 127 ? 2.834   2.733   -12.333 1.00 17.18 ? 538 ALA A CA  1 
ATOM   971  C  C   . ALA A 1 127 ? 2.914   2.537   -13.848 1.00 16.99 ? 538 ALA A C   1 
ATOM   972  O  O   . ALA A 1 127 ? 3.404   3.413   -14.567 1.00 19.48 ? 538 ALA A O   1 
ATOM   973  C  CB  . ALA A 1 127 ? 1.555   3.484   -11.982 1.00 16.74 ? 538 ALA A CB  1 
ATOM   974  N  N   . HIS A 1 128 ? 2.411   1.396   -14.315 1.00 15.95 ? 539 HIS A N   1 
ATOM   975  C  CA  . HIS A 1 128 ? 2.274   1.111   -15.739 1.00 21.25 ? 539 HIS A CA  1 
ATOM   976  C  C   . HIS A 1 128 ? 3.598   1.179   -16.486 1.00 24.32 ? 539 HIS A C   1 
ATOM   977  O  O   . HIS A 1 128 ? 3.682   1.716   -17.595 1.00 23.77 ? 539 HIS A O   1 
ATOM   978  C  CB  . HIS A 1 128 ? 1.248   2.065   -16.343 1.00 18.83 ? 539 HIS A CB  1 
ATOM   979  C  CG  . HIS A 1 128 ? -0.108  1.921   -15.729 1.00 24.24 ? 539 HIS A CG  1 
ATOM   980  N  ND1 . HIS A 1 128 ? -0.902  0.815   -15.945 1.00 18.61 ? 539 HIS A ND1 1 
ATOM   981  C  CD2 . HIS A 1 128 ? -0.770  2.690   -14.830 1.00 19.97 ? 539 HIS A CD2 1 
ATOM   982  C  CE1 . HIS A 1 128 ? -1.992  0.908   -15.204 1.00 17.94 ? 539 HIS A CE1 1 
ATOM   983  N  NE2 . HIS A 1 128 ? -1.937  2.035   -14.517 1.00 19.76 ? 539 HIS A NE2 1 
ATOM   984  N  N   . LYS A 1 129 ? 4.634   0.628   -15.863 1.00 22.61 ? 540 LYS A N   1 
ATOM   985  C  CA  . LYS A 1 129 ? 5.952   0.575   -16.477 1.00 27.69 ? 540 LYS A CA  1 
ATOM   986  C  C   . LYS A 1 129 ? 6.446   -0.861  -16.548 1.00 31.60 ? 540 LYS A C   1 
ATOM   987  O  O   . LYS A 1 129 ? 7.646   -1.107  -16.620 1.00 36.73 ? 540 LYS A O   1 
ATOM   988  C  CB  . LYS A 1 129 ? 6.943   1.428   -15.687 1.00 31.35 ? 540 LYS A CB  1 
ATOM   989  C  CG  . LYS A 1 129 ? 6.757   2.930   -15.865 1.00 38.56 ? 540 LYS A CG  1 
ATOM   990  C  CD  . LYS A 1 129 ? 7.148   3.362   -17.270 1.00 36.31 ? 540 LYS A CD  1 
ATOM   991  C  CE  . LYS A 1 129 ? 5.977   3.987   -18.012 1.00 74.48 ? 540 LYS A CE  1 
ATOM   992  N  NZ  . LYS A 1 129 ? 5.549   5.269   -17.395 1.00 41.69 ? 540 LYS A NZ  1 
ATOM   993  N  N   . GLY A 1 130 ? 5.513   -1.805  -16.512 1.00 32.52 ? 541 GLY A N   1 
ATOM   994  C  CA  . GLY A 1 130 ? 5.849   -3.183  -16.826 1.00 34.57 ? 541 GLY A CA  1 
ATOM   995  C  C   . GLY A 1 130 ? 6.423   -3.998  -15.683 1.00 36.42 ? 541 GLY A C   1 
ATOM   996  O  O   . GLY A 1 130 ? 6.782   -5.158  -15.878 1.00 35.27 ? 541 GLY A O   1 
ATOM   997  N  N   . ILE A 1 131 ? 6.518   -3.405  -14.496 1.00 27.21 ? 542 ILE A N   1 
ATOM   998  C  CA  . ILE A 1 131 ? 6.978   -4.137  -13.325 1.00 21.30 ? 542 ILE A CA  1 
ATOM   999  C  C   . ILE A 1 131 ? 5.932   -5.198  -12.983 1.00 35.73 ? 542 ILE A C   1 
ATOM   1000 O  O   . ILE A 1 131 ? 4.768   -4.879  -12.729 1.00 28.16 ? 542 ILE A O   1 
ATOM   1001 C  CB  . ILE A 1 131 ? 7.180   -3.184  -12.131 1.00 24.31 ? 542 ILE A CB  1 
ATOM   1002 C  CG1 . ILE A 1 131 ? 8.284   -2.178  -12.462 1.00 34.03 ? 542 ILE A CG1 1 
ATOM   1003 C  CG2 . ILE A 1 131 ? 7.517   -3.979  -10.874 1.00 31.81 ? 542 ILE A CG2 1 
ATOM   1004 C  CD1 . ILE A 1 131 ? 8.496   -1.130  -11.408 1.00 55.95 ? 542 ILE A CD1 1 
ATOM   1005 N  N   . GLY A 1 132 ? 6.354   -6.460  -12.985 1.00 28.54 ? 543 GLY A N   1 
ATOM   1006 C  CA  . GLY A 1 132 ? 5.413   -7.564  -13.061 1.00 28.91 ? 543 GLY A CA  1 
ATOM   1007 C  C   . GLY A 1 132 ? 4.377   -7.622  -11.956 1.00 31.73 ? 543 GLY A C   1 
ATOM   1008 O  O   . GLY A 1 132 ? 3.175   -7.720  -12.228 1.00 22.14 ? 543 GLY A O   1 
ATOM   1009 N  N   . GLY A 1 133 ? 4.833   -7.561  -10.709 1.00 26.28 ? 544 GLY A N   1 
ATOM   1010 C  CA  . GLY A 1 133 ? 3.910   -7.654  -9.591  1.00 15.54 ? 544 GLY A CA  1 
ATOM   1011 C  C   . GLY A 1 133 ? 2.946   -6.489  -9.573  1.00 16.60 ? 544 GLY A C   1 
ATOM   1012 O  O   . GLY A 1 133 ? 1.757   -6.640  -9.292  1.00 17.25 ? 544 GLY A O   1 
ATOM   1013 N  N   . ASN A 1 134 ? 3.471   -5.319  -9.893  1.00 17.44 ? 545 ASN A N   1 
ATOM   1014 C  CA  . ASN A 1 134 ? 2.683   -4.095  -9.916  1.00 17.71 ? 545 ASN A CA  1 
ATOM   1015 C  C   . ASN A 1 134 ? 1.605   -4.136  -10.999 1.00 18.28 ? 545 ASN A C   1 
ATOM   1016 O  O   . ASN A 1 134 ? 0.460   -3.738  -10.770 1.00 16.07 ? 545 ASN A O   1 
ATOM   1017 C  CB  . ASN A 1 134 ? 3.621   -2.907  -10.136 1.00 16.26 ? 545 ASN A CB  1 
ATOM   1018 C  CG  . ASN A 1 134 ? 2.877   -1.616  -10.376 1.00 18.94 ? 545 ASN A CG  1 
ATOM   1019 O  OD1 . ASN A 1 134 ? 2.670   -1.215  -11.522 1.00 18.69 ? 545 ASN A OD1 1 
ATOM   1020 N  ND2 . ASN A 1 134 ? 2.461   -0.961  -9.297  1.00 16.60 ? 545 ASN A ND2 1 
ATOM   1021 N  N   . GLU A 1 135 ? 1.952   -4.627  -12.184 1.00 17.80 ? 546 GLU A N   1 
ATOM   1022 C  CA  . GLU A 1 135 ? 0.959   -4.710  -13.247 1.00 22.38 ? 546 GLU A CA  1 
ATOM   1023 C  C   . GLU A 1 135 ? -0.153  -5.670  -12.846 1.00 20.59 ? 546 GLU A C   1 
ATOM   1024 O  O   . GLU A 1 135 ? -1.322  -5.418  -13.117 1.00 18.75 ? 546 GLU A O   1 
ATOM   1025 C  CB  . GLU A 1 135 ? 1.601   -5.165  -14.565 1.00 24.48 ? 546 GLU A CB  1 
ATOM   1026 C  CG  . GLU A 1 135 ? 2.642   -4.189  -15.128 1.00 39.31 ? 546 GLU A CG  1 
ATOM   1027 C  CD  . GLU A 1 135 ? 2.042   -2.877  -15.636 1.00 71.41 ? 546 GLU A CD  1 
ATOM   1028 O  OE1 . GLU A 1 135 ? 0.882   -2.563  -15.291 1.00 46.93 ? 546 GLU A OE1 1 
ATOM   1029 O  OE2 . GLU A 1 135 ? 2.735   -2.154  -16.386 1.00 32.50 ? 546 GLU A OE2 1 
ATOM   1030 N  N   . GLN A 1 136 ? 0.211   -6.764  -12.185 1.00 18.31 ? 547 GLN A N   1 
ATOM   1031 C  CA  . GLN A 1 136 ? -0.772  -7.760  -11.789 1.00 18.13 ? 547 GLN A CA  1 
ATOM   1032 C  C   . GLN A 1 136 ? -1.771  -7.217  -10.780 1.00 22.97 ? 547 GLN A C   1 
ATOM   1033 O  O   . GLN A 1 136 ? -2.972  -7.434  -10.917 1.00 18.62 ? 547 GLN A O   1 
ATOM   1034 C  CB  . GLN A 1 136 ? -0.077  -8.988  -11.212 1.00 20.19 ? 547 GLN A CB  1 
ATOM   1035 C  CG  . GLN A 1 136 ? 0.554   -9.875  -12.270 1.00 23.34 ? 547 GLN A CG  1 
ATOM   1036 C  CD  . GLN A 1 136 ? 1.556   -10.843 -11.684 1.00 62.73 ? 547 GLN A CD  1 
ATOM   1037 O  OE1 . GLN A 1 136 ? 2.701   -10.913 -12.129 1.00 54.47 ? 547 GLN A OE1 1 
ATOM   1038 N  NE2 . GLN A 1 136 ? 1.131   -11.597 -10.674 1.00 42.73 ? 547 GLN A NE2 1 
ATOM   1039 N  N   . VAL A 1 137 ? -1.293  -6.501  -9.768  1.00 19.15 ? 548 VAL A N   1 
ATOM   1040 C  CA  . VAL A 1 137 ? -2.232  -6.008  -8.777  1.00 13.41 ? 548 VAL A CA  1 
ATOM   1041 C  C   . VAL A 1 137 ? -3.055  -4.855  -9.349  1.00 14.92 ? 548 VAL A C   1 
ATOM   1042 O  O   . VAL A 1 137 ? -4.228  -4.712  -9.031  1.00 13.02 ? 548 VAL A O   1 
ATOM   1043 C  CB  . VAL A 1 137 ? -1.525  -5.580  -7.450  1.00 13.27 ? 548 VAL A CB  1 
ATOM   1044 C  CG1 . VAL A 1 137 ? -0.561  -4.408  -7.670  1.00 15.97 ? 548 VAL A CG1 1 
ATOM   1045 C  CG2 . VAL A 1 137 ? -2.583  -5.203  -6.417  1.00 15.66 ? 548 VAL A CG2 1 
ATOM   1046 N  N   . ASP A 1 138 ? -2.459  -4.046  -10.216 1.00 15.51 ? 549 ASP A N   1 
ATOM   1047 C  CA  . ASP A 1 138 ? -3.239  -2.994  -10.855 1.00 16.71 ? 549 ASP A CA  1 
ATOM   1048 C  C   . ASP A 1 138 ? -4.406  -3.568  -11.658 1.00 17.25 ? 549 ASP A C   1 
ATOM   1049 O  O   . ASP A 1 138 ? -5.511  -3.023  -11.629 1.00 18.33 ? 549 ASP A O   1 
ATOM   1050 C  CB  . ASP A 1 138 ? -2.361  -2.135  -11.769 1.00 16.05 ? 549 ASP A CB  1 
ATOM   1051 C  CG  . ASP A 1 138 ? -3.177  -1.184  -12.626 1.00 18.77 ? 549 ASP A CG  1 
ATOM   1052 O  OD1 . ASP A 1 138 ? -3.505  -1.545  -13.780 1.00 21.73 ? 549 ASP A OD1 1 
ATOM   1053 O  OD2 . ASP A 1 138 ? -3.499  -0.076  -12.151 1.00 16.47 ? 549 ASP A OD2 1 
ATOM   1054 N  N   . LYS A 1 139 ? -4.168  -4.666  -12.370 1.00 18.43 ? 550 LYS A N   1 
ATOM   1055 C  CA  . LYS A 1 139 ? -5.240  -5.302  -13.135 1.00 19.07 ? 550 LYS A CA  1 
ATOM   1056 C  C   . LYS A 1 139 ? -6.360  -5.775  -12.202 1.00 22.07 ? 550 LYS A C   1 
ATOM   1057 O  O   . LYS A 1 139 ? -7.542  -5.645  -12.510 1.00 22.79 ? 550 LYS A O   1 
ATOM   1058 C  CB  . LYS A 1 139 ? -4.685  -6.485  -13.939 1.00 21.60 ? 550 LYS A CB  1 
ATOM   1059 C  CG  . LYS A 1 139 ? -5.726  -7.212  -14.775 1.00 50.02 ? 550 LYS A CG  1 
ATOM   1060 C  CD  . LYS A 1 139 ? -5.078  -8.261  -15.670 1.00 60.92 ? 550 LYS A CD  1 
ATOM   1061 C  CE  . LYS A 1 139 ? -6.099  -8.925  -16.580 1.00 49.67 ? 550 LYS A CE  1 
ATOM   1062 N  NZ  . LYS A 1 139 ? -7.163  -9.630  -15.814 1.00 56.32 ? 550 LYS A NZ  1 
ATOM   1063 N  N   . LEU A 1 140 ? -5.981  -6.310  -11.050 1.00 22.82 ? 551 LEU A N   1 
ATOM   1064 C  CA  A LEU A 1 140 ? -6.950  -6.806  -10.078 0.50 24.19 ? 551 LEU A CA  1 
ATOM   1065 C  CA  B LEU A 1 140 ? -6.969  -6.799  -10.093 0.50 21.17 ? 551 LEU A CA  1 
ATOM   1066 C  C   . LEU A 1 140 ? -7.850  -5.701  -9.509  1.00 24.14 ? 551 LEU A C   1 
ATOM   1067 O  O   . LEU A 1 140 ? -9.074  -5.854  -9.437  1.00 22.00 ? 551 LEU A O   1 
ATOM   1068 C  CB  A LEU A 1 140 ? -6.200  -7.510  -8.945  0.50 26.80 ? 551 LEU A CB  1 
ATOM   1069 C  CB  B LEU A 1 140 ? -6.278  -7.558  -8.958  0.50 21.08 ? 551 LEU A CB  1 
ATOM   1070 C  CG  A LEU A 1 140 ? -6.857  -8.670  -8.197  0.50 26.55 ? 551 LEU A CG  1 
ATOM   1071 C  CG  B LEU A 1 140 ? -5.696  -8.927  -9.314  0.50 13.24 ? 551 LEU A CG  1 
ATOM   1072 C  CD1 A LEU A 1 140 ? -7.456  -9.685  -9.167  0.50 20.66 ? 551 LEU A CD1 1 
ATOM   1073 C  CD1 B LEU A 1 140 ? -5.055  -9.528  -8.078  0.50 17.59 ? 551 LEU A CD1 1 
ATOM   1074 C  CD2 A LEU A 1 140 ? -5.795  -9.318  -7.318  0.50 24.62 ? 551 LEU A CD2 1 
ATOM   1075 C  CD2 B LEU A 1 140 ? -6.796  -9.839  -9.850  0.50 28.36 ? 551 LEU A CD2 1 
ATOM   1076 N  N   . VAL A 1 141 ? -7.263  -4.583  -9.092  1.00 17.01 ? 552 VAL A N   1 
ATOM   1077 C  CA  . VAL A 1 141 ? -8.080  -3.569  -8.435  1.00 15.35 ? 552 VAL A CA  1 
ATOM   1078 C  C   . VAL A 1 141 ? -8.818  -2.684  -9.439  1.00 17.30 ? 552 VAL A C   1 
ATOM   1079 O  O   . VAL A 1 141 ? -9.783  -2.018  -9.089  1.00 19.53 ? 552 VAL A O   1 
ATOM   1080 C  CB  . VAL A 1 141 ? -7.240  -2.679  -7.471  1.00 20.84 ? 552 VAL A CB  1 
ATOM   1081 C  CG1 . VAL A 1 141 ? -6.553  -3.562  -6.428  1.00 18.07 ? 552 VAL A CG1 1 
ATOM   1082 C  CG2 . VAL A 1 141 ? -6.218  -1.839  -8.251  1.00 20.04 ? 552 VAL A CG2 1 
ATOM   1083 N  N   . SER A 1 142 ? -8.367  -2.692  -10.688 1.00 20.95 ? 553 SER A N   1 
ATOM   1084 C  CA  A SER A 1 142 ? -8.967  -1.818  -11.686 0.50 22.76 ? 553 SER A CA  1 
ATOM   1085 C  CA  B SER A 1 142 ? -8.947  -1.828  -11.708 0.50 22.90 ? 553 SER A CA  1 
ATOM   1086 C  C   . SER A 1 142 ? -10.148 -2.496  -12.367 1.00 25.74 ? 553 SER A C   1 
ATOM   1087 O  O   . SER A 1 142 ? -11.012 -1.824  -12.930 1.00 27.63 ? 553 SER A O   1 
ATOM   1088 C  CB  A SER A 1 142 ? -7.931  -1.395  -12.733 0.50 24.42 ? 553 SER A CB  1 
ATOM   1089 C  CB  B SER A 1 142 ? -7.897  -1.475  -12.768 0.50 19.48 ? 553 SER A CB  1 
ATOM   1090 O  OG  A SER A 1 142 ? -7.469  -2.503  -13.477 0.50 16.31 ? 553 SER A OG  1 
ATOM   1091 O  OG  B SER A 1 142 ? -6.896  -0.623  -12.231 0.50 25.60 ? 553 SER A OG  1 
ATOM   1092 N  N   . ALA A 1 143 ? -10.190 -3.822  -12.292 1.00 28.53 ? 554 ALA A N   1 
ATOM   1093 C  CA  . ALA A 1 143 ? -11.283 -4.585  -12.882 1.00 32.80 ? 554 ALA A CA  1 
ATOM   1094 C  C   . ALA A 1 143 ? -12.621 -4.126  -12.320 1.00 33.91 ? 554 ALA A C   1 
ATOM   1095 O  O   . ALA A 1 143 ? -12.825 -4.098  -11.105 1.00 32.95 ? 554 ALA A O   1 
ATOM   1096 C  CB  . ALA A 1 143 ? -11.085 -6.068  -12.617 1.00 27.83 ? 554 ALA A CB  1 
ATOM   1097 N  N   . GLY A 1 144 ? -13.533 -3.755  -13.209 1.00 38.44 ? 555 GLY A N   1 
ATOM   1098 C  CA  . GLY A 1 144 ? -14.845 -3.321  -12.767 1.00 31.34 ? 555 GLY A CA  1 
ATOM   1099 C  C   . GLY A 1 144 ? -14.833 -1.953  -12.114 1.00 34.62 ? 555 GLY A C   1 
ATOM   1100 O  O   . GLY A 1 144 ? -15.857 -1.505  -11.599 1.00 40.73 ? 555 GLY A O   1 
ATOM   1101 N  N   . ILE A 1 145 ? -13.679 -1.289  -12.131 1.00 26.62 ? 556 ILE A N   1 
ATOM   1102 C  CA  . ILE A 1 145 ? -13.540 0.024   -11.513 1.00 24.90 ? 556 ILE A CA  1 
ATOM   1103 C  C   . ILE A 1 145 ? -13.064 1.064   -12.523 1.00 26.89 ? 556 ILE A C   1 
ATOM   1104 O  O   . ILE A 1 145 ? -13.637 2.146   -12.632 1.00 34.72 ? 556 ILE A O   1 
ATOM   1105 C  CB  . ILE A 1 145 ? -12.519 0.002   -10.344 1.00 26.87 ? 556 ILE A CB  1 
ATOM   1106 C  CG1 . ILE A 1 145 ? -12.923 -1.049  -9.306  1.00 27.09 ? 556 ILE A CG1 1 
ATOM   1107 C  CG2 . ILE A 1 145 ? -12.464 1.375   -9.676  1.00 25.40 ? 556 ILE A CG2 1 
ATOM   1108 C  CD1 . ILE A 1 145 ? -14.087 -0.637  -8.446  1.00 30.84 ? 556 ILE A CD1 1 
ATOM   1109 N  N   . ARG A 1 146 ? -12.001 0.738   -13.248 1.00 26.57 ? 557 ARG A N   1 
ATOM   1110 C  CA  . ARG A 1 146 ? -11.439 1.669   -14.210 1.00 30.39 ? 557 ARG A CA  1 
ATOM   1111 C  C   . ARG A 1 146 ? -11.780 1.215   -15.614 1.00 37.13 ? 557 ARG A C   1 
ATOM   1112 O  O   . ARG A 1 146 ? -11.368 0.137   -16.051 1.00 48.55 ? 557 ARG A O   1 
ATOM   1113 C  CB  . ARG A 1 146 ? -9.914  1.773   -14.050 1.00 32.16 ? 557 ARG A CB  1 
ATOM   1114 C  CG  . ARG A 1 146 ? -9.275  2.844   -14.939 1.00 33.96 ? 557 ARG A CG  1 
ATOM   1115 C  CD  . ARG A 1 146 ? -7.757  2.870   -14.791 1.00 32.91 ? 557 ARG A CD  1 
ATOM   1116 N  NE  . ARG A 1 146 ? -7.139  1.643   -15.293 1.00 32.20 ? 557 ARG A NE  1 
ATOM   1117 C  CZ  . ARG A 1 146 ? -6.109  1.036   -14.711 1.00 31.02 ? 557 ARG A CZ  1 
ATOM   1118 N  NH1 . ARG A 1 146 ? -5.574  1.541   -13.608 1.00 21.94 ? 557 ARG A NH1 1 
ATOM   1119 N  NH2 . ARG A 1 146 ? -5.623  -0.084  -15.221 1.00 25.34 ? 557 ARG A NH2 1 
ATOM   1120 N  N   . LYS A 1 147 ? -12.545 2.047   -16.308 1.00 57.62 ? 558 LYS A N   1 
ATOM   1121 C  CA  . LYS A 1 147 ? -12.935 1.794   -17.686 1.00 69.26 ? 558 LYS A CA  1 
ATOM   1122 C  C   . LYS A 1 147 ? -11.719 1.373   -18.503 1.00 59.23 ? 558 LYS A C   1 
ATOM   1123 O  O   . LYS A 1 147 ? -11.507 0.189   -18.767 1.00 51.87 ? 558 LYS A O   1 
ATOM   1124 C  CB  . LYS A 1 147 ? -13.542 3.062   -18.292 1.00 59.77 ? 558 LYS A CB  1 
ATOM   1125 C  CG  . LYS A 1 147 ? -13.894 4.151   -17.275 1.00 54.42 ? 558 LYS A CG  1 
ATOM   1126 C  CD  . LYS A 1 147 ? -12.652 4.799   -16.664 1.00 56.80 ? 558 LYS A CD  1 
ATOM   1127 C  CE  . LYS A 1 147 ? -11.647 5.206   -17.727 1.00 62.51 ? 558 LYS A CE  1 
ATOM   1128 N  NZ  . LYS A 1 147 ? -10.439 5.846   -17.130 1.00 65.31 ? 558 LYS A NZ  1 
ATOM   1129 N  N   . VAL A 1 148 ? -10.923 2.360   -18.896 1.00 57.68 ? 559 VAL A N   1 
ATOM   1130 C  CA  . VAL A 1 148 ? -9.723  2.119   -19.685 1.00 60.33 ? 559 VAL A CA  1 
ATOM   1131 C  C   . VAL A 1 148 ? -8.570  2.933   -19.111 1.00 49.66 ? 559 VAL A C   1 
ATOM   1132 O  O   . VAL A 1 148 ? -8.787  3.909   -18.392 1.00 48.72 ? 559 VAL A O   1 
ATOM   1133 C  CB  . VAL A 1 148 ? -9.937  2.519   -21.164 1.00 57.80 ? 559 VAL A CB  1 
ATOM   1134 C  CG1 . VAL A 1 148 ? -11.070 1.696   -21.764 1.00 56.58 ? 559 VAL A CG1 1 
ATOM   1135 C  CG2 . VAL A 1 148 ? -10.246 4.007   -21.262 1.00 50.28 ? 559 VAL A CG2 1 
ATOM   1136 N  N   . LEU A 1 149 ? -7.346  2.528   -19.429 1.00 41.59 ? 560 LEU A N   1 
ATOM   1137 C  CA  . LEU A 1 149 ? -6.171  3.192   -18.885 1.00 45.34 ? 560 LEU A CA  1 
ATOM   1138 C  C   . LEU A 1 149 ? -5.949  4.545   -19.556 1.00 61.80 ? 560 LEU A C   1 
ATOM   1139 O  O   . LEU A 1 149 ? -6.484  4.743   -20.669 1.00 68.03 ? 560 LEU A O   1 
ATOM   1140 C  CB  . LEU A 1 149 ? -4.937  2.306   -19.077 1.00 43.63 ? 560 LEU A CB  1 
ATOM   1141 C  CG  . LEU A 1 149 ? -3.641  2.814   -18.442 1.00 42.72 ? 560 LEU A CG  1 
ATOM   1142 C  CD1 . LEU A 1 149 ? -3.878  3.070   -16.969 1.00 32.05 ? 560 LEU A CD1 1 
ATOM   1143 C  CD2 . LEU A 1 149 ? -2.531  1.800   -18.642 1.00 47.22 ? 560 LEU A CD2 1 
HETATM 1144 MN MN  . MN  B 2 .   ? -1.502  3.075   -7.694  1.00 15.42 ? 601 MN  A MN  1 
HETATM 1145 MN MN  . MN  C 2 .   ? -2.930  1.269   -10.584 1.00 23.74 ? 602 MN  A MN  1 
HETATM 1146 C  C   . ACT D 3 .   ? 5.159   -11.430 -9.184  1.00 66.76 ? 650 ACT A C   1 
HETATM 1147 O  O   . ACT D 3 .   ? 5.563   -11.154 -10.303 1.00 74.55 ? 650 ACT A O   1 
HETATM 1148 O  OXT . ACT D 3 .   ? 4.013   -11.823 -9.025  1.00 67.41 ? 650 ACT A OXT 1 
HETATM 1149 C  CH3 . ACT D 3 .   ? 6.076   -11.287 -7.998  1.00 54.93 ? 650 ACT A CH3 1 
HETATM 1150 C  C1  . GOL E 4 .   ? 7.225   -15.583 8.216   1.00 52.87 ? 698 GOL A C1  1 
HETATM 1151 O  O1  . GOL E 4 .   ? 6.374   -14.764 7.915   1.00 52.42 ? 698 GOL A O1  1 
HETATM 1152 C  C2  . GOL E 4 .   ? 7.898   -16.124 6.953   1.00 53.65 ? 698 GOL A C2  1 
HETATM 1153 O  O2  . GOL E 4 .   ? 8.509   -15.046 6.229   1.00 50.83 ? 698 GOL A O2  1 
HETATM 1154 C  C3  . GOL E 4 .   ? 8.957   -17.151 7.345   1.00 57.98 ? 698 GOL A C3  1 
HETATM 1155 O  O3  . GOL E 4 .   ? 9.591   -17.662 6.173   1.00 59.67 ? 698 GOL A O3  1 
HETATM 1156 C  C1  . GOL F 4 .   ? -10.361 9.965   -6.326  1.00 65.38 ? 699 GOL A C1  1 
HETATM 1157 O  O1  . GOL F 4 .   ? -10.766 9.704   -7.450  1.00 68.03 ? 699 GOL A O1  1 
HETATM 1158 C  C2  . GOL F 4 .   ? -8.880  10.365  -6.376  1.00 64.09 ? 699 GOL A C2  1 
HETATM 1159 O  O2  . GOL F 4 .   ? -8.708  11.515  -7.221  1.00 65.72 ? 699 GOL A O2  1 
HETATM 1160 C  C3  . GOL F 4 .   ? -8.386  10.681  -4.964  1.00 61.56 ? 699 GOL A C3  1 
HETATM 1161 O  O3  . GOL F 4 .   ? -7.011  11.047  -5.004  1.00 63.07 ? 699 GOL A O3  1 
HETATM 1162 C  C1  . ON1 G 5 .   ? -1.625  6.511   -16.019 1.00 19.69 ? 701 ON1 A C1  1 
HETATM 1163 N  N1  . ON1 G 5 .   ? -1.587  6.397   -11.287 1.00 18.28 ? 701 ON1 A N1  1 
HETATM 1164 O  O1  . ON1 G 5 .   ? -2.253  3.106   -9.613  1.00 15.32 ? 701 ON1 A O1  1 
HETATM 1165 CL CL1 . ON1 G 5 .   ? 1.763   5.443   -18.129 1.00 6.92  ? 701 ON1 A CL1 1 
HETATM 1166 C  C2  . ON1 G 5 .   ? -0.766  6.120   -17.100 1.00 17.94 ? 701 ON1 A C2  1 
HETATM 1167 N  N2  . ON1 G 5 .   ? -2.559  4.860   -12.828 1.00 17.48 ? 701 ON1 A N2  1 
HETATM 1168 O  O2  . ON1 G 5 .   ? -3.119  2.728   -12.182 1.00 13.04 ? 701 ON1 A O2  1 
HETATM 1169 CL CL2 . ON1 G 5 .   ? -1.496  5.924   -18.645 1.00 10.09 ? 701 ON1 A CL2 1 
HETATM 1170 C  C3  . ON1 G 5 .   ? 0.675   5.910   -16.872 1.00 17.95 ? 701 ON1 A C3  1 
HETATM 1171 O  O3  . ON1 G 5 .   ? -0.676  7.136   -8.926  1.00 19.62 ? 701 ON1 A O3  1 
HETATM 1172 C  C4  . ON1 G 5 .   ? 1.223   6.095   -15.551 1.00 18.96 ? 701 ON1 A C4  1 
HETATM 1173 O  O4  . ON1 G 5 .   ? -1.072  5.242   -7.950  1.00 15.83 ? 701 ON1 A O4  1 
HETATM 1174 C  C5  . ON1 G 5 .   ? 0.359   6.487   -14.475 1.00 21.34 ? 701 ON1 A C5  1 
HETATM 1175 C  C6  . ON1 G 5 .   ? -1.063  6.697   -14.697 1.00 18.59 ? 701 ON1 A C6  1 
HETATM 1176 C  C7  . ON1 G 5 .   ? -1.969  7.114   -13.556 1.00 18.84 ? 701 ON1 A C7  1 
HETATM 1177 C  C8  . ON1 G 5 .   ? -2.046  6.058   -12.494 1.00 18.63 ? 701 ON1 A C8  1 
HETATM 1178 C  C9  . ON1 G 5 .   ? -1.629  5.455   -10.263 1.00 18.48 ? 701 ON1 A C9  1 
HETATM 1179 C  C10 . ON1 G 5 .   ? -2.160  4.121   -10.513 1.00 17.78 ? 701 ON1 A C10 1 
HETATM 1180 C  C11 . ON1 G 5 .   ? -2.616  3.898   -11.844 1.00 16.71 ? 701 ON1 A C11 1 
HETATM 1181 C  C12 . ON1 G 5 .   ? -1.094  5.957   -8.957  1.00 19.08 ? 701 ON1 A C12 1 
HETATM 1182 O  O   . HOH H 6 .   ? 2.621   -2.328  -6.639  1.00 14.86 ? 1   HOH A O   1 
HETATM 1183 O  O   . HOH H 6 .   ? -0.205  9.452   -5.617  1.00 17.96 ? 2   HOH A O   1 
HETATM 1184 O  O   . HOH H 6 .   ? 4.898   -12.641 5.088   1.00 18.52 ? 3   HOH A O   1 
HETATM 1185 O  O   . HOH H 6 .   ? -1.503  7.013   -5.810  1.00 16.73 ? 4   HOH A O   1 
HETATM 1186 O  O   . HOH H 6 .   ? 0.433   1.137   -5.002  1.00 16.32 ? 5   HOH A O   1 
HETATM 1187 O  O   . HOH H 6 .   ? 0.398   -18.682 -2.091  1.00 19.14 ? 6   HOH A O   1 
HETATM 1188 O  O   . HOH H 6 .   ? 0.085   8.846   -11.387 1.00 21.23 ? 7   HOH A O   1 
HETATM 1189 O  O   . HOH H 6 .   ? 2.424   -8.934  11.907  1.00 22.15 ? 8   HOH A O   1 
HETATM 1190 O  O   . HOH H 6 .   ? 0.630   -0.491  -13.050 1.00 18.03 ? 9   HOH A O   1 
HETATM 1191 O  O   . HOH H 6 .   ? 7.606   -12.412 5.108   1.00 16.58 ? 10  HOH A O   1 
HETATM 1192 O  O   . HOH H 6 .   ? 11.262  -2.093  17.357  1.00 23.93 ? 11  HOH A O   1 
HETATM 1193 O  O   . HOH H 6 .   ? 12.586  -1.940  9.479   1.00 21.14 ? 12  HOH A O   1 
HETATM 1194 O  O   . HOH H 6 .   ? 5.006   -0.769  -13.309 1.00 22.62 ? 13  HOH A O   1 
HETATM 1195 O  O   . HOH H 6 .   ? 11.899  1.321   3.159   1.00 23.02 ? 14  HOH A O   1 
HETATM 1196 O  O   . HOH H 6 .   ? 1.705   7.807   -7.848  1.00 17.72 ? 15  HOH A O   1 
HETATM 1197 O  O   . HOH H 6 .   ? 3.533   5.459   -9.864  1.00 22.44 ? 16  HOH A O   1 
HETATM 1198 O  O   . HOH H 6 .   ? -0.461  1.680   -2.089  1.00 21.56 ? 17  HOH A O   1 
HETATM 1199 O  O   . HOH H 6 .   ? 4.552   5.973   -14.461 1.00 23.54 ? 18  HOH A O   1 
HETATM 1200 O  O   . HOH H 6 .   ? -0.129  -11.409 9.539   1.00 22.11 ? 19  HOH A O   1 
HETATM 1201 O  O   . HOH H 6 .   ? 1.940   -5.320  12.558  1.00 21.52 ? 20  HOH A O   1 
HETATM 1202 O  O   . HOH H 6 .   ? -2.492  10.914  -5.430  1.00 28.24 ? 21  HOH A O   1 
HETATM 1203 O  O   . HOH H 6 .   ? 8.586   -12.682 8.662   1.00 25.44 ? 22  HOH A O   1 
HETATM 1204 O  O   . HOH H 6 .   ? 4.596   7.931   -17.291 1.00 26.12 ? 23  HOH A O   1 
HETATM 1205 O  O   . HOH H 6 .   ? -4.148  -13.565 0.348   1.00 20.83 ? 24  HOH A O   1 
HETATM 1206 O  O   . HOH H 6 .   ? 6.508   -13.609 11.161  1.00 25.43 ? 25  HOH A O   1 
HETATM 1207 O  O   . HOH H 6 .   ? -4.916  4.981   -7.138  1.00 26.97 ? 26  HOH A O   1 
HETATM 1208 O  O   . HOH H 6 .   ? -11.047 -7.596  -9.032  1.00 29.59 ? 27  HOH A O   1 
HETATM 1209 O  O   . HOH H 6 .   ? 0.145   -0.829  -17.823 1.00 31.56 ? 28  HOH A O   1 
HETATM 1210 O  O   . HOH H 6 .   ? 13.671  -0.561  13.676  1.00 26.62 ? 29  HOH A O   1 
HETATM 1211 O  O   . HOH H 6 .   ? 8.220   9.318   -6.764  1.00 33.28 ? 30  HOH A O   1 
HETATM 1212 O  O   . HOH H 6 .   ? 12.512  5.267   8.425   1.00 30.03 ? 31  HOH A O   1 
HETATM 1213 O  O   . HOH H 6 .   ? 11.317  4.095   -2.842  1.00 32.50 ? 32  HOH A O   1 
HETATM 1214 O  O   . HOH H 6 .   ? 4.017   -14.879 6.594   1.00 28.72 ? 33  HOH A O   1 
HETATM 1215 O  O   . HOH H 6 .   ? 9.195   -9.963  -5.890  1.00 34.83 ? 34  HOH A O   1 
HETATM 1216 O  O   . HOH H 6 .   ? 13.626  -2.726  11.963  1.00 28.01 ? 35  HOH A O   1 
HETATM 1217 O  O   . HOH H 6 .   ? 10.661  9.267   7.143   1.00 39.24 ? 36  HOH A O   1 
HETATM 1218 O  O   . HOH H 6 .   ? 9.860   -14.858 -0.201  1.00 35.20 ? 37  HOH A O   1 
HETATM 1219 O  O   . HOH H 6 .   ? -3.800  -9.683  -12.331 1.00 29.84 ? 38  HOH A O   1 
HETATM 1220 O  O   . HOH H 6 .   ? -11.944 3.837   1.792   1.00 38.73 ? 39  HOH A O   1 
HETATM 1221 O  O   . HOH H 6 .   ? 18.586  -6.518  -0.068  1.00 34.58 ? 40  HOH A O   1 
HETATM 1222 O  O   . HOH H 6 .   ? -5.149  4.977   -14.170 1.00 34.29 ? 41  HOH A O   1 
HETATM 1223 O  O   . HOH H 6 .   ? 7.594   -7.891  -10.175 1.00 32.83 ? 42  HOH A O   1 
HETATM 1224 O  O   . HOH H 6 .   ? 4.212   -19.709 -1.412  1.00 28.33 ? 43  HOH A O   1 
HETATM 1225 O  O   . HOH H 6 .   ? -2.978  -16.805 3.042   1.00 35.55 ? 44  HOH A O   1 
HETATM 1226 O  O   . HOH H 6 .   ? 18.207  -2.561  4.935   1.00 35.83 ? 45  HOH A O   1 
HETATM 1227 O  O   . HOH H 6 .   ? -2.766  15.087  -1.790  1.00 39.59 ? 46  HOH A O   1 
HETATM 1228 O  O   . HOH H 6 .   ? 10.823  -11.321 -1.444  1.00 34.31 ? 47  HOH A O   1 
HETATM 1229 O  O   . HOH H 6 .   ? -16.310 0.513   2.277   1.00 33.17 ? 48  HOH A O   1 
HETATM 1230 O  O   . HOH H 6 .   ? 16.869  -4.997  4.602   1.00 39.11 ? 49  HOH A O   1 
HETATM 1231 O  O   . HOH H 6 .   ? -2.203  -2.648  14.507  1.00 36.09 ? 50  HOH A O   1 
HETATM 1232 O  O   . HOH H 6 .   ? -8.641  -0.389  8.153   1.00 62.19 ? 51  HOH A O   1 
HETATM 1233 O  O   . HOH H 6 .   ? -6.099  3.846   -11.185 1.00 31.77 ? 52  HOH A O   1 
HETATM 1234 O  O   . HOH H 6 .   ? -18.026 -2.323  1.134   1.00 50.56 ? 53  HOH A O   1 
HETATM 1235 O  O   . HOH H 6 .   ? 11.880  6.781   12.593  1.00 32.84 ? 54  HOH A O   1 
HETATM 1236 O  O   . HOH H 6 .   ? -2.080  -14.098 6.398   1.00 35.09 ? 55  HOH A O   1 
HETATM 1237 O  O   . HOH H 6 .   ? 13.271  -12.504 6.109   1.00 36.02 ? 56  HOH A O   1 
HETATM 1238 O  O   . HOH H 6 .   ? 12.916  -4.427  15.047  1.00 40.22 ? 57  HOH A O   1 
HETATM 1239 O  O   . HOH H 6 .   ? -13.542 8.398   -6.108  1.00 41.78 ? 58  HOH A O   1 
HETATM 1240 O  O   . HOH H 6 .   ? 3.954   -16.252 3.393   1.00 36.55 ? 59  HOH A O   1 
HETATM 1241 O  O   . HOH H 6 .   ? -8.347  4.848   -10.620 1.00 36.43 ? 60  HOH A O   1 
HETATM 1242 O  O   . HOH H 6 .   ? 7.005   -14.477 -8.109  1.00 53.79 ? 61  HOH A O   1 
HETATM 1243 O  O   . HOH H 6 .   ? -13.136 -2.830  -16.052 1.00 52.19 ? 62  HOH A O   1 
HETATM 1244 O  O   . HOH H 6 .   ? 11.676  2.946   -8.400  1.00 37.21 ? 63  HOH A O   1 
HETATM 1245 O  O   . HOH H 6 .   ? -3.292  -0.636  13.572  1.00 32.52 ? 64  HOH A O   1 
HETATM 1246 O  O   . HOH H 6 .   ? -19.527 4.022   -3.897  1.00 40.24 ? 65  HOH A O   1 
HETATM 1247 O  O   . HOH H 6 .   ? 10.498  -5.932  -6.132  1.00 43.53 ? 66  HOH A O   1 
HETATM 1248 O  O   . HOH H 6 .   ? 16.254  -10.242 8.087   1.00 38.58 ? 67  HOH A O   1 
HETATM 1249 O  O   . HOH H 6 .   ? 16.183  -0.262  13.326  1.00 36.45 ? 68  HOH A O   1 
HETATM 1250 O  O   . HOH H 6 .   ? -10.025 12.243  7.489   1.00 48.89 ? 69  HOH A O   1 
HETATM 1251 O  O   . HOH H 6 .   ? -8.534  -4.658  -14.838 1.00 42.63 ? 70  HOH A O   1 
HETATM 1252 O  O   . HOH H 6 .   ? 8.951   -7.368  -13.681 1.00 49.64 ? 71  HOH A O   1 
HETATM 1253 O  O   . HOH H 6 .   ? -5.469  16.556  11.442  1.00 56.84 ? 72  HOH A O   1 
HETATM 1254 O  O   . HOH H 6 .   ? -8.264  -0.178  -17.431 1.00 43.43 ? 73  HOH A O   1 
HETATM 1255 O  O   . HOH H 6 .   ? 10.305  -3.877  -7.757  1.00 43.85 ? 74  HOH A O   1 
HETATM 1256 O  O   . HOH H 6 .   ? 11.646  -11.236 12.838  1.00 49.10 ? 75  HOH A O   1 
HETATM 1257 O  O   . HOH H 6 .   ? 18.091  -8.573  3.820   1.00 35.76 ? 76  HOH A O   1 
HETATM 1258 O  O   . HOH H 6 .   ? -15.431 -7.424  -8.689  1.00 42.15 ? 77  HOH A O   1 
HETATM 1259 O  O   . HOH H 6 .   ? 15.209  4.567   6.866   1.00 40.74 ? 78  HOH A O   1 
HETATM 1260 O  O   . HOH H 6 .   ? 6.465   -12.059 18.033  1.00 21.18 ? 103 HOH A O   1 
HETATM 1261 O  O   . HOH H 6 .   ? 2.561   -11.468 12.692  1.00 29.98 ? 104 HOH A O   1 
HETATM 1262 O  O   . HOH H 6 .   ? 0.418   -19.202 0.633   1.00 30.26 ? 105 HOH A O   1 
HETATM 1263 O  O   . HOH H 6 .   ? 1.973   12.306  8.092   1.00 47.91 ? 106 HOH A O   1 
HETATM 1264 O  O   . HOH H 6 .   ? -2.208  -10.118 -14.758 1.00 43.70 ? 107 HOH A O   1 
HETATM 1265 O  O   . HOH H 6 .   ? 10.682  -11.468 15.205  1.00 42.75 ? 108 HOH A O   1 
HETATM 1266 O  O   . HOH H 6 .   ? 6.867   -19.485 -2.091  1.00 41.27 ? 109 HOH A O   1 
HETATM 1267 O  O   . HOH H 6 .   ? -1.340  -12.292 -10.474 1.00 43.52 ? 110 HOH A O   1 
HETATM 1268 O  O   . HOH H 6 .   ? -1.559  -18.808 2.341   1.00 48.55 ? 111 HOH A O   1 
HETATM 1269 O  O   . HOH H 6 .   ? -8.800  -8.998  5.344   1.00 40.06 ? 112 HOH A O   1 
HETATM 1270 O  O   . HOH H 6 .   ? -15.836 9.542   -2.263  1.00 43.83 ? 113 HOH A O   1 
HETATM 1271 O  O   . HOH H 6 .   ? -0.434  -5.582  11.713  1.00 56.04 ? 114 HOH A O   1 
HETATM 1272 O  O   . HOH H 6 .   ? 4.723   -14.792 14.742  1.00 38.11 ? 115 HOH A O   1 
HETATM 1273 O  O   . HOH H 6 .   ? 4.233   -12.886 16.645  0.5  28.53 ? 116 HOH A O   1 
HETATM 1274 O  O   . HOH H 6 .   ? 8.727   -13.737 17.241  1.00 38.61 ? 117 HOH A O   1 
HETATM 1275 O  O   . HOH H 6 .   ? 6.149   15.901  18.896  1.00 35.38 ? 118 HOH A O   1 
HETATM 1276 O  O   . HOH H 6 .   ? 11.161  6.836   6.609   1.00 41.18 ? 119 HOH A O   1 
HETATM 1277 O  O   . HOH H 6 .   ? -0.612  -7.935  -15.482 1.00 43.84 ? 120 HOH A O   1 
HETATM 1278 O  O   . HOH H 6 .   ? -2.895  12.147  4.797   1.00 43.97 ? 121 HOH A O   1 
HETATM 1279 O  O   . HOH H 6 .   ? -6.891  5.475   13.655  1.00 49.25 ? 122 HOH A O   1 
HETATM 1280 O  O   . HOH H 6 .   ? 11.877  0.961   -5.761  1.00 35.87 ? 123 HOH A O   1 
HETATM 1281 O  O   . HOH H 6 .   ? 11.946  -5.162  -4.327  1.00 53.62 ? 124 HOH A O   1 
HETATM 1282 O  O   . HOH H 6 .   ? -5.336  -5.751  12.238  1.00 53.25 ? 125 HOH A O   1 
HETATM 1283 O  O   . HOH H 6 .   ? -2.876  -4.975  11.943  1.00 48.55 ? 126 HOH A O   1 
HETATM 1284 O  O   . HOH H 6 .   ? 3.180   -18.911 1.360   1.00 41.32 ? 127 HOH A O   1 
HETATM 1285 O  O   . HOH H 6 .   ? -15.180 -1.096  -15.610 1.00 56.52 ? 128 HOH A O   1 
HETATM 1286 O  O   . HOH H 6 .   ? -9.930  2.020   3.320   1.00 65.19 ? 129 HOH A O   1 
HETATM 1287 O  O   . HOH H 6 .   ? 11.733  -7.466  -2.433  1.00 45.76 ? 130 HOH A O   1 
HETATM 1288 O  O   . HOH H 6 .   ? 10.557  5.585   19.480  1.00 44.72 ? 131 HOH A O   1 
HETATM 1289 O  O   . HOH H 6 .   ? -17.691 1.598   -10.551 1.00 43.55 ? 132 HOH A O   1 
HETATM 1290 O  O   . HOH H 6 .   ? 11.559  0.629   -10.514 1.00 42.85 ? 133 HOH A O   1 
HETATM 1291 O  O   . HOH H 6 .   ? -14.667 3.010   2.185   1.00 49.73 ? 134 HOH A O   1 
HETATM 1292 O  O   . HOH H 6 .   ? 12.845  5.158   -7.142  1.00 56.59 ? 135 HOH A O   1 
HETATM 1293 O  O   . HOH H 6 .   ? 1.172   -14.089 7.508   1.00 49.73 ? 136 HOH A O   1 
HETATM 1294 O  O   . HOH H 6 .   ? 12.508  4.094   19.217  1.00 36.42 ? 137 HOH A O   1 
HETATM 1295 O  O   . HOH H 6 .   ? 17.028  -11.247 5.630   1.00 44.14 ? 138 HOH A O   1 
HETATM 1296 O  O   . HOH H 6 .   ? 7.653   12.647  2.605   1.00 50.18 ? 139 HOH A O   1 
HETATM 1297 O  O   . HOH H 6 .   ? -3.492  16.762  5.013   1.00 56.11 ? 140 HOH A O   1 
HETATM 1298 O  O   . HOH H 6 .   ? 3.533   13.150  10.002  1.00 41.08 ? 141 HOH A O   1 
HETATM 1299 O  O   . HOH H 6 .   ? -6.374  -10.294 -13.264 1.00 43.59 ? 142 HOH A O   1 
HETATM 1300 O  O   . HOH H 6 .   ? -4.661  7.755   -11.468 1.00 54.86 ? 143 HOH A O   1 
HETATM 1301 O  O   . HOH H 6 .   ? -10.415 -9.622  -11.601 1.00 59.90 ? 144 HOH A O   1 
HETATM 1302 O  O   . HOH H 6 .   ? -4.917  5.959   -9.582  1.00 50.70 ? 145 HOH A O   1 
HETATM 1303 O  O   . HOH H 6 .   ? 5.411   -0.978  -19.839 1.00 52.06 ? 146 HOH A O   1 
HETATM 1304 O  O   . HOH H 6 .   ? 6.248   8.134   -19.747 1.00 48.67 ? 147 HOH A O   1 
HETATM 1305 O  O   . HOH H 6 .   ? 0.215   -12.265 12.014  1.00 41.14 ? 148 HOH A O   1 
HETATM 1306 O  O   . HOH H 6 .   ? -1.633  -2.728  -15.238 1.00 54.56 ? 149 HOH A O   1 
HETATM 1307 O  O   . HOH H 6 .   ? -16.472 -5.740  -6.103  1.00 46.45 ? 150 HOH A O   1 
HETATM 1308 O  O   . HOH H 6 .   ? -14.576 6.731   2.458   1.00 55.87 ? 151 HOH A O   1 
HETATM 1309 O  O   . HOH H 6 .   ? -6.595  -8.349  6.516   1.00 32.27 ? 152 HOH A O   1 
HETATM 1310 O  O   . HOH H 6 .   ? -9.897  9.882   9.104   1.00 50.85 ? 153 HOH A O   1 
HETATM 1311 O  O   . HOH H 6 .   ? 13.133  2.693   -4.296  1.00 52.11 ? 154 HOH A O   1 
HETATM 1312 O  O   . HOH H 6 .   ? -0.075  -8.469  11.214  1.00 41.13 ? 155 HOH A O   1 
HETATM 1313 O  O   . HOH H 6 .   ? -10.335 -2.928  -16.155 1.00 51.49 ? 156 HOH A O   1 
HETATM 1314 O  O   . HOH H 6 .   ? -5.149  -1.257  -18.677 1.00 56.74 ? 157 HOH A O   1 
HETATM 1315 O  O   . HOH H 6 .   ? -0.550  -12.823 -14.347 1.00 49.57 ? 158 HOH A O   1 
HETATM 1316 O  O   . HOH H 6 .   ? -4.268  -13.600 5.350   1.00 46.70 ? 159 HOH A O   1 
HETATM 1317 O  O   . HOH H 6 .   ? -14.954 -7.456  -11.491 1.00 54.96 ? 160 HOH A O   1 
HETATM 1318 O  O   . HOH H 6 .   ? 17.245  -6.924  6.476   1.00 38.82 ? 161 HOH A O   1 
HETATM 1319 O  O   . HOH H 6 .   ? -18.147 2.102   3.485   1.00 63.55 ? 162 HOH A O   1 
HETATM 1320 O  O   . HOH H 6 .   ? 1.272   -17.109 4.459   1.00 48.39 ? 163 HOH A O   1 
HETATM 1321 O  O   . HOH H 6 .   ? 10.280  4.504   2.013   1.00 41.54 ? 164 HOH A O   1 
HETATM 1322 O  O   . HOH H 6 .   ? 13.861  -12.244 -1.211  1.00 64.24 ? 165 HOH A O   1 
HETATM 1323 O  O   . HOH H 6 .   ? 7.488   -10.527 -12.168 1.00 67.98 ? 166 HOH A O   1 
HETATM 1324 O  O   . HOH H 6 .   ? 8.185   -15.695 18.907  1.00 58.47 ? 167 HOH A O   1 
HETATM 1325 O  O   . HOH H 6 .   ? -8.838  -3.297  11.163  1.00 57.03 ? 168 HOH A O   1 
HETATM 1326 O  O   . HOH H 6 .   ? 10.011  13.927  5.406   1.00 57.20 ? 169 HOH A O   1 
HETATM 1327 O  O   . HOH H 6 .   ? 11.866  3.488   -0.134  1.00 52.99 ? 170 HOH A O   1 
HETATM 1328 O  O   . HOH H 6 .   ? -8.572  -8.850  -13.295 1.00 45.55 ? 171 HOH A O   1 
HETATM 1329 O  O   . HOH H 6 .   ? 19.863  -7.771  11.380  1.00 58.32 ? 172 HOH A O   1 
HETATM 1330 O  O   . HOH H 6 .   ? 14.605  1.596   -2.195  1.00 51.84 ? 173 HOH A O   1 
HETATM 1331 O  O   . HOH H 6 .   ? -3.712  -5.316  15.656  1.00 55.58 ? 174 HOH A O   1 
HETATM 1332 O  O   . HOH H 6 .   ? -14.763 -2.568  2.862   1.00 57.00 ? 175 HOH A O   1 
HETATM 1333 O  O   . HOH H 6 .   ? -7.228  -12.138 7.169   1.00 53.56 ? 176 HOH A O   1 
HETATM 1334 O  O   . HOH H 6 .   ? 13.383  3.498   2.325   1.00 59.19 ? 177 HOH A O   1 
HETATM 1335 O  O   . HOH H 6 .   ? 14.800  2.933   0.195   1.00 47.91 ? 178 HOH A O   1 
HETATM 1336 O  O   . HOH H 6 .   ? -6.951  -2.686  -16.461 1.00 52.61 ? 179 HOH A O   1 
HETATM 1337 O  O   . HOH H 6 .   ? 4.447   -15.620 9.778   1.00 57.34 ? 180 HOH A O   1 
HETATM 1338 O  O   . HOH H 6 .   ? 16.064  8.310   6.896   1.00 61.16 ? 181 HOH A O   1 
HETATM 1339 O  O   . HOH H 6 .   ? -11.111 8.100   -9.917  1.00 48.74 ? 182 HOH A O   1 
HETATM 1340 O  O   . HOH H 6 .   ? -3.448  -21.153 2.204   1.00 51.41 ? 183 HOH A O   1 
HETATM 1341 O  O   . HOH H 6 .   ? 10.530  -13.344 6.794   1.00 40.71 ? 184 HOH A O   1 
HETATM 1342 O  O   . HOH H 6 .   ? -13.379 -9.100  -12.783 1.00 55.12 ? 185 HOH A O   1 
HETATM 1343 O  O   . HOH H 6 .   ? -8.654  6.963   -14.931 1.00 62.30 ? 186 HOH A O   1 
HETATM 1344 O  O   . HOH H 6 .   ? -7.174  8.136   -11.995 1.00 60.89 ? 187 HOH A O   1 
HETATM 1345 O  O   . HOH H 6 .   ? -4.974  1.675   -10.032 1.00 15.02 ? 603 HOH A O   1 
HETATM 1346 O  O   . HOH H 6 .   ? -0.847  1.053   -11.181 1.00 16.42 ? 604 HOH A O   1 
HETATM 1347 O  O   . HOH H 6 .   ? -4.856  -11.646 8.220   1.00 38.31 ? 605 HOH A O   1 
HETATM 1348 O  O   . HOH H 6 .   ? 5.169   -7.633  17.062  0.5  17.88 ? 606 HOH A O   1 
HETATM 1349 O  O   . HOH H 6 .   ? -8.611  11.060  0.021   1.00 29.20 ? 607 HOH A O   1 
HETATM 1350 O  O   . HOH H 6 .   ? 12.704  -16.409 5.120   0.5  29.49 ? 608 HOH A O   1 
HETATM 1351 O  O   . HOH H 6 .   ? -1.331  10.225  -9.318  0.5  40.58 ? 609 HOH A O   1 
HETATM 1352 O  O   . HOH H 6 .   ? 5.368   15.403  10.550  1.00 35.68 ? 610 HOH A O   1 
HETATM 1353 O  O   . HOH H 6 .   ? 16.921  -1.023  10.483  1.00 41.83 ? 611 HOH A O   1 
HETATM 1354 O  O   . HOH H 6 .   ? 7.125   -9.350  17.683  1.00 20.39 ? 612 HOH A O   1 
HETATM 1355 O  O   . HOH H 6 .   ? 3.172   -7.261  13.717  1.00 28.12 ? 613 HOH A O   1 
HETATM 1356 O  O   . HOH H 6 .   ? -10.586 12.791  4.908   1.00 41.56 ? 614 HOH A O   1 
HETATM 1357 O  O   . HOH H 6 .   ? -4.649  9.775   -6.898  1.00 38.75 ? 615 HOH A O   1 
HETATM 1358 O  O   . HOH H 6 .   ? -4.232  7.459   -5.753  1.00 29.77 ? 616 HOH A O   1 
HETATM 1359 O  O   . HOH H 6 .   ? 13.890  -2.209  16.213  1.00 33.44 ? 617 HOH A O   1 
HETATM 1360 O  O   . HOH H 6 .   ? 13.573  6.955   10.166  1.00 36.32 ? 618 HOH A O   1 
HETATM 1361 O  O   . HOH H 6 .   ? 18.317  -0.596  6.529   1.00 41.35 ? 619 HOH A O   1 
HETATM 1362 O  O   . HOH H 6 .   ? 17.236  1.295   8.484   1.00 47.84 ? 620 HOH A O   1 
HETATM 1363 O  O   . HOH H 6 .   ? 13.713  -9.285  -1.235  1.00 37.53 ? 621 HOH A O   1 
HETATM 1364 O  O   . HOH H 6 .   ? 10.252  -13.319 10.849  1.00 54.05 ? 622 HOH A O   1 
HETATM 1365 O  O   . HOH H 6 .   ? 4.094   -13.670 12.158  1.00 40.48 ? 623 HOH A O   1 
HETATM 1366 O  O   . HOH H 6 .   ? -1.906  -15.824 -7.021  1.00 41.97 ? 624 HOH A O   1 
HETATM 1367 O  O   . HOH H 6 .   ? 1.262   -13.548 -7.262  1.00 52.89 ? 625 HOH A O   1 
HETATM 1368 O  O   . HOH H 6 .   ? 7.725   8.482   -4.442  1.00 37.78 ? 626 HOH A O   1 
HETATM 1369 O  O   . HOH H 6 .   ? 10.657  9.565   -6.838  1.00 41.11 ? 627 HOH A O   1 
HETATM 1370 O  O   . HOH H 6 .   ? -9.535  7.549   7.502   1.00 41.78 ? 628 HOH A O   1 
# 
